data_2K2W
#
_entry.id   2K2W
#
_cell.length_a   1.000
_cell.length_b   1.000
_cell.length_c   1.000
_cell.angle_alpha   90.00
_cell.angle_beta   90.00
_cell.angle_gamma   90.00
#
_symmetry.space_group_name_H-M   'P 1'
#
_entity_poly.entity_id   1
_entity_poly.type   'polypeptide(L)'
_entity_poly.pdbx_seq_one_letter_code
;MHHHHHHMKRKSIFKDKVFLFLNAKQYKKLSPAVLFGGGKTDLLMGELKDASVLDNPATCVIDVAMTESQLSESQSTQPW
ITSTLDLLQSKGLRTIPEAEIGLAVINVSTEIYCNPRR
;
_entity_poly.pdbx_strand_id   A
#
# COMPACT_ATOMS: atom_id res chain seq x y z
N MET A 8 23.16 -3.82 10.87
CA MET A 8 22.30 -4.34 9.76
C MET A 8 20.91 -3.69 9.83
N LYS A 9 20.18 -3.69 8.71
CA LYS A 9 18.87 -3.04 8.61
C LYS A 9 17.83 -3.72 9.51
N ARG A 10 16.77 -2.97 9.85
CA ARG A 10 15.62 -3.47 10.59
C ARG A 10 14.99 -4.64 9.83
N LYS A 11 14.45 -5.63 10.55
CA LYS A 11 13.70 -6.77 9.99
C LYS A 11 12.31 -6.83 10.63
N SER A 12 11.76 -5.65 10.91
CA SER A 12 10.46 -5.45 11.53
C SER A 12 9.79 -4.24 10.87
N ILE A 13 9.81 -4.22 9.53
CA ILE A 13 9.21 -3.21 8.68
C ILE A 13 7.69 -3.26 8.87
N PHE A 14 7.06 -4.44 8.71
CA PHE A 14 5.61 -4.64 8.86
C PHE A 14 5.36 -5.93 9.67
N LYS A 15 6.20 -6.18 10.68
CA LYS A 15 6.31 -7.41 11.45
C LYS A 15 5.00 -8.04 11.90
N ASP A 16 4.03 -7.20 12.25
CA ASP A 16 2.72 -7.58 12.76
C ASP A 16 1.63 -6.85 11.97
N LYS A 17 1.72 -6.91 10.64
CA LYS A 17 0.79 -6.29 9.70
C LYS A 17 0.66 -7.20 8.48
N VAL A 18 -0.48 -7.09 7.82
CA VAL A 18 -0.75 -7.75 6.55
C VAL A 18 -1.26 -6.69 5.58
N PHE A 19 -1.10 -6.88 4.27
CA PHE A 19 -1.77 -6.01 3.31
C PHE A 19 -2.24 -6.74 2.05
N LEU A 20 -3.14 -6.08 1.31
CA LEU A 20 -3.59 -6.47 -0.01
C LEU A 20 -3.00 -5.45 -0.99
N PHE A 21 -2.33 -5.88 -2.06
CA PHE A 21 -1.78 -4.93 -3.04
C PHE A 21 -2.72 -4.85 -4.25
N LEU A 22 -3.07 -3.62 -4.65
CA LEU A 22 -3.90 -3.35 -5.82
C LEU A 22 -3.07 -3.38 -7.13
N ASN A 23 -2.03 -4.21 -7.21
CA ASN A 23 -1.12 -4.29 -8.35
C ASN A 23 -0.62 -5.74 -8.51
N ALA A 24 -0.49 -6.23 -9.74
CA ALA A 24 -0.22 -7.65 -10.01
C ALA A 24 1.22 -7.94 -10.43
N LYS A 25 2.12 -6.94 -10.48
CA LYS A 25 3.45 -7.09 -11.08
C LYS A 25 4.52 -6.70 -10.08
N GLN A 26 4.52 -5.47 -9.57
CA GLN A 26 5.42 -5.04 -8.51
C GLN A 26 5.26 -5.92 -7.26
N TYR A 27 4.06 -6.50 -7.08
CA TYR A 27 3.78 -7.47 -6.02
C TYR A 27 4.84 -8.56 -5.94
N LYS A 28 5.34 -9.06 -7.08
CA LYS A 28 6.26 -10.20 -7.10
C LYS A 28 7.63 -9.87 -6.46
N LYS A 29 7.95 -8.60 -6.22
CA LYS A 29 9.15 -8.19 -5.50
C LYS A 29 8.78 -7.56 -4.16
N LEU A 30 7.63 -6.87 -4.08
CA LEU A 30 7.18 -6.30 -2.82
C LEU A 30 6.90 -7.41 -1.80
N SER A 31 6.35 -8.55 -2.23
CA SER A 31 6.09 -9.69 -1.35
C SER A 31 7.37 -10.19 -0.64
N PRO A 32 8.47 -10.58 -1.34
CA PRO A 32 9.67 -11.03 -0.66
C PRO A 32 10.37 -9.89 0.08
N ALA A 33 10.32 -8.64 -0.41
CA ALA A 33 10.88 -7.50 0.32
C ALA A 33 10.21 -7.36 1.70
N VAL A 34 8.88 -7.37 1.74
CA VAL A 34 8.12 -7.23 2.98
C VAL A 34 8.25 -8.49 3.84
N LEU A 35 8.41 -9.68 3.25
CA LEU A 35 8.63 -10.90 4.01
C LEU A 35 9.99 -10.86 4.74
N PHE A 36 11.05 -10.38 4.08
CA PHE A 36 12.33 -10.08 4.73
C PHE A 36 12.13 -8.99 5.79
N GLY A 37 11.22 -8.06 5.53
CA GLY A 37 10.77 -7.04 6.47
C GLY A 37 9.92 -7.58 7.63
N GLY A 38 9.52 -8.85 7.61
CA GLY A 38 8.82 -9.54 8.68
C GLY A 38 7.29 -9.57 8.52
N GLY A 39 6.73 -8.90 7.51
CA GLY A 39 5.29 -8.69 7.37
C GLY A 39 4.63 -9.60 6.33
N LYS A 40 3.31 -9.44 6.16
CA LYS A 40 2.52 -10.35 5.32
C LYS A 40 1.85 -9.60 4.16
N THR A 41 1.71 -10.29 3.05
CA THR A 41 1.29 -9.72 1.78
C THR A 41 0.30 -10.65 1.08
N ASP A 42 -0.68 -10.09 0.38
CA ASP A 42 -1.62 -10.80 -0.46
C ASP A 42 -1.95 -9.94 -1.69
N LEU A 43 -2.50 -10.55 -2.73
CA LEU A 43 -2.78 -9.93 -4.01
C LEU A 43 -4.21 -10.31 -4.39
N LEU A 44 -5.13 -9.37 -4.15
CA LEU A 44 -6.55 -9.49 -4.44
C LEU A 44 -7.09 -8.06 -4.43
N MET A 45 -8.11 -7.79 -5.25
CA MET A 45 -8.63 -6.44 -5.48
C MET A 45 -10.15 -6.36 -5.22
N GLY A 46 -10.77 -7.51 -4.93
CA GLY A 46 -12.19 -7.64 -4.65
C GLY A 46 -12.47 -8.21 -3.25
N GLU A 47 -11.45 -8.48 -2.43
CA GLU A 47 -11.62 -8.98 -1.06
C GLU A 47 -12.33 -7.93 -0.18
N LEU A 48 -12.31 -6.65 -0.60
CA LEU A 48 -13.10 -5.57 -0.02
C LEU A 48 -14.63 -5.77 -0.14
N LYS A 49 -15.09 -6.88 -0.75
CA LYS A 49 -16.50 -7.30 -0.80
C LYS A 49 -17.16 -7.25 0.58
N ASP A 50 -16.38 -7.41 1.64
CA ASP A 50 -16.77 -7.18 3.01
C ASP A 50 -15.66 -6.37 3.67
N ALA A 51 -16.06 -5.36 4.44
CA ALA A 51 -15.18 -4.33 5.00
C ALA A 51 -14.33 -4.81 6.20
N SER A 52 -14.35 -6.09 6.59
CA SER A 52 -13.57 -6.56 7.73
C SER A 52 -12.07 -6.40 7.49
N VAL A 53 -11.64 -6.45 6.22
CA VAL A 53 -10.26 -6.17 5.82
C VAL A 53 -9.84 -4.71 6.06
N LEU A 54 -10.79 -3.79 6.34
CA LEU A 54 -10.50 -2.39 6.67
C LEU A 54 -10.74 -2.15 8.17
N ASP A 55 -11.76 -2.79 8.74
CA ASP A 55 -12.17 -2.56 10.13
C ASP A 55 -11.11 -3.09 11.10
N ASN A 56 -10.48 -4.21 10.76
CA ASN A 56 -9.48 -4.83 11.63
C ASN A 56 -8.25 -3.92 11.76
N PRO A 57 -7.55 -3.95 12.91
CA PRO A 57 -6.52 -2.98 13.24
C PRO A 57 -5.17 -3.10 12.50
N ALA A 58 -4.94 -4.12 11.65
CA ALA A 58 -3.60 -4.38 11.13
C ALA A 58 -3.54 -4.85 9.66
N THR A 59 -4.65 -4.74 8.94
CA THR A 59 -4.66 -4.95 7.49
C THR A 59 -4.60 -3.58 6.82
N CYS A 60 -4.02 -3.54 5.62
CA CYS A 60 -3.86 -2.35 4.80
C CYS A 60 -4.21 -2.69 3.35
N VAL A 61 -4.36 -1.68 2.51
CA VAL A 61 -4.48 -1.84 1.06
C VAL A 61 -3.44 -0.90 0.45
N ILE A 62 -2.69 -1.40 -0.54
CA ILE A 62 -1.55 -0.71 -1.11
C ILE A 62 -1.97 -0.21 -2.50
N ASP A 63 -1.80 1.08 -2.72
CA ASP A 63 -1.95 1.73 -4.02
C ASP A 63 -0.62 1.68 -4.77
N VAL A 64 -0.66 1.83 -6.09
CA VAL A 64 0.51 2.04 -6.93
C VAL A 64 1.12 3.40 -6.56
N ALA A 65 2.31 3.71 -7.07
CA ALA A 65 3.00 4.99 -6.94
C ALA A 65 2.30 6.11 -7.75
N MET A 66 0.97 6.22 -7.67
CA MET A 66 0.18 7.23 -8.37
C MET A 66 0.61 8.66 -7.98
N THR A 67 1.21 8.83 -6.80
CA THR A 67 1.79 10.08 -6.33
C THR A 67 2.90 10.62 -7.24
N GLU A 68 3.47 9.79 -8.12
CA GLU A 68 4.51 10.20 -9.08
C GLU A 68 3.93 11.07 -10.21
N SER A 69 2.61 11.13 -10.39
CA SER A 69 1.95 11.88 -11.45
C SER A 69 2.41 13.35 -11.46
N GLN A 70 2.96 13.80 -12.60
CA GLN A 70 3.47 15.15 -12.76
C GLN A 70 2.33 16.07 -13.21
N LEU A 71 2.19 17.23 -12.55
CA LEU A 71 1.21 18.25 -12.93
C LEU A 71 1.47 18.82 -14.32
N SER A 72 2.70 18.69 -14.82
CA SER A 72 3.14 19.22 -16.11
C SER A 72 2.40 18.57 -17.30
N GLU A 73 1.85 17.37 -17.13
CA GLU A 73 1.21 16.60 -18.19
C GLU A 73 0.08 15.73 -17.62
N SER A 74 -0.52 16.13 -16.50
CA SER A 74 -1.50 15.32 -15.76
C SER A 74 -2.69 14.88 -16.62
N GLN A 75 -3.04 15.65 -17.65
CA GLN A 75 -4.10 15.33 -18.60
C GLN A 75 -3.85 14.02 -19.36
N SER A 76 -2.58 13.62 -19.54
CA SER A 76 -2.19 12.48 -20.38
C SER A 76 -1.25 11.51 -19.65
N THR A 77 -0.86 11.82 -18.41
CA THR A 77 -0.11 10.93 -17.52
C THR A 77 -0.94 9.65 -17.29
N GLN A 78 -0.28 8.48 -17.36
CA GLN A 78 -0.94 7.18 -17.22
C GLN A 78 -1.44 6.93 -15.78
N PRO A 79 -0.65 7.10 -14.69
CA PRO A 79 -1.17 6.97 -13.34
C PRO A 79 -2.23 8.04 -13.05
N TRP A 80 -3.19 7.74 -12.17
CA TRP A 80 -4.33 8.59 -11.86
C TRP A 80 -4.88 8.23 -10.47
N ILE A 81 -5.67 9.14 -9.89
CA ILE A 81 -6.35 8.98 -8.61
C ILE A 81 -7.69 8.26 -8.83
N THR A 82 -7.62 7.01 -9.27
CA THR A 82 -8.76 6.16 -9.60
C THR A 82 -9.78 6.10 -8.44
N SER A 83 -11.06 5.93 -8.78
CA SER A 83 -12.17 5.93 -7.83
C SER A 83 -12.02 4.89 -6.71
N THR A 84 -11.27 3.81 -6.93
CA THR A 84 -11.04 2.75 -5.96
C THR A 84 -10.41 3.31 -4.66
N LEU A 85 -9.55 4.32 -4.77
CA LEU A 85 -8.88 4.93 -3.61
C LEU A 85 -9.93 5.59 -2.71
N ASP A 86 -10.86 6.33 -3.32
CA ASP A 86 -11.94 7.04 -2.62
C ASP A 86 -13.00 6.08 -2.09
N LEU A 87 -13.24 4.97 -2.80
CA LEU A 87 -14.13 3.90 -2.34
C LEU A 87 -13.56 3.24 -1.09
N LEU A 88 -12.25 3.01 -1.05
CA LEU A 88 -11.59 2.41 0.11
C LEU A 88 -11.60 3.37 1.30
N GLN A 89 -11.41 4.67 1.03
CA GLN A 89 -11.60 5.72 2.03
C GLN A 89 -13.03 5.71 2.59
N SER A 90 -14.03 5.51 1.73
CA SER A 90 -15.42 5.44 2.16
C SER A 90 -15.69 4.19 3.00
N LYS A 91 -15.04 3.06 2.69
CA LYS A 91 -15.14 1.85 3.51
C LYS A 91 -14.52 2.09 4.88
N GLY A 92 -13.25 2.53 4.95
CA GLY A 92 -12.71 3.00 6.23
C GLY A 92 -11.20 3.26 6.28
N LEU A 93 -10.44 3.07 5.20
CA LEU A 93 -8.97 3.09 5.26
C LEU A 93 -8.39 3.85 4.07
N ARG A 94 -7.12 4.21 4.15
CA ARG A 94 -6.37 4.80 3.03
C ARG A 94 -5.75 3.68 2.22
N THR A 95 -5.53 3.93 0.94
CA THR A 95 -4.78 3.08 0.04
C THR A 95 -3.38 3.68 -0.03
N ILE A 96 -2.42 3.09 0.67
CA ILE A 96 -1.10 3.71 0.85
C ILE A 96 -0.22 3.46 -0.39
N PRO A 97 0.39 4.48 -1.03
CA PRO A 97 1.29 4.29 -2.16
C PRO A 97 2.47 3.36 -1.86
N GLU A 98 2.78 2.45 -2.79
CA GLU A 98 3.98 1.61 -2.73
C GLU A 98 5.27 2.44 -2.64
N ALA A 99 5.27 3.67 -3.17
CA ALA A 99 6.43 4.54 -3.17
C ALA A 99 6.86 4.89 -1.74
N GLU A 100 5.88 5.14 -0.86
CA GLU A 100 6.17 5.45 0.53
C GLU A 100 6.67 4.19 1.26
N ILE A 101 6.24 2.99 0.85
CA ILE A 101 6.83 1.75 1.35
C ILE A 101 8.30 1.71 0.97
N GLY A 102 8.65 2.00 -0.28
CA GLY A 102 10.05 2.01 -0.68
C GLY A 102 10.86 3.00 0.16
N LEU A 103 10.35 4.23 0.36
CA LEU A 103 11.03 5.22 1.20
C LEU A 103 11.22 4.69 2.62
N ALA A 104 10.16 4.13 3.21
CA ALA A 104 10.21 3.61 4.57
C ALA A 104 11.13 2.38 4.70
N VAL A 105 11.25 1.56 3.65
CA VAL A 105 12.18 0.42 3.59
C VAL A 105 13.62 0.95 3.50
N ILE A 106 13.85 2.01 2.72
CA ILE A 106 15.16 2.63 2.56
C ILE A 106 15.60 3.23 3.91
N ASN A 107 14.70 3.86 4.64
CA ASN A 107 15.05 4.65 5.84
C ASN A 107 14.80 3.89 7.14
N VAL A 108 14.18 2.71 7.03
CA VAL A 108 13.66 1.90 8.11
C VAL A 108 12.75 2.71 9.06
N SER A 109 11.66 3.26 8.50
CA SER A 109 10.78 4.24 9.14
C SER A 109 9.30 4.02 8.78
N THR A 110 8.80 2.79 8.90
CA THR A 110 7.41 2.43 8.68
C THR A 110 6.50 2.92 9.82
N GLU A 111 6.44 4.24 10.04
CA GLU A 111 5.79 4.81 11.23
C GLU A 111 4.42 5.34 10.84
N ILE A 112 4.40 6.25 9.86
CA ILE A 112 3.20 6.90 9.31
C ILE A 112 3.24 6.96 7.79
N TYR A 113 4.41 6.72 7.18
CA TYR A 113 4.60 6.66 5.74
C TYR A 113 3.66 5.62 5.10
N CYS A 114 3.47 4.49 5.79
CA CYS A 114 2.81 3.31 5.26
C CYS A 114 1.71 2.85 6.20
N ASN A 115 1.05 3.81 6.85
CA ASN A 115 0.00 3.56 7.80
C ASN A 115 -1.31 4.02 7.13
N PRO A 116 -2.28 3.12 6.92
CA PRO A 116 -3.51 3.44 6.20
C PRO A 116 -4.63 3.97 7.11
N ARG A 117 -4.44 3.95 8.44
CA ARG A 117 -5.51 4.21 9.41
C ARG A 117 -5.23 5.43 10.27
N ARG A 118 -3.95 5.67 10.59
CA ARG A 118 -3.40 6.80 11.33
C ARG A 118 -4.37 7.29 12.41
N MET A 8 13.88 -14.61 6.00
CA MET A 8 14.49 -13.66 6.97
C MET A 8 13.52 -12.51 7.24
N LYS A 9 13.43 -12.08 8.50
CA LYS A 9 12.55 -11.00 8.98
C LYS A 9 13.32 -10.09 9.96
N ARG A 10 14.63 -9.95 9.76
CA ARG A 10 15.51 -9.32 10.74
C ARG A 10 15.20 -7.85 11.04
N LYS A 11 14.84 -7.04 10.03
CA LYS A 11 14.76 -5.59 10.26
C LYS A 11 13.54 -5.18 11.09
N SER A 12 12.50 -6.01 11.14
CA SER A 12 11.30 -5.78 11.96
C SER A 12 10.68 -4.39 11.78
N ILE A 13 10.72 -3.87 10.56
CA ILE A 13 10.09 -2.61 10.15
C ILE A 13 8.58 -2.65 10.43
N PHE A 14 7.93 -3.77 10.14
CA PHE A 14 6.49 -3.97 10.30
C PHE A 14 6.19 -5.25 11.07
N LYS A 15 7.04 -6.27 10.95
CA LYS A 15 6.90 -7.58 11.58
C LYS A 15 5.44 -8.09 11.55
N ASP A 16 4.71 -8.04 12.67
CA ASP A 16 3.30 -8.42 12.75
C ASP A 16 2.39 -7.39 12.07
N LYS A 17 2.42 -7.31 10.74
CA LYS A 17 1.49 -6.52 9.92
C LYS A 17 1.27 -7.24 8.60
N VAL A 18 0.21 -6.90 7.88
CA VAL A 18 -0.06 -7.37 6.53
C VAL A 18 -0.55 -6.20 5.69
N PHE A 19 -0.38 -6.25 4.37
CA PHE A 19 -1.03 -5.29 3.48
C PHE A 19 -1.43 -5.90 2.14
N LEU A 20 -2.37 -5.22 1.48
CA LEU A 20 -2.76 -5.47 0.10
C LEU A 20 -2.03 -4.40 -0.73
N PHE A 21 -1.59 -4.68 -1.94
CA PHE A 21 -0.88 -3.71 -2.77
C PHE A 21 -1.66 -3.50 -4.06
N LEU A 22 -1.89 -2.23 -4.43
CA LEU A 22 -2.65 -1.85 -5.62
C LEU A 22 -1.81 -1.91 -6.91
N ASN A 23 -0.72 -2.69 -6.95
CA ASN A 23 0.19 -2.77 -8.09
C ASN A 23 0.82 -4.16 -8.11
N ALA A 24 1.01 -4.73 -9.30
CA ALA A 24 1.47 -6.12 -9.49
C ALA A 24 2.93 -6.25 -9.93
N LYS A 25 3.63 -5.15 -10.20
CA LYS A 25 4.98 -5.16 -10.80
C LYS A 25 6.00 -4.74 -9.76
N GLN A 26 5.83 -3.56 -9.16
CA GLN A 26 6.63 -3.15 -7.99
C GLN A 26 6.45 -4.14 -6.85
N TYR A 27 5.33 -4.88 -6.81
CA TYR A 27 5.09 -6.01 -5.92
C TYR A 27 6.32 -6.91 -5.83
N LYS A 28 6.94 -7.22 -6.96
CA LYS A 28 8.03 -8.20 -7.03
C LYS A 28 9.30 -7.74 -6.29
N LYS A 29 9.42 -6.46 -5.90
CA LYS A 29 10.51 -5.95 -5.08
C LYS A 29 10.01 -5.47 -3.71
N LEU A 30 8.82 -4.86 -3.66
CA LEU A 30 8.26 -4.38 -2.40
C LEU A 30 7.99 -5.56 -1.47
N SER A 31 7.47 -6.68 -1.98
CA SER A 31 7.22 -7.88 -1.21
C SER A 31 8.48 -8.42 -0.52
N PRO A 32 9.61 -8.72 -1.20
CA PRO A 32 10.81 -9.19 -0.53
C PRO A 32 11.41 -8.12 0.39
N ALA A 33 11.36 -6.83 0.02
CA ALA A 33 11.83 -5.77 0.90
C ALA A 33 11.05 -5.74 2.23
N VAL A 34 9.72 -5.72 2.14
CA VAL A 34 8.83 -5.72 3.30
C VAL A 34 8.94 -7.05 4.06
N LEU A 35 9.24 -8.16 3.39
CA LEU A 35 9.45 -9.45 4.04
C LEU A 35 10.70 -9.42 4.91
N PHE A 36 11.81 -8.82 4.44
CA PHE A 36 12.97 -8.58 5.29
C PHE A 36 12.60 -7.61 6.43
N GLY A 37 11.70 -6.67 6.14
CA GLY A 37 11.05 -5.78 7.12
C GLY A 37 10.08 -6.52 8.05
N GLY A 38 9.80 -7.80 7.81
CA GLY A 38 9.02 -8.67 8.66
C GLY A 38 7.56 -8.80 8.24
N GLY A 39 7.02 -7.81 7.51
CA GLY A 39 5.60 -7.73 7.19
C GLY A 39 5.18 -8.76 6.14
N LYS A 40 3.85 -8.92 5.99
CA LYS A 40 3.24 -9.79 4.99
C LYS A 40 2.59 -8.93 3.91
N THR A 41 2.51 -9.48 2.69
CA THR A 41 2.03 -8.76 1.52
C THR A 41 1.05 -9.64 0.75
N ASP A 42 0.08 -9.01 0.08
CA ASP A 42 -0.90 -9.66 -0.79
C ASP A 42 -1.26 -8.70 -1.93
N LEU A 43 -1.84 -9.21 -3.02
CA LEU A 43 -2.04 -8.47 -4.26
C LEU A 43 -3.51 -8.47 -4.61
N LEU A 44 -4.13 -7.29 -4.62
CA LEU A 44 -5.52 -7.08 -5.03
C LEU A 44 -5.62 -5.65 -5.56
N MET A 45 -6.15 -5.48 -6.77
CA MET A 45 -6.21 -4.19 -7.45
C MET A 45 -7.44 -4.07 -8.36
N GLY A 46 -8.55 -4.69 -7.96
CA GLY A 46 -9.83 -4.56 -8.63
C GLY A 46 -10.97 -5.09 -7.76
N GLU A 47 -12.20 -4.66 -8.07
CA GLU A 47 -13.50 -5.00 -7.47
C GLU A 47 -13.66 -4.76 -5.96
N LEU A 48 -12.58 -4.55 -5.19
CA LEU A 48 -12.54 -4.49 -3.73
C LEU A 48 -13.40 -5.59 -3.10
N LYS A 49 -12.95 -6.84 -3.33
CA LYS A 49 -13.65 -8.09 -3.04
C LYS A 49 -14.27 -8.15 -1.64
N ASP A 50 -13.59 -7.59 -0.65
CA ASP A 50 -13.96 -7.69 0.76
C ASP A 50 -13.78 -6.34 1.46
N ALA A 51 -14.51 -6.12 2.56
CA ALA A 51 -14.49 -4.89 3.35
C ALA A 51 -14.09 -5.13 4.81
N SER A 52 -14.10 -6.38 5.30
CA SER A 52 -13.65 -6.69 6.64
C SER A 52 -12.16 -6.40 6.79
N VAL A 53 -11.36 -6.62 5.74
CA VAL A 53 -9.94 -6.26 5.72
C VAL A 53 -9.70 -4.77 6.01
N LEU A 54 -10.67 -3.88 5.76
CA LEU A 54 -10.52 -2.44 5.97
C LEU A 54 -11.04 -2.01 7.34
N ASP A 55 -11.71 -2.90 8.07
CA ASP A 55 -12.08 -2.67 9.47
C ASP A 55 -11.05 -3.29 10.41
N ASN A 56 -10.60 -4.52 10.10
CA ASN A 56 -9.78 -5.35 10.99
C ASN A 56 -8.41 -4.71 11.29
N PRO A 57 -7.72 -5.12 12.37
CA PRO A 57 -6.44 -4.53 12.77
C PRO A 57 -5.29 -4.94 11.84
N ALA A 58 -4.15 -4.27 12.02
CA ALA A 58 -2.85 -4.58 11.44
C ALA A 58 -2.85 -4.83 9.91
N THR A 59 -3.80 -4.24 9.19
CA THR A 59 -3.95 -4.40 7.75
C THR A 59 -3.95 -3.02 7.09
N CYS A 60 -3.49 -2.95 5.84
CA CYS A 60 -3.26 -1.73 5.08
C CYS A 60 -3.56 -2.00 3.60
N VAL A 61 -3.61 -0.93 2.81
CA VAL A 61 -3.64 -1.01 1.36
C VAL A 61 -2.60 0.00 0.87
N ILE A 62 -1.76 -0.43 -0.06
CA ILE A 62 -0.62 0.35 -0.52
C ILE A 62 -1.01 0.96 -1.85
N ASP A 63 -1.08 2.30 -1.87
CA ASP A 63 -1.34 3.10 -3.06
C ASP A 63 -0.08 3.19 -3.93
N VAL A 64 -0.25 3.57 -5.19
CA VAL A 64 0.82 3.73 -6.17
C VAL A 64 1.48 5.11 -5.98
N ALA A 65 2.77 5.22 -6.33
CA ALA A 65 3.57 6.45 -6.24
C ALA A 65 4.52 6.59 -7.43
N MET A 66 4.19 5.99 -8.58
CA MET A 66 4.97 6.07 -9.81
C MET A 66 4.06 6.52 -10.96
N THR A 67 4.65 7.16 -11.97
CA THR A 67 3.93 7.84 -13.04
C THR A 67 3.69 6.95 -14.27
N GLU A 68 4.21 5.71 -14.30
CA GLU A 68 3.97 4.78 -15.39
C GLU A 68 2.47 4.46 -15.43
N SER A 69 1.81 4.71 -16.56
CA SER A 69 0.39 4.51 -16.80
C SER A 69 0.15 4.44 -18.32
N GLN A 70 -1.04 3.99 -18.73
CA GLN A 70 -1.40 3.87 -20.14
C GLN A 70 -1.36 5.23 -20.82
N LEU A 71 -0.59 5.35 -21.90
CA LEU A 71 -0.55 6.54 -22.73
C LEU A 71 -1.91 6.73 -23.41
N SER A 72 -2.26 7.99 -23.67
CA SER A 72 -3.51 8.41 -24.29
C SER A 72 -4.78 7.91 -23.55
N GLU A 73 -4.66 7.55 -22.25
CA GLU A 73 -5.79 7.05 -21.47
C GLU A 73 -5.68 7.47 -19.99
N SER A 74 -4.50 7.33 -19.38
CA SER A 74 -4.30 7.50 -17.94
C SER A 74 -3.00 8.24 -17.60
N GLN A 75 -2.30 8.79 -18.60
CA GLN A 75 -0.97 9.39 -18.43
C GLN A 75 -0.94 10.62 -17.50
N SER A 76 -2.08 11.32 -17.34
CA SER A 76 -2.18 12.53 -16.54
C SER A 76 -3.54 12.59 -15.85
N THR A 77 -3.58 13.22 -14.67
CA THR A 77 -4.78 13.51 -13.88
C THR A 77 -4.54 14.86 -13.18
N GLN A 78 -5.61 15.65 -12.97
CA GLN A 78 -5.53 16.96 -12.32
C GLN A 78 -6.88 17.36 -11.69
N PRO A 79 -8.02 17.38 -12.41
CA PRO A 79 -9.30 17.81 -11.82
C PRO A 79 -9.89 16.78 -10.84
N TRP A 80 -9.41 15.54 -10.88
CA TRP A 80 -9.78 14.43 -10.00
C TRP A 80 -8.59 13.48 -9.89
N ILE A 81 -8.69 12.51 -8.99
CA ILE A 81 -7.67 11.48 -8.73
C ILE A 81 -8.36 10.12 -8.61
N THR A 82 -7.57 9.04 -8.58
CA THR A 82 -8.03 7.66 -8.59
C THR A 82 -9.06 7.42 -7.47
N SER A 83 -10.25 6.95 -7.84
CA SER A 83 -11.39 6.79 -6.95
C SER A 83 -11.13 5.81 -5.80
N THR A 84 -10.19 4.87 -5.96
CA THR A 84 -9.91 3.81 -4.99
C THR A 84 -9.50 4.38 -3.62
N LEU A 85 -8.84 5.55 -3.58
CA LEU A 85 -8.44 6.21 -2.34
C LEU A 85 -9.69 6.54 -1.52
N ASP A 86 -10.67 7.19 -2.17
CA ASP A 86 -11.93 7.59 -1.55
C ASP A 86 -12.82 6.38 -1.24
N LEU A 87 -12.79 5.35 -2.08
CA LEU A 87 -13.52 4.10 -1.87
C LEU A 87 -13.03 3.40 -0.59
N LEU A 88 -11.71 3.32 -0.41
CA LEU A 88 -11.10 2.72 0.77
C LEU A 88 -11.38 3.56 2.01
N GLN A 89 -11.33 4.89 1.90
CA GLN A 89 -11.73 5.78 2.98
C GLN A 89 -13.19 5.53 3.38
N SER A 90 -14.07 5.31 2.41
CA SER A 90 -15.48 5.05 2.68
C SER A 90 -15.68 3.66 3.33
N LYS A 91 -14.88 2.66 2.93
CA LYS A 91 -14.90 1.34 3.57
C LYS A 91 -14.43 1.46 5.02
N GLY A 92 -13.37 2.23 5.29
CA GLY A 92 -12.98 2.58 6.65
C GLY A 92 -11.47 2.76 6.87
N LEU A 93 -10.64 2.84 5.83
CA LEU A 93 -9.18 2.78 5.97
C LEU A 93 -8.51 3.80 5.06
N ARG A 94 -7.34 4.29 5.44
CA ARG A 94 -6.47 5.09 4.57
C ARG A 94 -5.70 4.12 3.68
N THR A 95 -5.19 4.61 2.56
CA THR A 95 -4.24 3.87 1.73
C THR A 95 -2.97 4.71 1.73
N ILE A 96 -1.83 4.04 1.79
CA ILE A 96 -0.54 4.64 2.04
C ILE A 96 0.39 4.39 0.83
N PRO A 97 0.94 5.44 0.17
CA PRO A 97 1.72 5.25 -1.06
C PRO A 97 2.98 4.41 -0.87
N GLU A 98 3.32 3.60 -1.88
CA GLU A 98 4.49 2.73 -1.91
C GLU A 98 5.81 3.47 -1.58
N ALA A 99 5.93 4.72 -2.02
CA ALA A 99 7.12 5.53 -1.78
C ALA A 99 7.29 5.86 -0.29
N GLU A 100 6.19 6.01 0.45
CA GLU A 100 6.25 6.29 1.88
C GLU A 100 6.74 5.02 2.59
N ILE A 101 6.31 3.83 2.14
CA ILE A 101 6.80 2.56 2.68
C ILE A 101 8.30 2.49 2.45
N GLY A 102 8.79 2.82 1.24
CA GLY A 102 10.23 2.82 0.99
C GLY A 102 10.97 3.77 1.93
N LEU A 103 10.48 5.01 2.12
CA LEU A 103 11.09 5.98 3.02
C LEU A 103 11.14 5.41 4.45
N ALA A 104 10.04 4.85 4.93
CA ALA A 104 9.96 4.32 6.29
C ALA A 104 10.81 3.06 6.47
N VAL A 105 10.97 2.24 5.44
CA VAL A 105 11.88 1.09 5.42
C VAL A 105 13.33 1.59 5.54
N ILE A 106 13.69 2.66 4.83
CA ILE A 106 15.04 3.23 4.85
C ILE A 106 15.31 3.84 6.23
N ASN A 107 14.42 4.69 6.72
CA ASN A 107 14.64 5.52 7.90
C ASN A 107 14.24 4.86 9.23
N VAL A 108 13.53 3.73 9.18
CA VAL A 108 12.91 3.05 10.31
C VAL A 108 11.89 4.00 10.98
N SER A 109 10.88 4.42 10.19
CA SER A 109 9.90 5.44 10.58
C SER A 109 8.46 5.00 10.28
N THR A 110 8.17 3.71 10.45
CA THR A 110 6.85 3.10 10.32
C THR A 110 5.94 3.51 11.49
N GLU A 111 5.53 4.79 11.50
CA GLU A 111 4.84 5.43 12.63
C GLU A 111 3.55 6.09 12.15
N ILE A 112 3.66 6.99 11.16
CA ILE A 112 2.53 7.68 10.53
C ILE A 112 2.70 7.72 9.01
N TYR A 113 3.92 7.63 8.49
CA TYR A 113 4.21 7.52 7.07
C TYR A 113 3.41 6.40 6.42
N CYS A 114 3.28 5.28 7.13
CA CYS A 114 2.74 4.04 6.62
C CYS A 114 1.67 3.49 7.56
N ASN A 115 0.89 4.39 8.15
CA ASN A 115 -0.12 4.05 9.13
C ASN A 115 -1.47 4.26 8.48
N PRO A 116 -2.18 3.19 8.09
CA PRO A 116 -3.40 3.29 7.31
C PRO A 116 -4.65 3.51 8.20
N ARG A 117 -4.48 3.70 9.51
CA ARG A 117 -5.59 3.66 10.47
C ARG A 117 -5.50 4.74 11.54
N ARG A 118 -4.30 5.01 12.03
CA ARG A 118 -3.97 6.08 12.98
C ARG A 118 -4.99 6.10 14.12
N MET A 8 21.72 -6.55 5.60
CA MET A 8 20.43 -6.14 6.23
C MET A 8 20.17 -6.99 7.47
N LYS A 9 20.62 -6.53 8.64
CA LYS A 9 20.46 -7.27 9.90
C LYS A 9 19.03 -7.17 10.42
N ARG A 10 18.43 -5.99 10.38
CA ARG A 10 17.04 -5.78 10.80
C ARG A 10 16.14 -6.41 9.73
N LYS A 11 15.17 -7.22 10.13
CA LYS A 11 14.21 -7.89 9.23
C LYS A 11 12.81 -7.78 9.82
N SER A 12 12.52 -6.64 10.46
CA SER A 12 11.30 -6.39 11.23
C SER A 12 10.67 -5.05 10.83
N ILE A 13 11.03 -4.52 9.65
CA ILE A 13 10.57 -3.27 9.08
C ILE A 13 9.04 -3.22 9.02
N PHE A 14 8.37 -4.35 8.73
CA PHE A 14 6.91 -4.46 8.70
C PHE A 14 6.44 -5.81 9.27
N LYS A 15 7.21 -6.43 10.17
CA LYS A 15 6.80 -7.68 10.81
C LYS A 15 5.48 -7.50 11.55
N ASP A 16 4.68 -8.57 11.59
CA ASP A 16 3.31 -8.61 12.12
C ASP A 16 2.44 -7.49 11.52
N LYS A 17 2.43 -7.40 10.18
CA LYS A 17 1.55 -6.53 9.41
C LYS A 17 1.26 -7.25 8.08
N VAL A 18 0.16 -6.88 7.43
CA VAL A 18 -0.21 -7.39 6.12
C VAL A 18 -0.71 -6.24 5.24
N PHE A 19 -0.67 -6.38 3.92
CA PHE A 19 -1.34 -5.42 3.04
C PHE A 19 -1.96 -6.06 1.81
N LEU A 20 -2.83 -5.30 1.15
CA LEU A 20 -3.51 -5.65 -0.10
C LEU A 20 -3.05 -4.64 -1.16
N PHE A 21 -2.34 -5.08 -2.19
CA PHE A 21 -1.83 -4.17 -3.21
C PHE A 21 -2.92 -3.90 -4.25
N LEU A 22 -3.03 -2.66 -4.74
CA LEU A 22 -3.88 -2.29 -5.88
C LEU A 22 -3.12 -2.38 -7.21
N ASN A 23 -2.03 -3.16 -7.29
CA ASN A 23 -1.21 -3.35 -8.50
C ASN A 23 -0.71 -4.78 -8.52
N ALA A 24 -0.65 -5.43 -9.70
CA ALA A 24 -0.30 -6.84 -9.85
C ALA A 24 1.07 -7.08 -10.52
N LYS A 25 1.78 -6.03 -10.94
CA LYS A 25 3.08 -6.14 -11.63
C LYS A 25 4.18 -5.74 -10.68
N GLN A 26 4.11 -4.52 -10.13
CA GLN A 26 5.03 -4.06 -9.08
C GLN A 26 4.94 -4.97 -7.86
N TYR A 27 3.81 -5.65 -7.67
CA TYR A 27 3.61 -6.72 -6.70
C TYR A 27 4.80 -7.66 -6.68
N LYS A 28 5.26 -8.10 -7.85
CA LYS A 28 6.25 -9.17 -7.95
C LYS A 28 7.63 -8.76 -7.41
N LYS A 29 7.85 -7.48 -7.07
CA LYS A 29 9.04 -7.00 -6.37
C LYS A 29 8.70 -6.45 -4.99
N LEU A 30 7.61 -5.68 -4.85
CA LEU A 30 7.25 -5.09 -3.57
C LEU A 30 6.91 -6.18 -2.55
N SER A 31 6.19 -7.21 -2.98
CA SER A 31 5.83 -8.35 -2.15
C SER A 31 7.06 -9.05 -1.56
N PRO A 32 8.02 -9.59 -2.35
CA PRO A 32 9.19 -10.22 -1.78
C PRO A 32 10.04 -9.25 -0.94
N ALA A 33 10.14 -7.98 -1.36
CA ALA A 33 10.89 -6.98 -0.57
C ALA A 33 10.30 -6.83 0.84
N VAL A 34 8.99 -6.62 0.94
CA VAL A 34 8.33 -6.42 2.24
C VAL A 34 8.26 -7.74 3.01
N LEU A 35 8.20 -8.90 2.34
CA LEU A 35 8.25 -10.21 2.99
C LEU A 35 9.59 -10.37 3.70
N PHE A 36 10.71 -10.04 3.04
CA PHE A 36 12.03 -10.00 3.67
C PHE A 36 12.06 -8.96 4.79
N GLY A 37 11.34 -7.84 4.62
CA GLY A 37 11.10 -6.84 5.65
C GLY A 37 10.25 -7.32 6.84
N GLY A 38 9.65 -8.52 6.76
CA GLY A 38 8.95 -9.18 7.86
C GLY A 38 7.43 -9.26 7.62
N GLY A 39 6.88 -8.45 6.72
CA GLY A 39 5.43 -8.30 6.55
C GLY A 39 4.82 -9.36 5.63
N LYS A 40 3.51 -9.25 5.40
CA LYS A 40 2.77 -10.13 4.51
C LYS A 40 2.07 -9.30 3.43
N THR A 41 1.91 -9.89 2.26
CA THR A 41 1.48 -9.15 1.08
C THR A 41 0.47 -10.01 0.29
N ASP A 42 -0.62 -9.39 -0.15
CA ASP A 42 -1.73 -10.03 -0.84
C ASP A 42 -2.26 -9.08 -1.91
N LEU A 43 -3.12 -9.57 -2.81
CA LEU A 43 -3.56 -8.88 -4.00
C LEU A 43 -5.09 -8.98 -4.04
N LEU A 44 -5.76 -7.90 -3.63
CA LEU A 44 -7.21 -7.79 -3.57
C LEU A 44 -7.53 -6.35 -3.92
N MET A 45 -8.21 -6.14 -5.05
CA MET A 45 -8.40 -4.81 -5.64
C MET A 45 -9.71 -4.70 -6.42
N GLY A 46 -10.77 -5.35 -5.92
CA GLY A 46 -12.10 -5.26 -6.50
C GLY A 46 -13.15 -5.94 -5.64
N GLU A 47 -12.86 -7.14 -5.14
CA GLU A 47 -13.75 -7.91 -4.26
C GLU A 47 -13.55 -7.51 -2.78
N LEU A 48 -13.13 -6.27 -2.52
CA LEU A 48 -12.94 -5.67 -1.18
C LEU A 48 -14.30 -5.31 -0.57
N LYS A 49 -15.28 -6.22 -0.68
CA LYS A 49 -16.63 -6.05 -0.14
C LYS A 49 -16.59 -6.13 1.38
N ASP A 50 -15.71 -6.98 1.91
CA ASP A 50 -15.40 -7.03 3.34
C ASP A 50 -14.59 -5.78 3.70
N ALA A 51 -14.76 -5.28 4.92
CA ALA A 51 -14.05 -4.13 5.47
C ALA A 51 -13.41 -4.47 6.82
N SER A 52 -13.42 -5.74 7.26
CA SER A 52 -12.65 -6.16 8.43
C SER A 52 -11.16 -5.93 8.17
N VAL A 53 -10.71 -6.16 6.94
CA VAL A 53 -9.38 -5.81 6.43
C VAL A 53 -9.08 -4.30 6.53
N LEU A 54 -10.10 -3.45 6.71
CA LEU A 54 -10.02 -1.98 6.74
C LEU A 54 -10.41 -1.46 8.12
N ASP A 55 -10.46 -2.32 9.13
CA ASP A 55 -10.82 -1.97 10.51
C ASP A 55 -9.83 -2.55 11.52
N ASN A 56 -9.31 -3.76 11.27
CA ASN A 56 -8.33 -4.44 12.14
C ASN A 56 -7.02 -3.64 12.29
N PRO A 57 -6.23 -3.86 13.35
CA PRO A 57 -5.10 -3.00 13.70
C PRO A 57 -3.83 -3.12 12.84
N ALA A 58 -3.73 -4.04 11.87
CA ALA A 58 -2.45 -4.31 11.20
C ALA A 58 -2.56 -4.66 9.71
N THR A 59 -3.55 -4.10 9.01
CA THR A 59 -3.73 -4.30 7.57
C THR A 59 -3.69 -2.94 6.87
N CYS A 60 -3.26 -2.94 5.60
CA CYS A 60 -3.10 -1.75 4.76
C CYS A 60 -3.64 -2.05 3.35
N VAL A 61 -3.77 -1.00 2.54
CA VAL A 61 -4.04 -1.12 1.12
C VAL A 61 -3.04 -0.19 0.44
N ILE A 62 -2.40 -0.69 -0.61
CA ILE A 62 -1.27 -0.02 -1.24
C ILE A 62 -1.74 0.61 -2.55
N ASP A 63 -1.79 1.95 -2.53
CA ASP A 63 -2.07 2.79 -3.69
C ASP A 63 -0.90 2.74 -4.68
N VAL A 64 -1.20 2.99 -5.95
CA VAL A 64 -0.28 2.96 -7.08
C VAL A 64 0.27 4.39 -7.30
N ALA A 65 0.48 5.14 -6.21
CA ALA A 65 0.79 6.57 -6.19
C ALA A 65 -0.18 7.40 -7.06
N MET A 66 -1.45 6.97 -7.17
CA MET A 66 -2.46 7.68 -7.94
C MET A 66 -2.83 9.02 -7.28
N THR A 67 -2.35 9.29 -6.06
CA THR A 67 -2.45 10.59 -5.41
C THR A 67 -1.84 11.69 -6.29
N GLU A 68 -0.83 11.35 -7.11
CA GLU A 68 -0.28 12.19 -8.16
C GLU A 68 -1.17 11.95 -9.39
N SER A 69 -2.28 12.69 -9.52
CA SER A 69 -3.34 12.44 -10.51
C SER A 69 -2.84 12.42 -11.97
N GLN A 70 -1.72 13.07 -12.28
CA GLN A 70 -1.11 13.08 -13.61
C GLN A 70 -0.34 11.78 -13.93
N LEU A 71 -0.40 10.78 -13.04
CA LEU A 71 0.26 9.46 -13.06
C LEU A 71 0.64 9.01 -14.47
N SER A 72 1.94 9.07 -14.79
CA SER A 72 2.49 8.76 -16.11
C SER A 72 2.30 7.30 -16.55
N GLU A 73 1.85 6.43 -15.65
CA GLU A 73 1.61 5.02 -15.92
C GLU A 73 0.24 4.79 -16.60
N SER A 74 -0.43 5.85 -17.07
CA SER A 74 -1.77 5.84 -17.61
C SER A 74 -1.80 6.26 -19.07
N GLN A 75 -2.80 5.78 -19.83
CA GLN A 75 -3.09 6.24 -21.18
C GLN A 75 -3.70 7.66 -21.17
N SER A 76 -4.38 8.06 -20.08
CA SER A 76 -4.99 9.38 -19.95
C SER A 76 -3.89 10.45 -19.93
N THR A 77 -3.93 11.38 -20.89
CA THR A 77 -3.02 12.51 -20.95
C THR A 77 -3.41 13.56 -19.89
N GLN A 78 -4.71 13.83 -19.76
CA GLN A 78 -5.25 14.65 -18.68
C GLN A 78 -5.09 13.89 -17.34
N PRO A 79 -4.87 14.58 -16.21
CA PRO A 79 -4.92 13.99 -14.88
C PRO A 79 -6.25 13.26 -14.65
N TRP A 80 -6.23 12.19 -13.86
CA TRP A 80 -7.42 11.41 -13.49
C TRP A 80 -7.19 10.73 -12.14
N ILE A 81 -8.23 10.10 -11.60
CA ILE A 81 -8.24 9.45 -10.29
C ILE A 81 -9.29 8.35 -10.34
N THR A 82 -9.22 7.38 -9.42
CA THR A 82 -10.26 6.39 -9.19
C THR A 82 -10.66 6.51 -7.71
N SER A 83 -11.96 6.38 -7.45
CA SER A 83 -12.58 6.64 -6.15
C SER A 83 -12.10 5.69 -5.04
N THR A 84 -11.36 4.64 -5.37
CA THR A 84 -10.86 3.63 -4.44
C THR A 84 -10.17 4.25 -3.22
N LEU A 85 -9.43 5.36 -3.38
CA LEU A 85 -8.69 5.95 -2.27
C LEU A 85 -9.66 6.59 -1.26
N ASP A 86 -10.64 7.32 -1.77
CA ASP A 86 -11.70 7.97 -1.00
C ASP A 86 -12.66 6.94 -0.39
N LEU A 87 -12.94 5.84 -1.10
CA LEU A 87 -13.73 4.72 -0.59
C LEU A 87 -12.98 4.04 0.55
N LEU A 88 -11.67 3.89 0.45
CA LEU A 88 -10.82 3.39 1.53
C LEU A 88 -10.96 4.27 2.76
N GLN A 89 -10.84 5.59 2.57
CA GLN A 89 -11.01 6.55 3.65
C GLN A 89 -12.41 6.48 4.26
N SER A 90 -13.44 6.28 3.45
CA SER A 90 -14.81 6.21 3.93
C SER A 90 -15.08 4.91 4.70
N LYS A 91 -14.51 3.78 4.26
CA LYS A 91 -14.64 2.49 4.95
C LYS A 91 -13.96 2.57 6.32
N GLY A 92 -12.74 3.12 6.40
CA GLY A 92 -12.12 3.44 7.68
C GLY A 92 -10.60 3.42 7.71
N LEU A 93 -9.91 3.51 6.56
CA LEU A 93 -8.47 3.28 6.49
C LEU A 93 -7.81 4.23 5.50
N ARG A 94 -6.55 4.58 5.72
CA ARG A 94 -5.73 5.30 4.74
C ARG A 94 -5.19 4.23 3.79
N THR A 95 -5.01 4.59 2.53
CA THR A 95 -4.28 3.77 1.57
C THR A 95 -2.98 4.53 1.34
N ILE A 96 -1.89 3.77 1.22
CA ILE A 96 -0.55 4.32 1.25
C ILE A 96 0.16 4.01 -0.09
N PRO A 97 0.75 5.00 -0.78
CA PRO A 97 1.46 4.75 -2.03
C PRO A 97 2.60 3.73 -1.87
N GLU A 98 2.78 2.88 -2.88
CA GLU A 98 3.94 1.99 -3.00
C GLU A 98 5.27 2.77 -2.93
N ALA A 99 5.25 4.04 -3.36
CA ALA A 99 6.42 4.91 -3.31
C ALA A 99 6.85 5.16 -1.86
N GLU A 100 5.88 5.36 -0.95
CA GLU A 100 6.17 5.61 0.45
C GLU A 100 6.67 4.32 1.11
N ILE A 101 6.14 3.16 0.70
CA ILE A 101 6.62 1.85 1.16
C ILE A 101 8.11 1.75 0.82
N GLY A 102 8.48 1.96 -0.44
CA GLY A 102 9.86 1.80 -0.87
C GLY A 102 10.79 2.79 -0.15
N LEU A 103 10.41 4.06 -0.06
CA LEU A 103 11.20 5.08 0.62
C LEU A 103 11.44 4.67 2.08
N ALA A 104 10.38 4.25 2.78
CA ALA A 104 10.50 3.84 4.18
C ALA A 104 11.32 2.56 4.34
N VAL A 105 11.26 1.62 3.39
CA VAL A 105 12.12 0.44 3.39
C VAL A 105 13.59 0.87 3.23
N ILE A 106 13.88 1.80 2.32
CA ILE A 106 15.23 2.30 2.04
C ILE A 106 15.78 3.07 3.26
N ASN A 107 14.94 3.82 3.97
CA ASN A 107 15.38 4.76 5.01
C ASN A 107 15.18 4.18 6.41
N VAL A 108 14.56 3.00 6.48
CA VAL A 108 14.11 2.30 7.68
C VAL A 108 13.23 3.20 8.58
N SER A 109 12.14 3.71 8.01
CA SER A 109 11.27 4.74 8.59
C SER A 109 9.78 4.42 8.40
N THR A 110 9.38 3.15 8.52
CA THR A 110 8.02 2.63 8.34
C THR A 110 7.03 3.06 9.46
N GLU A 111 7.25 4.23 10.08
CA GLU A 111 6.54 4.67 11.28
C GLU A 111 5.18 5.29 10.90
N ILE A 112 5.22 6.30 10.02
CA ILE A 112 4.10 7.18 9.68
C ILE A 112 4.01 7.33 8.16
N TYR A 113 5.17 7.26 7.47
CA TYR A 113 5.35 7.43 6.03
C TYR A 113 4.29 6.63 5.25
N CYS A 114 4.16 5.36 5.64
CA CYS A 114 3.35 4.33 5.00
C CYS A 114 2.68 3.56 6.14
N ASN A 115 1.75 4.25 6.80
CA ASN A 115 1.02 3.79 7.97
C ASN A 115 -0.46 4.02 7.64
N PRO A 116 -1.29 2.96 7.54
CA PRO A 116 -2.64 3.06 7.04
C PRO A 116 -3.65 3.57 8.09
N ARG A 117 -3.23 3.93 9.30
CA ARG A 117 -4.16 4.21 10.40
C ARG A 117 -3.75 5.39 11.27
N ARG A 118 -2.44 5.52 11.53
CA ARG A 118 -1.83 6.59 12.32
C ARG A 118 -2.63 6.84 13.60
N MET A 8 19.26 -10.20 12.87
CA MET A 8 19.07 -8.77 12.56
C MET A 8 17.58 -8.45 12.55
N LYS A 9 17.15 -7.37 13.22
CA LYS A 9 15.73 -7.00 13.38
C LYS A 9 14.99 -6.76 12.06
N ARG A 10 15.70 -6.59 10.93
CA ARG A 10 15.09 -6.50 9.60
C ARG A 10 14.13 -7.65 9.32
N LYS A 11 14.35 -8.85 9.88
CA LYS A 11 13.46 -9.99 9.70
C LYS A 11 12.03 -9.78 10.25
N SER A 12 11.79 -8.73 11.03
CA SER A 12 10.54 -8.49 11.76
C SER A 12 9.96 -7.09 11.48
N ILE A 13 10.48 -6.40 10.48
CA ILE A 13 10.08 -5.05 10.03
C ILE A 13 8.56 -4.81 10.10
N PHE A 14 7.77 -5.76 9.60
CA PHE A 14 6.31 -5.64 9.53
C PHE A 14 5.65 -6.97 9.97
N LYS A 15 6.29 -7.71 10.88
CA LYS A 15 5.90 -9.07 11.27
C LYS A 15 4.40 -9.24 11.48
N ASP A 16 3.85 -8.48 12.40
CA ASP A 16 2.44 -8.54 12.80
C ASP A 16 1.60 -7.59 11.95
N LYS A 17 1.61 -7.75 10.63
CA LYS A 17 0.85 -6.91 9.70
C LYS A 17 0.46 -7.71 8.47
N VAL A 18 -0.52 -7.22 7.72
CA VAL A 18 -0.89 -7.73 6.41
C VAL A 18 -1.17 -6.55 5.49
N PHE A 19 -1.04 -6.70 4.17
CA PHE A 19 -1.52 -5.68 3.23
C PHE A 19 -2.13 -6.26 1.97
N LEU A 20 -2.86 -5.39 1.24
CA LEU A 20 -3.58 -5.68 0.02
C LEU A 20 -3.08 -4.69 -1.05
N PHE A 21 -2.20 -5.11 -1.95
CA PHE A 21 -1.56 -4.20 -2.92
C PHE A 21 -2.50 -3.97 -4.11
N LEU A 22 -2.69 -2.71 -4.53
CA LEU A 22 -3.49 -2.34 -5.70
C LEU A 22 -2.75 -2.54 -7.04
N ASN A 23 -1.70 -3.36 -7.08
CA ASN A 23 -0.88 -3.61 -8.28
C ASN A 23 -0.35 -5.04 -8.20
N ALA A 24 -0.24 -5.72 -9.35
CA ALA A 24 0.11 -7.15 -9.44
C ALA A 24 1.46 -7.42 -10.13
N LYS A 25 2.25 -6.39 -10.45
CA LYS A 25 3.54 -6.54 -11.14
C LYS A 25 4.66 -6.14 -10.21
N GLN A 26 4.66 -4.90 -9.70
CA GLN A 26 5.57 -4.50 -8.63
C GLN A 26 5.39 -5.38 -7.40
N TYR A 27 4.20 -6.00 -7.25
CA TYR A 27 3.90 -7.03 -6.27
C TYR A 27 5.05 -8.04 -6.19
N LYS A 28 5.53 -8.51 -7.33
CA LYS A 28 6.47 -9.62 -7.37
C LYS A 28 7.85 -9.27 -6.79
N LYS A 29 8.10 -8.01 -6.40
CA LYS A 29 9.29 -7.62 -5.64
C LYS A 29 8.90 -7.03 -4.28
N LEU A 30 7.87 -6.17 -4.23
CA LEU A 30 7.43 -5.52 -3.00
C LEU A 30 6.94 -6.56 -1.99
N SER A 31 6.12 -7.52 -2.45
CA SER A 31 5.57 -8.58 -1.64
C SER A 31 6.66 -9.49 -1.04
N PRO A 32 7.59 -10.09 -1.80
CA PRO A 32 8.64 -10.91 -1.20
C PRO A 32 9.55 -10.07 -0.30
N ALA A 33 9.84 -8.80 -0.64
CA ALA A 33 10.65 -7.95 0.22
C ALA A 33 10.01 -7.80 1.61
N VAL A 34 8.72 -7.47 1.69
CA VAL A 34 8.05 -7.32 2.98
C VAL A 34 7.78 -8.69 3.62
N LEU A 35 7.68 -9.78 2.85
CA LEU A 35 7.62 -11.13 3.42
C LEU A 35 8.92 -11.48 4.12
N PHE A 36 10.08 -11.13 3.55
CA PHE A 36 11.36 -11.22 4.23
C PHE A 36 11.40 -10.26 5.42
N GLY A 37 10.68 -9.14 5.33
CA GLY A 37 10.42 -8.21 6.42
C GLY A 37 9.43 -8.76 7.47
N GLY A 38 8.87 -9.95 7.25
CA GLY A 38 8.03 -10.66 8.20
C GLY A 38 6.53 -10.49 7.94
N GLY A 39 6.11 -9.51 7.14
CA GLY A 39 4.69 -9.14 7.00
C GLY A 39 3.98 -9.97 5.95
N LYS A 40 2.65 -10.04 6.04
CA LYS A 40 1.82 -10.80 5.10
C LYS A 40 1.39 -9.90 3.94
N THR A 41 1.25 -10.50 2.78
CA THR A 41 1.07 -9.78 1.53
C THR A 41 -0.02 -10.47 0.70
N ASP A 42 -0.95 -9.68 0.16
CA ASP A 42 -2.04 -10.12 -0.70
C ASP A 42 -2.36 -8.98 -1.69
N LEU A 43 -3.27 -9.20 -2.63
CA LEU A 43 -3.69 -8.22 -3.64
C LEU A 43 -5.06 -7.63 -3.28
N LEU A 44 -5.36 -6.50 -3.90
CA LEU A 44 -6.68 -5.86 -3.90
C LEU A 44 -6.99 -5.63 -5.37
N MET A 45 -7.90 -6.43 -5.93
CA MET A 45 -8.45 -6.22 -7.27
C MET A 45 -9.92 -6.63 -7.23
N GLY A 46 -10.77 -5.66 -6.90
CA GLY A 46 -12.22 -5.81 -6.97
C GLY A 46 -12.85 -6.49 -5.75
N GLU A 47 -12.09 -6.69 -4.67
CA GLU A 47 -12.58 -7.34 -3.45
C GLU A 47 -12.84 -6.31 -2.34
N LEU A 48 -12.65 -5.01 -2.64
CA LEU A 48 -13.01 -3.87 -1.78
C LEU A 48 -14.52 -3.74 -1.56
N LYS A 49 -15.31 -4.67 -2.11
CA LYS A 49 -16.72 -4.84 -1.80
C LYS A 49 -16.89 -5.00 -0.29
N ASP A 50 -16.00 -5.74 0.35
CA ASP A 50 -15.89 -5.82 1.81
C ASP A 50 -15.15 -4.58 2.32
N ALA A 51 -15.52 -4.10 3.51
CA ALA A 51 -14.89 -2.94 4.14
C ALA A 51 -14.40 -3.25 5.57
N SER A 52 -14.72 -4.43 6.11
CA SER A 52 -14.23 -4.84 7.42
C SER A 52 -12.71 -4.98 7.38
N VAL A 53 -12.12 -5.36 6.23
CA VAL A 53 -10.68 -5.41 6.06
C VAL A 53 -9.97 -4.07 6.33
N LEU A 54 -10.67 -2.95 6.26
CA LEU A 54 -10.10 -1.62 6.47
C LEU A 54 -10.33 -1.14 7.90
N ASP A 55 -11.28 -1.74 8.62
CA ASP A 55 -11.45 -1.54 10.06
C ASP A 55 -10.35 -2.28 10.85
N ASN A 56 -9.78 -3.34 10.27
CA ASN A 56 -8.78 -4.23 10.90
C ASN A 56 -7.66 -3.43 11.56
N PRO A 57 -7.13 -3.87 12.71
CA PRO A 57 -6.09 -3.16 13.45
C PRO A 57 -4.69 -3.24 12.82
N ALA A 58 -4.48 -4.08 11.79
CA ALA A 58 -3.15 -4.41 11.27
C ALA A 58 -3.12 -4.66 9.76
N THR A 59 -4.10 -4.16 9.01
CA THR A 59 -4.14 -4.27 7.55
C THR A 59 -3.73 -2.93 6.93
N CYS A 60 -3.34 -2.97 5.65
CA CYS A 60 -2.96 -1.83 4.83
C CYS A 60 -3.47 -2.07 3.42
N VAL A 61 -3.50 -1.02 2.61
CA VAL A 61 -3.74 -1.12 1.18
C VAL A 61 -2.61 -0.31 0.55
N ILE A 62 -1.97 -0.86 -0.47
CA ILE A 62 -0.74 -0.30 -1.01
C ILE A 62 -1.10 0.44 -2.30
N ASP A 63 -0.88 1.75 -2.28
CA ASP A 63 -0.99 2.65 -3.43
C ASP A 63 0.20 2.42 -4.36
N VAL A 64 0.02 2.71 -5.64
CA VAL A 64 0.94 2.37 -6.72
C VAL A 64 1.78 3.61 -7.05
N ALA A 65 3.08 3.42 -7.30
CA ALA A 65 4.01 4.48 -7.69
C ALA A 65 3.85 4.85 -9.17
N MET A 66 2.63 5.25 -9.56
CA MET A 66 2.33 5.71 -10.91
C MET A 66 3.13 6.97 -11.25
N THR A 67 3.40 7.17 -12.54
CA THR A 67 4.10 8.34 -13.06
C THR A 67 3.28 9.62 -12.76
N GLU A 68 3.97 10.74 -12.53
CA GLU A 68 3.34 12.06 -12.43
C GLU A 68 2.72 12.47 -13.78
N SER A 69 1.76 13.40 -13.75
CA SER A 69 1.09 13.94 -14.92
C SER A 69 2.10 14.65 -15.85
N GLN A 70 1.84 14.62 -17.15
CA GLN A 70 2.67 15.26 -18.16
C GLN A 70 2.55 16.79 -18.06
N LEU A 71 1.39 17.29 -17.61
CA LEU A 71 1.10 18.70 -17.41
C LEU A 71 0.10 18.85 -16.25
N SER A 72 -0.15 20.09 -15.81
CA SER A 72 -0.97 20.37 -14.63
C SER A 72 -2.46 20.03 -14.83
N GLU A 73 -2.94 20.01 -16.08
CA GLU A 73 -4.32 19.69 -16.43
C GLU A 73 -4.57 18.18 -16.24
N SER A 74 -5.84 17.80 -16.13
CA SER A 74 -6.28 16.41 -16.16
C SER A 74 -5.91 15.75 -17.50
N GLN A 75 -5.81 14.42 -17.53
CA GLN A 75 -5.49 13.64 -18.72
C GLN A 75 -6.35 12.38 -18.74
N SER A 76 -6.67 11.91 -19.95
CA SER A 76 -7.44 10.69 -20.19
C SER A 76 -6.56 9.42 -20.10
N THR A 77 -5.34 9.53 -19.60
CA THR A 77 -4.34 8.46 -19.51
C THR A 77 -4.77 7.33 -18.54
N GLN A 78 -5.78 7.58 -17.69
CA GLN A 78 -6.35 6.62 -16.75
C GLN A 78 -7.88 6.81 -16.75
N PRO A 79 -8.66 5.75 -16.50
CA PRO A 79 -10.12 5.78 -16.67
C PRO A 79 -10.86 6.59 -15.61
N TRP A 80 -10.29 6.72 -14.40
CA TRP A 80 -10.90 7.37 -13.25
C TRP A 80 -9.85 8.17 -12.49
N ILE A 81 -10.27 9.03 -11.57
CA ILE A 81 -9.44 10.00 -10.84
C ILE A 81 -8.65 9.35 -9.68
N THR A 82 -8.24 8.09 -9.83
CA THR A 82 -7.58 7.29 -8.79
C THR A 82 -8.48 7.15 -7.55
N SER A 83 -9.80 7.10 -7.78
CA SER A 83 -10.86 7.19 -6.79
C SER A 83 -10.74 6.18 -5.64
N THR A 84 -10.08 5.04 -5.86
CA THR A 84 -9.90 3.97 -4.89
C THR A 84 -9.24 4.48 -3.60
N LEU A 85 -8.32 5.45 -3.69
CA LEU A 85 -7.60 6.04 -2.55
C LEU A 85 -8.62 6.71 -1.62
N ASP A 86 -9.50 7.54 -2.19
CA ASP A 86 -10.52 8.29 -1.46
C ASP A 86 -11.61 7.36 -0.93
N LEU A 87 -11.95 6.31 -1.69
CA LEU A 87 -12.88 5.28 -1.25
C LEU A 87 -12.32 4.54 -0.03
N LEU A 88 -11.02 4.26 -0.02
CA LEU A 88 -10.33 3.61 1.10
C LEU A 88 -10.35 4.52 2.33
N GLN A 89 -10.07 5.81 2.14
CA GLN A 89 -10.18 6.79 3.22
C GLN A 89 -11.60 6.85 3.78
N SER A 90 -12.62 6.74 2.92
CA SER A 90 -14.00 6.76 3.36
C SER A 90 -14.36 5.47 4.12
N LYS A 91 -13.85 4.31 3.69
CA LYS A 91 -14.09 3.04 4.38
C LYS A 91 -13.42 3.05 5.75
N GLY A 92 -12.17 3.52 5.87
CA GLY A 92 -11.58 3.77 7.19
C GLY A 92 -10.06 3.75 7.28
N LEU A 93 -9.31 3.79 6.17
CA LEU A 93 -7.87 3.54 6.21
C LEU A 93 -7.13 4.33 5.12
N ARG A 94 -5.83 4.59 5.31
CA ARG A 94 -4.97 5.25 4.33
C ARG A 94 -4.46 4.21 3.32
N THR A 95 -4.25 4.65 2.08
CA THR A 95 -3.56 3.87 1.07
C THR A 95 -2.11 4.35 1.09
N ILE A 96 -1.15 3.46 1.32
CA ILE A 96 0.23 3.84 1.56
C ILE A 96 1.05 3.50 0.30
N PRO A 97 1.82 4.43 -0.29
CA PRO A 97 2.59 4.16 -1.50
C PRO A 97 3.60 3.01 -1.29
N GLU A 98 3.77 2.19 -2.32
CA GLU A 98 4.83 1.18 -2.39
C GLU A 98 6.22 1.81 -2.17
N ALA A 99 6.41 3.06 -2.61
CA ALA A 99 7.68 3.78 -2.49
C ALA A 99 7.99 4.13 -1.02
N GLU A 100 6.96 4.47 -0.24
CA GLU A 100 7.14 4.80 1.18
C GLU A 100 7.50 3.53 1.93
N ILE A 101 6.89 2.38 1.58
CA ILE A 101 7.31 1.09 2.10
C ILE A 101 8.78 0.87 1.81
N GLY A 102 9.22 0.99 0.54
CA GLY A 102 10.60 0.70 0.20
C GLY A 102 11.59 1.56 0.97
N LEU A 103 11.37 2.87 1.04
CA LEU A 103 12.25 3.79 1.79
C LEU A 103 12.30 3.37 3.26
N ALA A 104 11.14 3.11 3.87
CA ALA A 104 11.08 2.74 5.28
C ALA A 104 11.73 1.38 5.55
N VAL A 105 11.59 0.42 4.63
CA VAL A 105 12.23 -0.89 4.70
C VAL A 105 13.75 -0.72 4.66
N ILE A 106 14.27 0.14 3.77
CA ILE A 106 15.70 0.41 3.64
C ILE A 106 16.20 1.08 4.94
N ASN A 107 15.50 2.11 5.42
CA ASN A 107 15.98 2.95 6.51
C ASN A 107 15.69 2.39 7.90
N VAL A 108 14.88 1.33 8.01
CA VAL A 108 14.34 0.79 9.25
C VAL A 108 13.52 1.90 9.96
N SER A 109 12.48 2.38 9.26
CA SER A 109 11.61 3.48 9.68
C SER A 109 10.14 3.18 9.37
N THR A 110 9.75 1.90 9.40
CA THR A 110 8.40 1.39 9.22
C THR A 110 7.51 1.78 10.43
N GLU A 111 7.27 3.08 10.60
CA GLU A 111 6.65 3.67 11.78
C GLU A 111 5.46 4.56 11.40
N ILE A 112 5.70 5.52 10.50
CA ILE A 112 4.76 6.57 10.12
C ILE A 112 4.72 6.67 8.60
N TYR A 113 5.86 6.48 7.92
CA TYR A 113 6.03 6.55 6.47
C TYR A 113 4.91 5.81 5.75
N CYS A 114 4.78 4.53 6.11
CA CYS A 114 3.96 3.51 5.48
C CYS A 114 3.04 2.89 6.55
N ASN A 115 2.53 3.77 7.40
CA ASN A 115 1.56 3.49 8.43
C ASN A 115 0.18 3.81 7.83
N PRO A 116 -0.73 2.83 7.76
CA PRO A 116 -2.02 2.97 7.10
C PRO A 116 -3.10 3.58 7.99
N ARG A 117 -2.85 3.85 9.28
CA ARG A 117 -3.89 4.24 10.23
C ARG A 117 -3.51 5.44 11.09
N ARG A 118 -2.23 5.53 11.45
CA ARG A 118 -1.65 6.56 12.31
C ARG A 118 -2.56 6.84 13.50
N MET A 8 16.07 -4.23 15.97
CA MET A 8 16.09 -2.77 15.67
C MET A 8 14.97 -2.42 14.69
N LYS A 9 15.23 -2.36 13.37
CA LYS A 9 14.23 -2.01 12.35
C LYS A 9 14.60 -2.56 10.97
N ARG A 10 15.89 -2.55 10.59
CA ARG A 10 16.32 -2.92 9.24
C ARG A 10 15.95 -4.35 8.81
N LYS A 11 15.68 -5.25 9.76
CA LYS A 11 15.30 -6.66 9.50
C LYS A 11 13.89 -6.94 10.06
N SER A 12 13.13 -5.89 10.36
CA SER A 12 11.82 -5.96 11.00
C SER A 12 10.92 -4.81 10.50
N ILE A 13 11.18 -4.35 9.27
CA ILE A 13 10.57 -3.21 8.59
C ILE A 13 9.06 -3.18 8.79
N PHE A 14 8.38 -4.32 8.65
CA PHE A 14 6.95 -4.47 8.84
C PHE A 14 6.65 -5.77 9.60
N LYS A 15 7.52 -6.20 10.51
CA LYS A 15 7.27 -7.39 11.31
C LYS A 15 6.00 -7.22 12.14
N ASP A 16 5.31 -8.34 12.37
CA ASP A 16 4.00 -8.40 13.05
C ASP A 16 2.98 -7.45 12.42
N LYS A 17 2.84 -7.55 11.09
CA LYS A 17 1.85 -6.82 10.28
C LYS A 17 1.38 -7.75 9.16
N VAL A 18 0.31 -7.39 8.48
CA VAL A 18 -0.14 -8.04 7.25
C VAL A 18 -0.59 -6.95 6.25
N PHE A 19 -0.64 -7.26 4.94
CA PHE A 19 -1.27 -6.36 3.97
C PHE A 19 -1.91 -7.11 2.80
N LEU A 20 -2.81 -6.42 2.10
CA LEU A 20 -3.52 -6.89 0.93
C LEU A 20 -3.01 -6.05 -0.25
N PHE A 21 -2.40 -6.66 -1.27
CA PHE A 21 -1.92 -5.91 -2.43
C PHE A 21 -3.08 -5.71 -3.42
N LEU A 22 -3.10 -4.58 -4.13
CA LEU A 22 -4.01 -4.31 -5.26
C LEU A 22 -3.31 -4.58 -6.60
N ASN A 23 -2.28 -5.43 -6.65
CA ASN A 23 -1.58 -5.81 -7.88
C ASN A 23 -1.22 -7.28 -7.80
N ALA A 24 -1.38 -8.03 -8.89
CA ALA A 24 -1.23 -9.48 -8.92
C ALA A 24 0.10 -9.96 -9.53
N LYS A 25 0.92 -9.06 -10.08
CA LYS A 25 2.15 -9.42 -10.80
C LYS A 25 3.36 -8.89 -10.04
N GLN A 26 3.34 -7.60 -9.67
CA GLN A 26 4.32 -7.00 -8.76
C GLN A 26 4.36 -7.79 -7.45
N TYR A 27 3.24 -8.42 -7.08
CA TYR A 27 3.11 -9.34 -5.95
C TYR A 27 4.28 -10.31 -5.89
N LYS A 28 4.67 -10.92 -7.02
CA LYS A 28 5.65 -12.00 -6.98
C LYS A 28 7.05 -11.54 -6.56
N LYS A 29 7.32 -10.23 -6.46
CA LYS A 29 8.56 -9.70 -5.88
C LYS A 29 8.30 -8.88 -4.61
N LEU A 30 7.23 -8.09 -4.55
CA LEU A 30 6.93 -7.30 -3.35
C LEU A 30 6.65 -8.23 -2.19
N SER A 31 5.87 -9.29 -2.41
CA SER A 31 5.49 -10.24 -1.38
C SER A 31 6.71 -10.90 -0.73
N PRO A 32 7.64 -11.56 -1.45
CA PRO A 32 8.83 -12.10 -0.82
C PRO A 32 9.69 -11.00 -0.19
N ALA A 33 9.88 -9.85 -0.85
CA ALA A 33 10.73 -8.78 -0.30
C ALA A 33 10.22 -8.31 1.07
N VAL A 34 8.92 -8.01 1.19
CA VAL A 34 8.37 -7.46 2.42
C VAL A 34 8.07 -8.58 3.42
N LEU A 35 7.93 -9.84 2.99
CA LEU A 35 7.87 -10.99 3.90
C LEU A 35 9.22 -11.16 4.59
N PHE A 36 10.34 -11.01 3.88
CA PHE A 36 11.66 -10.95 4.49
C PHE A 36 11.77 -9.68 5.38
N GLY A 37 11.10 -8.59 4.98
CA GLY A 37 10.93 -7.39 5.80
C GLY A 37 10.04 -7.62 7.05
N GLY A 38 9.37 -8.77 7.18
CA GLY A 38 8.66 -9.20 8.37
C GLY A 38 7.13 -9.27 8.19
N GLY A 39 6.57 -8.58 7.19
CA GLY A 39 5.12 -8.40 7.06
C GLY A 39 4.49 -9.50 6.21
N LYS A 40 3.34 -10.03 6.64
CA LYS A 40 2.61 -11.06 5.91
C LYS A 40 1.87 -10.41 4.73
N THR A 41 1.58 -11.21 3.72
CA THR A 41 1.09 -10.72 2.44
C THR A 41 -0.10 -11.56 1.98
N ASP A 42 -1.10 -10.91 1.39
CA ASP A 42 -2.24 -11.54 0.73
C ASP A 42 -2.65 -10.71 -0.49
N LEU A 43 -3.44 -11.29 -1.39
CA LEU A 43 -3.85 -10.69 -2.65
C LEU A 43 -5.38 -10.70 -2.67
N LEU A 44 -5.97 -9.54 -2.38
CA LEU A 44 -7.41 -9.35 -2.28
C LEU A 44 -7.69 -7.91 -2.71
N MET A 45 -8.43 -7.76 -3.81
CA MET A 45 -8.63 -6.49 -4.50
C MET A 45 -10.03 -6.46 -5.14
N GLY A 46 -10.99 -7.12 -4.48
CA GLY A 46 -12.36 -7.29 -4.94
C GLY A 46 -13.32 -6.51 -4.03
N GLU A 47 -14.45 -7.13 -3.72
CA GLU A 47 -15.53 -6.52 -2.94
C GLU A 47 -15.09 -6.11 -1.52
N LEU A 48 -14.02 -6.72 -0.99
CA LEU A 48 -13.58 -6.58 0.41
C LEU A 48 -14.77 -6.86 1.33
N LYS A 49 -15.23 -8.11 1.33
CA LYS A 49 -16.42 -8.53 2.08
C LYS A 49 -16.27 -8.22 3.57
N ASP A 50 -15.09 -8.48 4.13
CA ASP A 50 -14.75 -8.11 5.50
C ASP A 50 -14.31 -6.65 5.56
N ALA A 51 -14.48 -6.01 6.72
CA ALA A 51 -14.05 -4.65 7.02
C ALA A 51 -13.22 -4.58 8.31
N SER A 52 -13.06 -5.68 9.06
CA SER A 52 -12.10 -5.70 10.17
C SER A 52 -10.69 -5.51 9.59
N VAL A 53 -10.40 -6.03 8.39
CA VAL A 53 -9.18 -5.74 7.64
C VAL A 53 -8.92 -4.23 7.47
N LEU A 54 -9.95 -3.39 7.52
CA LEU A 54 -9.92 -1.96 7.23
C LEU A 54 -10.23 -1.15 8.50
N ASP A 55 -10.08 -1.77 9.68
CA ASP A 55 -10.24 -1.12 11.00
C ASP A 55 -9.12 -1.49 11.98
N ASN A 56 -8.64 -2.74 11.93
CA ASN A 56 -7.65 -3.29 12.87
C ASN A 56 -6.28 -2.59 12.82
N PRO A 57 -5.43 -2.71 13.85
CA PRO A 57 -4.22 -1.92 14.00
C PRO A 57 -3.02 -2.34 13.13
N ALA A 58 -3.09 -3.45 12.36
CA ALA A 58 -1.91 -4.00 11.71
C ALA A 58 -2.20 -4.62 10.34
N THR A 59 -3.17 -4.06 9.60
CA THR A 59 -3.47 -4.43 8.23
C THR A 59 -3.43 -3.18 7.36
N CYS A 60 -3.08 -3.36 6.08
CA CYS A 60 -2.91 -2.30 5.09
C CYS A 60 -3.48 -2.77 3.76
N VAL A 61 -3.66 -1.83 2.84
CA VAL A 61 -3.98 -2.11 1.45
C VAL A 61 -2.94 -1.33 0.66
N ILE A 62 -2.29 -2.01 -0.27
CA ILE A 62 -1.15 -1.48 -1.01
C ILE A 62 -1.67 -1.09 -2.39
N ASP A 63 -1.75 0.20 -2.63
CA ASP A 63 -2.12 0.77 -3.92
C ASP A 63 -0.99 0.53 -4.93
N VAL A 64 -1.34 0.56 -6.21
CA VAL A 64 -0.38 0.51 -7.30
C VAL A 64 0.32 1.87 -7.36
N ALA A 65 1.59 1.91 -7.77
CA ALA A 65 2.30 3.17 -8.00
C ALA A 65 1.59 3.97 -9.11
N MET A 66 1.74 5.29 -9.07
CA MET A 66 1.20 6.23 -10.04
C MET A 66 2.22 7.36 -10.23
N THR A 67 2.22 7.98 -11.41
CA THR A 67 3.11 9.08 -11.75
C THR A 67 2.61 10.34 -11.03
N GLU A 68 3.19 10.65 -9.87
CA GLU A 68 2.93 11.91 -9.16
C GLU A 68 3.56 13.09 -9.93
N SER A 69 4.65 12.85 -10.65
CA SER A 69 5.33 13.81 -11.51
C SER A 69 4.43 14.28 -12.67
N GLN A 70 4.88 15.32 -13.39
CA GLN A 70 4.22 15.82 -14.59
C GLN A 70 5.24 15.77 -15.73
N LEU A 71 4.79 15.35 -16.92
CA LEU A 71 5.60 15.17 -18.12
C LEU A 71 4.77 15.48 -19.39
N SER A 72 3.56 16.03 -19.24
CA SER A 72 2.60 16.26 -20.30
C SER A 72 1.92 17.62 -20.09
N GLU A 73 1.08 18.04 -21.04
CA GLU A 73 0.25 19.22 -20.89
C GLU A 73 -0.89 18.90 -19.92
N SER A 74 -1.21 19.84 -19.03
CA SER A 74 -2.25 19.70 -18.00
C SER A 74 -3.64 19.39 -18.59
N GLN A 75 -3.89 19.79 -19.85
CA GLN A 75 -5.13 19.51 -20.56
C GLN A 75 -5.39 17.99 -20.72
N SER A 76 -4.34 17.17 -20.63
CA SER A 76 -4.40 15.72 -20.83
C SER A 76 -4.07 14.95 -19.54
N THR A 77 -3.88 15.66 -18.42
CA THR A 77 -3.46 15.11 -17.13
C THR A 77 -4.22 15.81 -15.98
N GLN A 78 -5.51 16.08 -16.20
CA GLN A 78 -6.43 16.55 -15.16
C GLN A 78 -6.46 15.53 -14.00
N PRO A 79 -6.78 15.96 -12.77
CA PRO A 79 -6.75 15.08 -11.60
C PRO A 79 -7.85 13.99 -11.72
N TRP A 80 -7.43 12.73 -11.54
CA TRP A 80 -8.29 11.56 -11.41
C TRP A 80 -7.51 10.48 -10.67
N ILE A 81 -8.21 9.52 -10.06
CA ILE A 81 -7.66 8.38 -9.33
C ILE A 81 -8.56 7.16 -9.57
N THR A 82 -8.02 5.97 -9.36
CA THR A 82 -8.81 4.73 -9.36
C THR A 82 -9.82 4.79 -8.20
N SER A 83 -11.04 4.31 -8.43
CA SER A 83 -12.13 4.33 -7.46
C SER A 83 -11.76 3.62 -6.14
N THR A 84 -10.88 2.63 -6.19
CA THR A 84 -10.50 1.83 -5.03
C THR A 84 -9.88 2.68 -3.91
N LEU A 85 -9.18 3.79 -4.23
CA LEU A 85 -8.57 4.65 -3.21
C LEU A 85 -9.67 5.34 -2.39
N ASP A 86 -10.64 5.93 -3.08
CA ASP A 86 -11.76 6.65 -2.46
C ASP A 86 -12.68 5.69 -1.73
N LEU A 87 -12.86 4.47 -2.29
CA LEU A 87 -13.59 3.39 -1.64
C LEU A 87 -12.92 3.05 -0.32
N LEU A 88 -11.60 2.81 -0.32
CA LEU A 88 -10.84 2.48 0.89
C LEU A 88 -11.02 3.57 1.95
N GLN A 89 -10.87 4.83 1.54
CA GLN A 89 -11.00 5.98 2.43
C GLN A 89 -12.40 6.07 3.04
N SER A 90 -13.45 5.79 2.26
CA SER A 90 -14.81 5.80 2.76
C SER A 90 -15.08 4.60 3.68
N LYS A 91 -14.46 3.45 3.37
CA LYS A 91 -14.74 2.18 4.03
C LYS A 91 -14.08 2.12 5.41
N GLY A 92 -12.85 2.64 5.56
CA GLY A 92 -12.26 2.83 6.89
C GLY A 92 -10.75 3.01 6.95
N LEU A 93 -10.00 2.97 5.84
CA LEU A 93 -8.53 2.91 5.89
C LEU A 93 -7.90 3.72 4.75
N ARG A 94 -6.65 4.13 4.92
CA ARG A 94 -5.85 4.70 3.83
C ARG A 94 -5.30 3.51 3.03
N THR A 95 -4.90 3.74 1.79
CA THR A 95 -4.15 2.77 1.01
C THR A 95 -2.85 3.47 0.63
N ILE A 96 -1.76 2.73 0.64
CA ILE A 96 -0.40 3.27 0.54
C ILE A 96 0.28 2.69 -0.72
N PRO A 97 0.85 3.51 -1.62
CA PRO A 97 1.34 3.05 -2.91
C PRO A 97 2.64 2.25 -2.78
N GLU A 98 2.82 1.25 -3.65
CA GLU A 98 3.98 0.36 -3.65
C GLU A 98 5.31 1.12 -3.80
N ALA A 99 5.31 2.28 -4.45
CA ALA A 99 6.50 3.10 -4.63
C ALA A 99 6.98 3.65 -3.28
N GLU A 100 6.04 4.10 -2.46
CA GLU A 100 6.34 4.57 -1.11
C GLU A 100 6.80 3.39 -0.26
N ILE A 101 6.22 2.18 -0.44
CA ILE A 101 6.68 0.97 0.25
C ILE A 101 8.17 0.77 -0.05
N GLY A 102 8.58 0.78 -1.31
CA GLY A 102 9.97 0.58 -1.67
C GLY A 102 10.87 1.66 -1.08
N LEU A 103 10.47 2.93 -1.17
CA LEU A 103 11.27 4.02 -0.62
C LEU A 103 11.42 3.88 0.89
N ALA A 104 10.35 3.54 1.61
CA ALA A 104 10.40 3.37 3.06
C ALA A 104 11.18 2.13 3.48
N VAL A 105 11.16 1.05 2.67
CA VAL A 105 11.99 -0.12 2.87
C VAL A 105 13.47 0.29 2.77
N ILE A 106 13.84 1.06 1.73
CA ILE A 106 15.21 1.55 1.53
C ILE A 106 15.61 2.48 2.67
N ASN A 107 14.71 3.39 3.08
CA ASN A 107 15.02 4.44 4.05
C ASN A 107 14.91 3.96 5.50
N VAL A 108 14.33 2.78 5.74
CA VAL A 108 14.13 2.18 7.06
C VAL A 108 13.19 3.08 7.89
N SER A 109 12.05 3.50 7.30
CA SER A 109 11.15 4.52 7.84
C SER A 109 9.66 4.24 7.60
N THR A 110 9.26 2.97 7.52
CA THR A 110 7.88 2.52 7.30
C THR A 110 6.85 2.99 8.35
N GLU A 111 7.30 3.56 9.49
CA GLU A 111 6.51 3.94 10.66
C GLU A 111 5.25 4.75 10.31
N ILE A 112 5.44 5.78 9.50
CA ILE A 112 4.43 6.79 9.18
C ILE A 112 4.40 6.97 7.66
N TYR A 113 5.54 6.75 6.98
CA TYR A 113 5.67 6.91 5.53
C TYR A 113 4.66 6.00 4.80
N CYS A 114 4.46 4.80 5.34
CA CYS A 114 3.70 3.70 4.76
C CYS A 114 2.78 3.13 5.84
N ASN A 115 1.95 4.01 6.37
CA ASN A 115 1.05 3.75 7.47
C ASN A 115 -0.36 3.97 6.96
N PRO A 116 -1.21 2.94 6.93
CA PRO A 116 -2.54 2.99 6.34
C PRO A 116 -3.61 3.49 7.33
N ARG A 117 -3.26 3.80 8.59
CA ARG A 117 -4.26 4.05 9.63
C ARG A 117 -3.97 5.30 10.45
N ARG A 118 -2.69 5.52 10.76
CA ARG A 118 -2.18 6.63 11.58
C ARG A 118 -3.09 6.86 12.79
N MET A 8 18.64 -8.83 7.40
CA MET A 8 17.45 -9.72 7.32
C MET A 8 16.87 -9.94 8.72
N LYS A 9 15.53 -10.00 8.84
CA LYS A 9 14.74 -10.39 10.02
C LYS A 9 14.79 -9.43 11.22
N ARG A 10 15.91 -8.77 11.47
CA ARG A 10 16.02 -7.78 12.55
C ARG A 10 15.18 -6.53 12.26
N LYS A 11 14.96 -6.19 10.98
CA LYS A 11 14.09 -5.08 10.59
C LYS A 11 12.65 -5.37 11.01
N SER A 12 11.92 -4.33 11.39
CA SER A 12 10.54 -4.41 11.90
C SER A 12 9.69 -3.24 11.41
N ILE A 13 10.02 -2.68 10.24
CA ILE A 13 9.32 -1.54 9.60
C ILE A 13 7.81 -1.78 9.53
N PHE A 14 7.37 -3.01 9.24
CA PHE A 14 5.96 -3.39 9.18
C PHE A 14 5.78 -4.79 9.77
N LYS A 15 6.50 -5.10 10.84
CA LYS A 15 6.46 -6.42 11.46
C LYS A 15 5.03 -6.76 11.90
N ASP A 16 4.73 -8.06 11.83
CA ASP A 16 3.42 -8.64 12.13
C ASP A 16 2.26 -7.84 11.53
N LYS A 17 2.39 -7.54 10.22
CA LYS A 17 1.34 -6.88 9.42
C LYS A 17 1.12 -7.76 8.18
N VAL A 18 0.01 -7.56 7.50
CA VAL A 18 -0.27 -8.16 6.18
C VAL A 18 -0.80 -7.03 5.29
N PHE A 19 -0.59 -7.08 3.97
CA PHE A 19 -1.25 -6.15 3.06
C PHE A 19 -1.63 -6.78 1.73
N LEU A 20 -2.55 -6.11 1.03
CA LEU A 20 -3.14 -6.51 -0.23
C LEU A 20 -2.78 -5.44 -1.26
N PHE A 21 -1.85 -5.73 -2.17
CA PHE A 21 -1.31 -4.73 -3.08
C PHE A 21 -2.18 -4.65 -4.34
N LEU A 22 -2.58 -3.43 -4.74
CA LEU A 22 -3.37 -3.19 -5.95
C LEU A 22 -2.55 -3.28 -7.26
N ASN A 23 -1.42 -4.01 -7.28
CA ASN A 23 -0.53 -4.10 -8.44
C ASN A 23 -0.03 -5.53 -8.60
N ALA A 24 0.19 -5.97 -9.84
CA ALA A 24 0.52 -7.35 -10.18
C ALA A 24 1.99 -7.59 -10.56
N LYS A 25 2.82 -6.53 -10.61
CA LYS A 25 4.20 -6.62 -11.14
C LYS A 25 5.19 -5.97 -10.20
N GLN A 26 4.93 -4.74 -9.74
CA GLN A 26 5.72 -4.11 -8.67
C GLN A 26 5.65 -4.94 -7.38
N TYR A 27 4.62 -5.77 -7.23
CA TYR A 27 4.50 -6.78 -6.18
C TYR A 27 5.75 -7.64 -6.06
N LYS A 28 6.39 -7.97 -7.18
CA LYS A 28 7.57 -8.83 -7.19
C LYS A 28 8.80 -8.21 -6.52
N LYS A 29 8.79 -6.90 -6.22
CA LYS A 29 9.85 -6.25 -5.42
C LYS A 29 9.34 -5.74 -4.09
N LEU A 30 8.07 -5.28 -4.01
CA LEU A 30 7.52 -4.82 -2.75
C LEU A 30 7.36 -6.00 -1.78
N SER A 31 7.02 -7.18 -2.29
CA SER A 31 6.92 -8.40 -1.49
C SER A 31 8.24 -8.72 -0.79
N PRO A 32 9.37 -8.97 -1.47
CA PRO A 32 10.61 -9.27 -0.77
C PRO A 32 11.03 -8.09 0.11
N ALA A 33 10.97 -6.84 -0.39
CA ALA A 33 11.44 -5.70 0.40
C ALA A 33 10.69 -5.58 1.74
N VAL A 34 9.35 -5.58 1.70
CA VAL A 34 8.56 -5.29 2.89
C VAL A 34 8.34 -6.55 3.72
N LEU A 35 8.45 -7.76 3.15
CA LEU A 35 8.46 -9.00 3.93
C LEU A 35 9.74 -9.07 4.76
N PHE A 36 10.89 -8.69 4.19
CA PHE A 36 12.12 -8.54 4.95
C PHE A 36 11.96 -7.40 5.98
N GLY A 37 11.21 -6.35 5.64
CA GLY A 37 10.78 -5.30 6.56
C GLY A 37 9.79 -5.77 7.64
N GLY A 38 9.19 -6.96 7.49
CA GLY A 38 8.40 -7.63 8.52
C GLY A 38 6.96 -7.96 8.12
N GLY A 39 6.42 -7.33 7.06
CA GLY A 39 5.00 -7.39 6.70
C GLY A 39 4.72 -8.32 5.52
N LYS A 40 3.74 -9.20 5.68
CA LYS A 40 3.38 -10.21 4.68
C LYS A 40 2.54 -9.56 3.57
N THR A 41 2.44 -10.21 2.41
CA THR A 41 1.88 -9.61 1.21
C THR A 41 0.89 -10.56 0.52
N ASP A 42 -0.09 -10.00 -0.17
CA ASP A 42 -1.05 -10.68 -1.05
C ASP A 42 -1.48 -9.71 -2.16
N LEU A 43 -2.22 -10.18 -3.15
CA LEU A 43 -2.57 -9.45 -4.38
C LEU A 43 -4.06 -9.07 -4.34
N LEU A 44 -4.40 -7.90 -4.89
CA LEU A 44 -5.76 -7.38 -5.02
C LEU A 44 -5.80 -6.50 -6.29
N MET A 45 -6.99 -6.13 -6.77
CA MET A 45 -7.14 -5.27 -7.95
C MET A 45 -8.27 -4.25 -7.78
N GLY A 46 -9.36 -4.61 -7.08
CA GLY A 46 -10.46 -3.68 -6.81
C GLY A 46 -11.77 -4.37 -6.44
N GLU A 47 -11.88 -5.69 -6.64
CA GLU A 47 -13.10 -6.44 -6.38
C GLU A 47 -13.52 -6.37 -4.90
N LEU A 48 -12.53 -6.24 -3.99
CA LEU A 48 -12.69 -6.12 -2.54
C LEU A 48 -13.74 -7.10 -2.00
N LYS A 49 -13.47 -8.39 -2.23
CA LYS A 49 -14.39 -9.51 -1.99
C LYS A 49 -14.82 -9.61 -0.52
N ASP A 50 -14.00 -9.10 0.39
CA ASP A 50 -14.29 -8.99 1.82
C ASP A 50 -13.83 -7.62 2.33
N ALA A 51 -14.44 -7.15 3.41
CA ALA A 51 -14.15 -5.90 4.09
C ALA A 51 -13.92 -6.10 5.59
N SER A 52 -14.00 -7.33 6.12
CA SER A 52 -13.57 -7.62 7.49
C SER A 52 -12.06 -7.32 7.58
N VAL A 53 -11.30 -7.60 6.51
CA VAL A 53 -9.91 -7.20 6.35
C VAL A 53 -9.66 -5.68 6.50
N LEU A 54 -10.70 -4.84 6.36
CA LEU A 54 -10.60 -3.37 6.45
C LEU A 54 -11.07 -2.85 7.82
N ASP A 55 -11.51 -3.73 8.71
CA ASP A 55 -11.91 -3.39 10.08
C ASP A 55 -11.01 -4.08 11.11
N ASN A 56 -10.60 -5.33 10.84
CA ASN A 56 -9.63 -6.06 11.66
C ASN A 56 -8.28 -5.31 11.70
N PRO A 57 -7.44 -5.53 12.73
CA PRO A 57 -6.17 -4.84 12.87
C PRO A 57 -5.13 -5.34 11.86
N ALA A 58 -4.01 -4.61 11.80
CA ALA A 58 -2.76 -4.95 11.11
C ALA A 58 -2.90 -5.47 9.68
N THR A 59 -3.94 -5.04 8.97
CA THR A 59 -4.19 -5.39 7.57
C THR A 59 -4.44 -4.09 6.81
N CYS A 60 -4.04 -4.01 5.54
CA CYS A 60 -4.29 -2.83 4.71
C CYS A 60 -4.16 -3.12 3.23
N VAL A 61 -4.37 -2.08 2.42
CA VAL A 61 -4.31 -2.12 0.97
C VAL A 61 -3.26 -1.09 0.54
N ILE A 62 -2.53 -1.41 -0.53
CA ILE A 62 -1.41 -0.62 -1.01
C ILE A 62 -1.82 -0.06 -2.36
N ASP A 63 -1.85 1.27 -2.43
CA ASP A 63 -2.08 2.03 -3.65
C ASP A 63 -0.81 2.06 -4.49
N VAL A 64 -0.98 2.20 -5.80
CA VAL A 64 0.07 2.08 -6.79
C VAL A 64 0.73 3.44 -6.98
N ALA A 65 2.03 3.47 -7.29
CA ALA A 65 2.76 4.70 -7.55
C ALA A 65 3.93 4.47 -8.51
N MET A 66 4.38 5.57 -9.10
CA MET A 66 5.56 5.71 -9.96
C MET A 66 5.87 7.21 -10.02
N THR A 67 6.90 7.61 -10.77
CA THR A 67 7.24 9.00 -11.07
C THR A 67 7.84 9.04 -12.48
N GLU A 68 7.73 10.16 -13.18
CA GLU A 68 8.28 10.35 -14.51
C GLU A 68 8.71 11.82 -14.66
N SER A 69 9.57 12.09 -15.64
CA SER A 69 10.28 13.34 -15.86
C SER A 69 9.37 14.54 -16.21
N GLN A 70 8.09 14.30 -16.53
CA GLN A 70 7.12 15.34 -16.86
C GLN A 70 5.76 14.85 -16.38
N LEU A 71 5.00 15.73 -15.73
CA LEU A 71 3.70 15.41 -15.13
C LEU A 71 2.70 14.92 -16.18
N SER A 72 2.80 15.44 -17.41
CA SER A 72 1.93 15.08 -18.53
C SER A 72 1.97 13.59 -18.88
N GLU A 73 3.04 12.87 -18.51
CA GLU A 73 3.16 11.43 -18.76
C GLU A 73 2.37 10.62 -17.73
N SER A 74 2.12 11.17 -16.54
CA SER A 74 1.42 10.50 -15.46
C SER A 74 -0.10 10.57 -15.68
N GLN A 75 -0.82 9.53 -15.28
CA GLN A 75 -2.29 9.50 -15.27
C GLN A 75 -2.88 10.50 -14.25
N SER A 76 -2.05 11.02 -13.34
CA SER A 76 -2.41 11.95 -12.28
C SER A 76 -2.95 13.30 -12.78
N THR A 77 -2.86 13.60 -14.08
CA THR A 77 -3.43 14.80 -14.68
C THR A 77 -4.96 14.84 -14.59
N GLN A 78 -5.61 13.67 -14.47
CA GLN A 78 -7.06 13.56 -14.42
C GLN A 78 -7.61 14.24 -13.15
N PRO A 79 -8.82 14.85 -13.20
CA PRO A 79 -9.47 15.47 -12.05
C PRO A 79 -10.09 14.45 -11.07
N TRP A 80 -9.90 13.15 -11.29
CA TRP A 80 -10.45 12.05 -10.50
C TRP A 80 -9.40 10.95 -10.36
N ILE A 81 -9.65 9.98 -9.48
CA ILE A 81 -8.73 8.90 -9.13
C ILE A 81 -9.48 7.57 -9.08
N THR A 82 -8.74 6.47 -9.16
CA THR A 82 -9.26 5.10 -9.21
C THR A 82 -10.23 4.85 -8.05
N SER A 83 -11.40 4.28 -8.35
CA SER A 83 -12.50 4.11 -7.41
C SER A 83 -12.12 3.33 -6.15
N THR A 84 -11.13 2.42 -6.24
CA THR A 84 -10.69 1.59 -5.13
C THR A 84 -10.23 2.41 -3.92
N LEU A 85 -9.68 3.61 -4.12
CA LEU A 85 -9.20 4.47 -3.03
C LEU A 85 -10.40 4.92 -2.18
N ASP A 86 -11.44 5.43 -2.85
CA ASP A 86 -12.69 5.86 -2.23
C ASP A 86 -13.47 4.68 -1.66
N LEU A 87 -13.41 3.51 -2.31
CA LEU A 87 -14.02 2.28 -1.83
C LEU A 87 -13.38 1.88 -0.50
N LEU A 88 -12.05 1.90 -0.43
CA LEU A 88 -11.30 1.65 0.80
C LEU A 88 -11.74 2.61 1.90
N GLN A 89 -11.79 3.91 1.59
CA GLN A 89 -12.19 4.93 2.54
C GLN A 89 -13.60 4.70 3.07
N SER A 90 -14.56 4.33 2.21
CA SER A 90 -15.94 4.16 2.64
C SER A 90 -16.13 2.87 3.45
N LYS A 91 -15.39 1.78 3.13
CA LYS A 91 -15.44 0.55 3.91
C LYS A 91 -14.85 0.82 5.30
N GLY A 92 -13.67 1.45 5.40
CA GLY A 92 -13.20 1.94 6.70
C GLY A 92 -11.69 2.14 6.82
N LEU A 93 -10.93 2.25 5.73
CA LEU A 93 -9.46 2.22 5.80
C LEU A 93 -8.83 3.13 4.75
N ARG A 94 -7.60 3.54 4.97
CA ARG A 94 -6.78 4.23 3.96
C ARG A 94 -6.09 3.15 3.12
N THR A 95 -5.72 3.51 1.89
CA THR A 95 -4.85 2.69 1.06
C THR A 95 -3.59 3.53 0.95
N ILE A 96 -2.44 2.92 1.25
CA ILE A 96 -1.19 3.65 1.44
C ILE A 96 -0.31 3.45 0.18
N PRO A 97 0.19 4.52 -0.48
CA PRO A 97 0.96 4.40 -1.72
C PRO A 97 2.28 3.64 -1.53
N GLU A 98 2.66 2.83 -2.53
CA GLU A 98 3.92 2.08 -2.51
C GLU A 98 5.15 3.00 -2.45
N ALA A 99 5.08 4.20 -3.07
CA ALA A 99 6.20 5.12 -3.11
C ALA A 99 6.40 5.78 -1.74
N GLU A 100 5.29 6.11 -1.07
CA GLU A 100 5.32 6.58 0.30
C GLU A 100 5.92 5.47 1.19
N ILE A 101 5.57 4.20 0.95
CA ILE A 101 6.16 3.09 1.68
C ILE A 101 7.67 3.04 1.45
N GLY A 102 8.16 3.20 0.23
CA GLY A 102 9.61 3.21 -0.01
C GLY A 102 10.29 4.33 0.77
N LEU A 103 9.72 5.54 0.77
CA LEU A 103 10.26 6.66 1.54
C LEU A 103 10.22 6.34 3.03
N ALA A 104 9.13 5.76 3.53
CA ALA A 104 8.98 5.40 4.93
C ALA A 104 9.88 4.24 5.35
N VAL A 105 10.22 3.32 4.44
CA VAL A 105 11.21 2.27 4.66
C VAL A 105 12.59 2.93 4.84
N ILE A 106 12.95 3.87 3.95
CA ILE A 106 14.22 4.58 4.03
C ILE A 106 14.29 5.40 5.32
N ASN A 107 13.21 6.10 5.67
CA ASN A 107 13.16 7.10 6.74
C ASN A 107 12.78 6.51 8.10
N VAL A 108 12.35 5.25 8.15
CA VAL A 108 11.85 4.57 9.35
C VAL A 108 10.67 5.37 9.95
N SER A 109 9.62 5.60 9.14
CA SER A 109 8.47 6.42 9.53
C SER A 109 7.10 5.82 9.18
N THR A 110 7.04 4.52 8.90
CA THR A 110 5.82 3.74 8.67
C THR A 110 4.82 3.84 9.84
N GLU A 111 5.25 4.38 10.98
CA GLU A 111 4.47 4.70 12.17
C GLU A 111 3.18 5.44 11.84
N ILE A 112 3.30 6.45 10.97
CA ILE A 112 2.25 7.42 10.66
C ILE A 112 2.22 7.64 9.14
N TYR A 113 3.38 7.67 8.49
CA TYR A 113 3.54 8.08 7.09
C TYR A 113 2.69 7.18 6.17
N CYS A 114 2.77 5.88 6.44
CA CYS A 114 2.09 4.78 5.75
C CYS A 114 1.26 4.00 6.77
N ASN A 115 0.70 4.70 7.76
CA ASN A 115 -0.28 4.13 8.66
C ASN A 115 -1.63 4.16 7.95
N PRO A 116 -2.27 3.00 7.73
CA PRO A 116 -3.50 2.88 6.96
C PRO A 116 -4.77 3.07 7.80
N ARG A 117 -4.65 3.29 9.12
CA ARG A 117 -5.79 3.23 10.05
C ARG A 117 -5.80 4.36 11.07
N ARG A 118 -4.62 4.81 11.49
CA ARG A 118 -4.38 5.90 12.42
C ARG A 118 -5.30 5.75 13.64
N MET A 8 21.48 -7.00 11.41
CA MET A 8 20.73 -8.00 12.21
C MET A 8 19.76 -8.76 11.29
N LYS A 9 19.69 -10.08 11.43
CA LYS A 9 18.78 -10.91 10.60
C LYS A 9 17.31 -10.64 10.93
N ARG A 10 16.98 -10.45 12.21
CA ARG A 10 15.65 -10.03 12.63
C ARG A 10 15.41 -8.59 12.15
N LYS A 11 14.18 -8.26 11.76
CA LYS A 11 13.80 -6.92 11.34
C LYS A 11 12.59 -6.45 12.15
N SER A 12 11.48 -7.21 12.10
CA SER A 12 10.24 -6.93 12.81
C SER A 12 9.70 -5.48 12.60
N ILE A 13 10.06 -4.85 11.48
CA ILE A 13 9.69 -3.50 11.08
C ILE A 13 8.16 -3.37 10.96
N PHE A 14 7.48 -4.40 10.46
CA PHE A 14 6.04 -4.45 10.25
C PHE A 14 5.46 -5.75 10.83
N LYS A 15 6.07 -6.29 11.89
CA LYS A 15 5.59 -7.52 12.51
C LYS A 15 4.14 -7.37 12.96
N ASP A 16 3.39 -8.47 12.92
CA ASP A 16 1.96 -8.53 13.23
C ASP A 16 1.17 -7.44 12.49
N LYS A 17 1.37 -7.36 11.17
CA LYS A 17 0.64 -6.49 10.26
C LYS A 17 0.37 -7.29 8.99
N VAL A 18 -0.50 -6.79 8.11
CA VAL A 18 -0.82 -7.37 6.82
C VAL A 18 -0.91 -6.21 5.82
N PHE A 19 -0.72 -6.47 4.53
CA PHE A 19 -1.04 -5.48 3.50
C PHE A 19 -1.44 -6.15 2.19
N LEU A 20 -2.28 -5.45 1.43
CA LEU A 20 -2.60 -5.80 0.05
C LEU A 20 -1.72 -4.90 -0.83
N PHE A 21 -1.35 -5.32 -2.03
CA PHE A 21 -0.50 -4.52 -2.90
C PHE A 21 -1.16 -4.39 -4.28
N LEU A 22 -1.24 -3.17 -4.79
CA LEU A 22 -1.94 -2.82 -6.03
C LEU A 22 -1.10 -3.12 -7.30
N ASN A 23 -0.08 -3.99 -7.24
CA ASN A 23 0.81 -4.31 -8.35
C ASN A 23 1.09 -5.81 -8.37
N ALA A 24 1.33 -6.40 -9.56
CA ALA A 24 1.42 -7.85 -9.75
C ALA A 24 2.81 -8.36 -10.17
N LYS A 25 3.84 -7.49 -10.26
CA LYS A 25 5.19 -7.89 -10.67
C LYS A 25 6.20 -7.54 -9.59
N GLN A 26 6.23 -6.29 -9.14
CA GLN A 26 7.06 -5.86 -8.01
C GLN A 26 6.69 -6.67 -6.75
N TYR A 27 5.45 -7.17 -6.69
CA TYR A 27 4.93 -8.08 -5.68
C TYR A 27 5.89 -9.24 -5.43
N LYS A 28 6.51 -9.80 -6.47
CA LYS A 28 7.32 -11.00 -6.33
C LYS A 28 8.59 -10.78 -5.51
N LYS A 29 9.00 -9.53 -5.26
CA LYS A 29 10.11 -9.20 -4.36
C LYS A 29 9.65 -8.43 -3.13
N LEU A 30 8.62 -7.57 -3.24
CA LEU A 30 8.11 -6.86 -2.08
C LEU A 30 7.52 -7.85 -1.07
N SER A 31 6.86 -8.91 -1.55
CA SER A 31 6.30 -9.97 -0.71
C SER A 31 7.37 -10.59 0.19
N PRO A 32 8.42 -11.25 -0.33
CA PRO A 32 9.43 -11.85 0.55
C PRO A 32 10.18 -10.79 1.37
N ALA A 33 10.50 -9.62 0.81
CA ALA A 33 11.25 -8.59 1.52
C ALA A 33 10.50 -8.15 2.78
N VAL A 34 9.24 -7.74 2.65
CA VAL A 34 8.50 -7.19 3.77
C VAL A 34 7.89 -8.32 4.63
N LEU A 35 7.79 -9.54 4.11
CA LEU A 35 7.44 -10.70 4.93
C LEU A 35 8.56 -10.96 5.94
N PHE A 36 9.83 -10.93 5.50
CA PHE A 36 10.97 -10.95 6.41
C PHE A 36 10.98 -9.66 7.27
N GLY A 37 10.47 -8.56 6.72
CA GLY A 37 10.21 -7.32 7.46
C GLY A 37 9.20 -7.52 8.60
N GLY A 38 8.34 -8.54 8.53
CA GLY A 38 7.48 -9.00 9.62
C GLY A 38 6.01 -9.12 9.22
N GLY A 39 5.56 -8.39 8.21
CA GLY A 39 4.13 -8.25 7.88
C GLY A 39 3.71 -9.15 6.73
N LYS A 40 2.50 -9.69 6.79
CA LYS A 40 1.96 -10.58 5.76
C LYS A 40 1.57 -9.77 4.53
N THR A 41 1.55 -10.43 3.37
CA THR A 41 1.43 -9.78 2.08
C THR A 41 0.36 -10.48 1.23
N ASP A 42 -0.43 -9.69 0.49
CA ASP A 42 -1.47 -10.15 -0.43
C ASP A 42 -1.60 -9.14 -1.57
N LEU A 43 -2.44 -9.40 -2.58
CA LEU A 43 -2.50 -8.64 -3.82
C LEU A 43 -3.93 -8.12 -4.05
N LEU A 44 -4.05 -6.98 -4.72
CA LEU A 44 -5.29 -6.28 -5.05
C LEU A 44 -5.14 -5.75 -6.48
N MET A 45 -6.23 -5.66 -7.23
CA MET A 45 -6.20 -5.20 -8.62
C MET A 45 -7.36 -4.27 -8.95
N GLY A 46 -8.54 -4.50 -8.34
CA GLY A 46 -9.71 -3.64 -8.53
C GLY A 46 -11.03 -4.35 -8.20
N GLU A 47 -10.98 -5.54 -7.61
CA GLU A 47 -12.16 -6.31 -7.23
C GLU A 47 -12.77 -5.77 -5.93
N LEU A 48 -11.95 -5.25 -5.01
CA LEU A 48 -12.31 -4.86 -3.63
C LEU A 48 -13.43 -5.73 -3.02
N LYS A 49 -13.25 -7.05 -3.10
CA LYS A 49 -14.27 -8.05 -2.77
C LYS A 49 -14.79 -7.92 -1.34
N ASP A 50 -13.96 -7.43 -0.43
CA ASP A 50 -14.24 -7.27 1.00
C ASP A 50 -13.76 -5.89 1.45
N ALA A 51 -14.36 -5.37 2.52
CA ALA A 51 -14.02 -4.10 3.15
C ALA A 51 -13.51 -4.28 4.59
N SER A 52 -13.58 -5.48 5.17
CA SER A 52 -13.00 -5.78 6.48
C SER A 52 -11.48 -5.58 6.44
N VAL A 53 -10.84 -5.86 5.31
CA VAL A 53 -9.44 -5.53 5.05
C VAL A 53 -9.10 -4.04 5.22
N LEU A 54 -10.08 -3.13 5.12
CA LEU A 54 -9.82 -1.68 5.31
C LEU A 54 -10.30 -1.20 6.68
N ASP A 55 -10.96 -2.05 7.47
CA ASP A 55 -11.61 -1.65 8.72
C ASP A 55 -10.93 -2.25 9.96
N ASN A 56 -10.38 -3.46 9.84
CA ASN A 56 -9.58 -4.09 10.89
C ASN A 56 -8.35 -3.24 11.24
N PRO A 57 -7.75 -3.40 12.43
CA PRO A 57 -6.72 -2.48 12.94
C PRO A 57 -5.29 -2.69 12.41
N ALA A 58 -5.01 -3.69 11.55
CA ALA A 58 -3.63 -4.05 11.21
C ALA A 58 -3.43 -4.45 9.74
N THR A 59 -4.24 -3.92 8.83
CA THR A 59 -4.09 -4.15 7.39
C THR A 59 -3.86 -2.80 6.68
N CYS A 60 -3.29 -2.84 5.47
CA CYS A 60 -2.90 -1.68 4.67
C CYS A 60 -3.14 -1.99 3.19
N VAL A 61 -2.99 -0.99 2.31
CA VAL A 61 -2.94 -1.19 0.87
C VAL A 61 -1.78 -0.36 0.35
N ILE A 62 -0.97 -0.99 -0.49
CA ILE A 62 0.27 -0.43 -1.01
C ILE A 62 -0.03 0.12 -2.41
N ASP A 63 0.16 1.43 -2.56
CA ASP A 63 0.04 2.16 -3.82
C ASP A 63 1.30 1.93 -4.66
N VAL A 64 1.16 2.01 -5.98
CA VAL A 64 2.23 1.83 -6.96
C VAL A 64 2.91 3.18 -7.26
N ALA A 65 2.21 4.30 -7.04
CA ALA A 65 2.59 5.65 -7.45
C ALA A 65 2.99 5.73 -8.94
N MET A 66 2.34 4.92 -9.78
CA MET A 66 2.52 4.91 -11.23
C MET A 66 1.56 5.96 -11.81
N THR A 67 1.93 7.23 -11.69
CA THR A 67 1.10 8.38 -12.03
C THR A 67 1.94 9.42 -12.80
N GLU A 68 1.27 10.37 -13.46
CA GLU A 68 1.87 11.41 -14.32
C GLU A 68 2.74 10.81 -15.45
N SER A 69 2.47 9.56 -15.84
CA SER A 69 3.26 8.80 -16.82
C SER A 69 3.27 9.46 -18.20
N GLN A 70 2.19 10.16 -18.56
CA GLN A 70 2.01 10.94 -19.78
C GLN A 70 1.11 12.14 -19.44
N LEU A 71 1.17 13.20 -20.25
CA LEU A 71 0.23 14.32 -20.18
C LEU A 71 -1.14 13.80 -20.63
N SER A 72 -2.19 14.10 -19.85
CA SER A 72 -3.56 13.69 -20.12
C SER A 72 -4.07 14.30 -21.43
N GLU A 73 -4.95 13.59 -22.14
CA GLU A 73 -5.59 14.07 -23.37
C GLU A 73 -7.06 13.64 -23.46
N SER A 74 -7.48 12.63 -22.69
CA SER A 74 -8.85 12.11 -22.65
C SER A 74 -9.83 13.07 -21.95
N GLN A 75 -9.34 14.16 -21.34
CA GLN A 75 -10.06 15.06 -20.44
C GLN A 75 -10.56 14.31 -19.19
N SER A 76 -11.21 15.03 -18.27
CA SER A 76 -11.63 14.52 -16.98
C SER A 76 -12.95 15.17 -16.56
N THR A 77 -13.68 14.51 -15.66
CA THR A 77 -15.00 14.91 -15.17
C THR A 77 -15.07 14.79 -13.63
N GLN A 78 -13.91 14.75 -12.98
CA GLN A 78 -13.74 14.54 -11.54
C GLN A 78 -12.53 15.37 -11.08
N PRO A 79 -12.54 15.92 -9.85
CA PRO A 79 -11.42 16.72 -9.34
C PRO A 79 -10.24 15.86 -8.90
N TRP A 80 -10.50 14.63 -8.42
CA TRP A 80 -9.44 13.68 -8.06
C TRP A 80 -8.92 12.99 -9.33
N ILE A 81 -7.73 12.40 -9.23
CA ILE A 81 -7.01 11.81 -10.37
C ILE A 81 -6.50 10.38 -10.04
N THR A 82 -6.86 9.86 -8.87
CA THR A 82 -6.33 8.63 -8.28
C THR A 82 -7.48 7.89 -7.62
N SER A 83 -8.53 7.59 -8.41
CA SER A 83 -9.81 7.07 -7.95
C SER A 83 -9.71 5.89 -6.98
N THR A 84 -8.80 4.94 -7.20
CA THR A 84 -8.65 3.77 -6.32
C THR A 84 -8.11 4.19 -4.94
N LEU A 85 -7.16 5.14 -4.91
CA LEU A 85 -6.53 5.64 -3.69
C LEU A 85 -7.58 6.43 -2.89
N ASP A 86 -8.36 7.27 -3.59
CA ASP A 86 -9.44 8.08 -3.03
C ASP A 86 -10.57 7.20 -2.47
N LEU A 87 -10.93 6.15 -3.22
CA LEU A 87 -11.95 5.18 -2.81
C LEU A 87 -11.49 4.48 -1.52
N LEU A 88 -10.24 4.04 -1.45
CA LEU A 88 -9.72 3.35 -0.28
C LEU A 88 -9.68 4.28 0.93
N GLN A 89 -9.32 5.56 0.74
CA GLN A 89 -9.44 6.58 1.77
C GLN A 89 -10.88 6.66 2.28
N SER A 90 -11.86 6.65 1.38
CA SER A 90 -13.27 6.73 1.76
C SER A 90 -13.73 5.45 2.47
N LYS A 91 -13.29 4.27 2.02
CA LYS A 91 -13.69 2.99 2.60
C LYS A 91 -13.08 2.76 3.98
N GLY A 92 -11.85 3.24 4.24
CA GLY A 92 -11.34 3.23 5.60
C GLY A 92 -9.89 3.66 5.81
N LEU A 93 -9.00 3.60 4.81
CA LEU A 93 -7.57 3.79 5.06
C LEU A 93 -6.81 4.39 3.88
N ARG A 94 -5.68 5.05 4.20
CA ARG A 94 -4.76 5.65 3.23
C ARG A 94 -4.02 4.53 2.50
N THR A 95 -3.71 4.76 1.23
CA THR A 95 -2.86 3.89 0.46
C THR A 95 -1.44 4.43 0.57
N ILE A 96 -0.43 3.58 0.78
CA ILE A 96 0.91 4.02 1.09
C ILE A 96 1.88 3.53 -0.02
N PRO A 97 2.62 4.40 -0.73
CA PRO A 97 3.43 3.99 -1.89
C PRO A 97 4.50 2.94 -1.56
N GLU A 98 4.73 2.01 -2.46
CA GLU A 98 5.80 1.01 -2.34
C GLU A 98 7.20 1.65 -2.23
N ALA A 99 7.40 2.82 -2.85
CA ALA A 99 8.68 3.54 -2.76
C ALA A 99 8.87 4.07 -1.33
N GLU A 100 7.78 4.54 -0.72
CA GLU A 100 7.77 5.01 0.65
C GLU A 100 8.04 3.82 1.57
N ILE A 101 7.42 2.65 1.30
CA ILE A 101 7.65 1.41 2.04
C ILE A 101 9.15 1.12 2.05
N GLY A 102 9.81 1.09 0.89
CA GLY A 102 11.24 0.82 0.83
C GLY A 102 12.04 1.83 1.62
N LEU A 103 11.75 3.14 1.49
CA LEU A 103 12.46 4.17 2.24
C LEU A 103 12.29 3.97 3.75
N ALA A 104 11.07 3.71 4.22
CA ALA A 104 10.78 3.49 5.63
C ALA A 104 11.41 2.20 6.15
N VAL A 105 11.49 1.15 5.32
CA VAL A 105 12.18 -0.09 5.66
C VAL A 105 13.68 0.19 5.84
N ILE A 106 14.29 0.98 4.95
CA ILE A 106 15.71 1.34 5.04
C ILE A 106 15.95 2.17 6.30
N ASN A 107 15.11 3.19 6.56
CA ASN A 107 15.35 4.17 7.61
C ASN A 107 14.81 3.75 8.98
N VAL A 108 14.01 2.67 9.03
CA VAL A 108 13.26 2.21 10.19
C VAL A 108 12.33 3.35 10.70
N SER A 109 11.42 3.79 9.82
CA SER A 109 10.49 4.90 10.06
C SER A 109 9.04 4.53 9.72
N THR A 110 8.71 3.24 9.71
CA THR A 110 7.39 2.68 9.40
C THR A 110 6.28 3.13 10.37
N GLU A 111 6.64 3.82 11.46
CA GLU A 111 5.75 4.31 12.52
C GLU A 111 4.58 5.11 11.94
N ILE A 112 4.89 6.13 11.14
CA ILE A 112 3.98 7.14 10.65
C ILE A 112 4.13 7.29 9.13
N TYR A 113 5.35 7.06 8.61
CA TYR A 113 5.67 7.28 7.20
C TYR A 113 4.77 6.40 6.33
N CYS A 114 4.77 5.10 6.63
CA CYS A 114 4.07 4.06 5.88
C CYS A 114 3.02 3.47 6.80
N ASN A 115 2.11 4.34 7.22
CA ASN A 115 1.02 4.04 8.13
C ASN A 115 -0.25 4.48 7.43
N PRO A 116 -1.20 3.55 7.19
CA PRO A 116 -2.40 3.82 6.42
C PRO A 116 -3.56 4.34 7.29
N ARG A 117 -3.39 4.43 8.62
CA ARG A 117 -4.49 4.65 9.57
C ARG A 117 -4.21 5.77 10.57
N ARG A 118 -2.98 5.83 11.07
CA ARG A 118 -2.48 6.85 12.00
C ARG A 118 -3.52 7.12 13.10
N MET A 8 19.86 -14.50 12.13
CA MET A 8 20.30 -13.82 10.88
C MET A 8 20.35 -12.30 11.11
N LYS A 9 19.23 -11.57 10.95
CA LYS A 9 19.12 -10.12 11.14
C LYS A 9 17.76 -9.82 11.76
N ARG A 10 17.59 -8.61 12.30
CA ARG A 10 16.29 -8.10 12.75
C ARG A 10 15.33 -8.09 11.55
N LYS A 11 14.05 -8.32 11.83
CA LYS A 11 12.99 -8.43 10.81
C LYS A 11 11.70 -7.85 11.39
N SER A 12 11.76 -6.57 11.80
CA SER A 12 10.73 -5.91 12.57
C SER A 12 10.40 -4.51 12.03
N ILE A 13 10.69 -4.25 10.75
CA ILE A 13 10.34 -3.02 10.05
C ILE A 13 8.81 -2.87 9.95
N PHE A 14 8.09 -3.98 9.69
CA PHE A 14 6.63 -4.01 9.55
C PHE A 14 6.04 -5.28 10.16
N LYS A 15 6.72 -5.89 11.14
CA LYS A 15 6.19 -7.01 11.89
C LYS A 15 4.86 -6.65 12.54
N ASP A 16 4.01 -7.67 12.76
CA ASP A 16 2.62 -7.55 13.22
C ASP A 16 1.83 -6.47 12.45
N LYS A 17 1.92 -6.52 11.11
CA LYS A 17 1.11 -5.72 10.18
C LYS A 17 0.84 -6.59 8.96
N VAL A 18 -0.22 -6.29 8.22
CA VAL A 18 -0.56 -6.96 6.98
C VAL A 18 -1.01 -5.92 5.95
N PHE A 19 -0.90 -6.23 4.65
CA PHE A 19 -1.51 -5.37 3.64
C PHE A 19 -2.09 -6.13 2.45
N LEU A 20 -2.94 -5.44 1.69
CA LEU A 20 -3.53 -5.90 0.43
C LEU A 20 -2.89 -5.03 -0.67
N PHE A 21 -2.26 -5.61 -1.69
CA PHE A 21 -1.60 -4.82 -2.73
C PHE A 21 -2.54 -4.69 -3.92
N LEU A 22 -2.72 -3.47 -4.44
CA LEU A 22 -3.53 -3.17 -5.62
C LEU A 22 -2.80 -3.50 -6.93
N ASN A 23 -1.83 -4.42 -6.95
CA ASN A 23 -0.95 -4.71 -8.10
C ASN A 23 -0.67 -6.20 -8.19
N ALA A 24 -0.57 -6.73 -9.41
CA ALA A 24 -0.50 -8.17 -9.68
C ALA A 24 0.90 -8.68 -10.06
N LYS A 25 1.95 -7.86 -10.04
CA LYS A 25 3.28 -8.22 -10.58
C LYS A 25 4.40 -7.83 -9.64
N GLN A 26 4.51 -6.56 -9.25
CA GLN A 26 5.45 -6.12 -8.22
C GLN A 26 5.18 -6.83 -6.89
N TYR A 27 3.96 -7.36 -6.69
CA TYR A 27 3.63 -8.23 -5.57
C TYR A 27 4.66 -9.35 -5.38
N LYS A 28 5.18 -9.92 -6.47
CA LYS A 28 6.15 -11.01 -6.42
C LYS A 28 7.50 -10.59 -5.80
N LYS A 29 7.79 -9.30 -5.63
CA LYS A 29 8.97 -8.81 -4.92
C LYS A 29 8.61 -8.06 -3.63
N LEU A 30 7.47 -7.37 -3.59
CA LEU A 30 6.98 -6.74 -2.37
C LEU A 30 6.74 -7.82 -1.30
N SER A 31 6.21 -8.98 -1.67
CA SER A 31 5.95 -10.07 -0.74
C SER A 31 7.23 -10.53 -0.01
N PRO A 32 8.30 -10.99 -0.68
CA PRO A 32 9.51 -11.40 0.02
C PRO A 32 10.21 -10.23 0.72
N ALA A 33 10.19 -9.02 0.13
CA ALA A 33 10.82 -7.87 0.77
C ALA A 33 10.16 -7.55 2.13
N VAL A 34 8.84 -7.42 2.14
CA VAL A 34 8.10 -7.06 3.35
C VAL A 34 8.05 -8.25 4.31
N LEU A 35 8.10 -9.50 3.84
CA LEU A 35 8.24 -10.67 4.70
C LEU A 35 9.58 -10.63 5.45
N PHE A 36 10.67 -10.29 4.77
CA PHE A 36 11.95 -10.06 5.43
C PHE A 36 11.89 -8.84 6.35
N GLY A 37 11.01 -7.87 6.04
CA GLY A 37 10.68 -6.75 6.90
C GLY A 37 9.82 -7.15 8.13
N GLY A 38 9.25 -8.35 8.14
CA GLY A 38 8.45 -8.89 9.24
C GLY A 38 6.95 -8.95 8.93
N GLY A 39 6.46 -8.17 7.96
CA GLY A 39 5.03 -7.99 7.70
C GLY A 39 4.44 -9.10 6.84
N LYS A 40 3.12 -9.02 6.62
CA LYS A 40 2.36 -9.97 5.81
C LYS A 40 1.74 -9.27 4.61
N THR A 41 1.54 -10.02 3.54
CA THR A 41 1.17 -9.48 2.24
C THR A 41 0.09 -10.35 1.61
N ASP A 42 -0.90 -9.72 0.98
CA ASP A 42 -2.02 -10.33 0.27
C ASP A 42 -2.36 -9.44 -0.92
N LEU A 43 -3.30 -9.84 -1.78
CA LEU A 43 -3.58 -9.21 -3.06
C LEU A 43 -5.10 -9.18 -3.24
N LEU A 44 -5.67 -7.98 -3.31
CA LEU A 44 -7.11 -7.74 -3.52
C LEU A 44 -7.24 -6.41 -4.27
N MET A 45 -8.32 -6.24 -5.05
CA MET A 45 -8.43 -5.13 -5.99
C MET A 45 -9.75 -4.34 -5.96
N GLY A 46 -10.82 -4.84 -5.32
CA GLY A 46 -12.08 -4.10 -5.30
C GLY A 46 -13.26 -4.90 -4.75
N GLU A 47 -13.22 -6.23 -4.83
CA GLU A 47 -14.17 -7.12 -4.17
C GLU A 47 -13.79 -7.19 -2.68
N LEU A 48 -13.88 -6.06 -1.97
CA LEU A 48 -13.56 -5.93 -0.56
C LEU A 48 -14.46 -6.89 0.21
N LYS A 49 -13.88 -8.01 0.64
CA LYS A 49 -14.60 -9.14 1.22
C LYS A 49 -15.47 -8.72 2.41
N ASP A 50 -14.94 -7.85 3.26
CA ASP A 50 -15.67 -7.16 4.33
C ASP A 50 -14.89 -5.89 4.70
N ALA A 51 -15.48 -4.97 5.45
CA ALA A 51 -14.85 -3.74 5.89
C ALA A 51 -13.84 -3.94 7.04
N SER A 52 -13.68 -5.16 7.55
CA SER A 52 -12.83 -5.46 8.70
C SER A 52 -11.37 -5.10 8.39
N VAL A 53 -10.92 -5.40 7.18
CA VAL A 53 -9.59 -5.07 6.69
C VAL A 53 -9.33 -3.56 6.62
N LEU A 54 -10.38 -2.71 6.67
CA LEU A 54 -10.26 -1.25 6.59
C LEU A 54 -10.54 -0.60 7.96
N ASP A 55 -10.90 -1.39 8.98
CA ASP A 55 -11.27 -0.89 10.30
C ASP A 55 -10.22 -1.27 11.35
N ASN A 56 -9.65 -2.48 11.27
CA ASN A 56 -8.70 -3.01 12.25
C ASN A 56 -7.39 -2.18 12.29
N PRO A 57 -6.63 -2.22 13.41
CA PRO A 57 -5.51 -1.31 13.64
C PRO A 57 -4.22 -1.59 12.85
N ALA A 58 -4.11 -2.68 12.07
CA ALA A 58 -2.83 -3.09 11.49
C ALA A 58 -2.94 -3.66 10.06
N THR A 59 -3.91 -3.18 9.28
CA THR A 59 -4.06 -3.55 7.86
C THR A 59 -3.96 -2.29 6.99
N CYS A 60 -3.48 -2.48 5.77
CA CYS A 60 -3.19 -1.42 4.80
C CYS A 60 -3.65 -1.86 3.42
N VAL A 61 -3.72 -0.92 2.48
CA VAL A 61 -3.91 -1.23 1.08
C VAL A 61 -2.85 -0.41 0.34
N ILE A 62 -2.12 -1.07 -0.57
CA ILE A 62 -0.93 -0.51 -1.19
C ILE A 62 -1.32 -0.01 -2.58
N ASP A 63 -1.15 1.30 -2.78
CA ASP A 63 -1.34 2.04 -4.02
C ASP A 63 -0.15 1.80 -4.95
N VAL A 64 -0.35 1.96 -6.26
CA VAL A 64 0.67 1.86 -7.29
C VAL A 64 1.21 3.26 -7.65
N ALA A 65 0.44 4.33 -7.35
CA ALA A 65 0.74 5.73 -7.61
C ALA A 65 1.00 6.07 -9.10
N MET A 66 0.67 5.16 -10.02
CA MET A 66 0.68 5.43 -11.46
C MET A 66 -0.33 6.54 -11.76
N THR A 67 0.09 7.56 -12.52
CA THR A 67 -0.75 8.71 -12.85
C THR A 67 -0.42 9.20 -14.26
N GLU A 68 0.87 9.43 -14.55
CA GLU A 68 1.48 9.84 -15.82
C GLU A 68 1.05 11.21 -16.35
N SER A 69 -0.25 11.55 -16.24
CA SER A 69 -0.88 12.74 -16.81
C SER A 69 -0.18 14.03 -16.40
N GLN A 70 0.38 14.09 -15.19
CA GLN A 70 1.10 15.24 -14.65
C GLN A 70 2.27 15.70 -15.56
N LEU A 71 2.78 14.83 -16.44
CA LEU A 71 3.84 15.14 -17.41
C LEU A 71 3.47 14.67 -18.82
N SER A 72 2.20 14.32 -19.06
CA SER A 72 1.75 13.71 -20.33
C SER A 72 0.42 14.29 -20.84
N GLU A 73 -0.24 15.18 -20.11
CA GLU A 73 -1.53 15.76 -20.46
C GLU A 73 -1.61 17.17 -19.85
N SER A 74 -2.54 18.00 -20.35
CA SER A 74 -2.82 19.34 -19.84
C SER A 74 -3.59 19.34 -18.50
N GLN A 75 -3.71 18.19 -17.83
CA GLN A 75 -4.37 18.01 -16.54
C GLN A 75 -3.53 17.03 -15.72
N SER A 76 -3.49 17.23 -14.40
CA SER A 76 -2.68 16.44 -13.48
C SER A 76 -3.07 14.96 -13.42
N THR A 77 -4.31 14.63 -13.79
CA THR A 77 -4.91 13.31 -13.68
C THR A 77 -5.78 13.03 -14.91
N GLN A 78 -6.10 11.75 -15.14
CA GLN A 78 -7.01 11.26 -16.17
C GLN A 78 -7.80 10.09 -15.56
N PRO A 79 -8.98 9.73 -16.11
CA PRO A 79 -9.88 8.75 -15.49
C PRO A 79 -9.33 7.31 -15.46
N TRP A 80 -8.14 7.04 -16.01
CA TRP A 80 -7.48 5.76 -15.83
C TRP A 80 -6.99 5.53 -14.39
N ILE A 81 -6.95 6.57 -13.54
CA ILE A 81 -6.61 6.43 -12.14
C ILE A 81 -7.62 5.50 -11.45
N THR A 82 -7.15 4.60 -10.59
CA THR A 82 -7.97 3.66 -9.84
C THR A 82 -8.84 4.41 -8.82
N SER A 83 -10.16 4.36 -8.98
CA SER A 83 -11.12 4.95 -8.04
C SER A 83 -11.05 4.31 -6.65
N THR A 84 -10.43 3.13 -6.54
CA THR A 84 -10.24 2.36 -5.32
C THR A 84 -9.63 3.20 -4.19
N LEU A 85 -8.75 4.16 -4.52
CA LEU A 85 -8.10 5.06 -3.58
C LEU A 85 -9.16 5.85 -2.80
N ASP A 86 -10.08 6.51 -3.53
CA ASP A 86 -11.14 7.34 -2.96
C ASP A 86 -12.21 6.47 -2.28
N LEU A 87 -12.50 5.30 -2.84
CA LEU A 87 -13.42 4.33 -2.26
C LEU A 87 -12.90 3.88 -0.90
N LEU A 88 -11.60 3.58 -0.78
CA LEU A 88 -11.00 3.14 0.48
C LEU A 88 -10.92 4.28 1.49
N GLN A 89 -10.67 5.51 1.03
CA GLN A 89 -10.80 6.68 1.89
C GLN A 89 -12.23 6.81 2.43
N SER A 90 -13.24 6.47 1.63
CA SER A 90 -14.63 6.48 2.07
C SER A 90 -14.95 5.34 3.05
N LYS A 91 -14.34 4.14 2.88
CA LYS A 91 -14.48 3.06 3.85
C LYS A 91 -13.88 3.49 5.20
N GLY A 92 -12.64 4.01 5.18
CA GLY A 92 -12.04 4.66 6.34
C GLY A 92 -10.53 4.46 6.45
N LEU A 93 -9.83 4.21 5.33
CA LEU A 93 -8.40 3.89 5.34
C LEU A 93 -7.69 4.61 4.20
N ARG A 94 -6.40 4.90 4.35
CA ARG A 94 -5.58 5.51 3.32
C ARG A 94 -4.90 4.41 2.51
N THR A 95 -4.81 4.61 1.20
CA THR A 95 -4.01 3.78 0.32
C THR A 95 -2.61 4.39 0.29
N ILE A 96 -1.57 3.57 0.39
CA ILE A 96 -0.20 4.04 0.59
C ILE A 96 0.71 3.51 -0.53
N PRO A 97 1.47 4.34 -1.25
CA PRO A 97 2.29 3.89 -2.38
C PRO A 97 3.29 2.80 -2.03
N GLU A 98 3.44 1.79 -2.90
CA GLU A 98 4.50 0.81 -2.82
C GLU A 98 5.90 1.46 -2.87
N ALA A 99 6.02 2.63 -3.51
CA ALA A 99 7.24 3.41 -3.53
C ALA A 99 7.63 3.84 -2.10
N GLU A 100 6.65 4.28 -1.30
CA GLU A 100 6.89 4.71 0.07
C GLU A 100 7.09 3.51 1.00
N ILE A 101 6.48 2.35 0.71
CA ILE A 101 6.79 1.10 1.40
C ILE A 101 8.30 0.87 1.25
N GLY A 102 8.81 0.87 0.01
CA GLY A 102 10.21 0.62 -0.24
C GLY A 102 11.10 1.67 0.39
N LEU A 103 10.79 2.97 0.24
CA LEU A 103 11.60 4.05 0.82
C LEU A 103 11.71 3.87 2.34
N ALA A 104 10.59 3.59 3.02
CA ALA A 104 10.58 3.45 4.46
C ALA A 104 11.32 2.18 4.91
N VAL A 105 11.25 1.10 4.13
CA VAL A 105 12.02 -0.12 4.38
C VAL A 105 13.52 0.18 4.27
N ILE A 106 13.94 0.96 3.25
CA ILE A 106 15.35 1.32 3.03
C ILE A 106 15.82 2.24 4.17
N ASN A 107 15.03 3.26 4.52
CA ASN A 107 15.45 4.33 5.43
C ASN A 107 15.21 4.03 6.92
N VAL A 108 14.48 2.95 7.23
CA VAL A 108 14.02 2.61 8.57
C VAL A 108 13.10 3.74 9.07
N SER A 109 12.01 4.00 8.34
CA SER A 109 11.11 5.13 8.54
C SER A 109 9.63 4.73 8.33
N THR A 110 9.28 3.51 8.71
CA THR A 110 7.92 2.95 8.67
C THR A 110 7.06 3.59 9.76
N GLU A 111 6.78 4.90 9.63
CA GLU A 111 6.16 5.72 10.67
C GLU A 111 4.94 6.45 10.13
N ILE A 112 5.12 7.22 9.05
CA ILE A 112 4.05 7.97 8.38
C ILE A 112 4.15 7.88 6.85
N TYR A 113 5.32 7.50 6.31
CA TYR A 113 5.52 7.35 4.87
C TYR A 113 4.45 6.44 4.26
N CYS A 114 4.21 5.32 4.93
CA CYS A 114 3.41 4.22 4.45
C CYS A 114 2.62 3.65 5.64
N ASN A 115 1.94 4.58 6.33
CA ASN A 115 1.03 4.34 7.44
C ASN A 115 -0.37 4.63 6.91
N PRO A 116 -1.26 3.64 6.84
CA PRO A 116 -2.54 3.76 6.16
C PRO A 116 -3.63 4.39 7.04
N ARG A 117 -3.31 4.84 8.25
CA ARG A 117 -4.33 5.27 9.22
C ARG A 117 -3.96 6.59 9.91
N ARG A 118 -2.67 6.79 10.16
CA ARG A 118 -2.09 7.98 10.78
C ARG A 118 -2.96 8.47 11.94
N MET A 8 20.27 -1.82 13.13
CA MET A 8 19.15 -2.79 13.22
C MET A 8 18.86 -3.37 11.84
N LYS A 9 18.84 -4.71 11.72
CA LYS A 9 18.48 -5.40 10.48
C LYS A 9 17.03 -5.08 10.12
N ARG A 10 16.70 -5.06 8.82
CA ARG A 10 15.37 -4.71 8.33
C ARG A 10 14.27 -5.72 8.70
N LYS A 11 14.57 -6.80 9.43
CA LYS A 11 13.64 -7.88 9.76
C LYS A 11 12.38 -7.42 10.51
N SER A 12 12.35 -6.21 11.04
CA SER A 12 11.24 -5.69 11.85
C SER A 12 10.60 -4.42 11.26
N ILE A 13 10.88 -4.11 9.98
CA ILE A 13 10.35 -2.97 9.25
C ILE A 13 8.83 -2.84 9.40
N PHE A 14 8.09 -3.95 9.31
CA PHE A 14 6.63 -3.99 9.42
C PHE A 14 6.18 -5.26 10.15
N LYS A 15 6.95 -5.69 11.15
CA LYS A 15 6.59 -6.85 11.97
C LYS A 15 5.19 -6.65 12.56
N ASP A 16 4.47 -7.76 12.71
CA ASP A 16 3.09 -7.81 13.22
C ASP A 16 2.17 -6.80 12.49
N LYS A 17 2.22 -6.80 11.16
CA LYS A 17 1.30 -6.07 10.28
C LYS A 17 0.93 -7.00 9.14
N VAL A 18 -0.08 -6.63 8.36
CA VAL A 18 -0.55 -7.37 7.19
C VAL A 18 -0.90 -6.33 6.11
N PHE A 19 -0.86 -6.67 4.82
CA PHE A 19 -1.42 -5.81 3.78
C PHE A 19 -1.97 -6.58 2.59
N LEU A 20 -2.84 -5.90 1.85
CA LEU A 20 -3.40 -6.35 0.58
C LEU A 20 -2.85 -5.40 -0.48
N PHE A 21 -2.05 -5.89 -1.44
CA PHE A 21 -1.63 -5.07 -2.56
C PHE A 21 -2.77 -5.00 -3.57
N LEU A 22 -3.02 -3.83 -4.15
CA LEU A 22 -3.96 -3.65 -5.25
C LEU A 22 -3.20 -3.73 -6.60
N ASN A 23 -2.18 -4.59 -6.74
CA ASN A 23 -1.31 -4.68 -7.91
C ASN A 23 -0.94 -6.13 -8.20
N ALA A 24 -1.20 -6.62 -9.41
CA ALA A 24 -1.07 -8.04 -9.73
C ALA A 24 0.35 -8.48 -10.12
N LYS A 25 1.34 -7.58 -10.19
CA LYS A 25 2.67 -7.90 -10.75
C LYS A 25 3.80 -7.46 -9.84
N GLN A 26 3.79 -6.22 -9.35
CA GLN A 26 4.78 -5.76 -8.38
C GLN A 26 4.72 -6.60 -7.10
N TYR A 27 3.56 -7.20 -6.81
CA TYR A 27 3.36 -8.16 -5.72
C TYR A 27 4.42 -9.26 -5.72
N LYS A 28 4.88 -9.71 -6.89
CA LYS A 28 5.88 -10.77 -7.00
C LYS A 28 7.20 -10.42 -6.30
N LYS A 29 7.50 -9.15 -6.08
CA LYS A 29 8.70 -8.69 -5.36
C LYS A 29 8.33 -8.00 -4.05
N LEU A 30 7.26 -7.21 -4.01
CA LEU A 30 6.89 -6.50 -2.78
C LEU A 30 6.48 -7.49 -1.70
N SER A 31 5.80 -8.58 -2.07
CA SER A 31 5.41 -9.64 -1.13
C SER A 31 6.64 -10.21 -0.41
N PRO A 32 7.64 -10.82 -1.09
CA PRO A 32 8.79 -11.36 -0.40
C PRO A 32 9.58 -10.26 0.33
N ALA A 33 9.73 -9.07 -0.26
CA ALA A 33 10.48 -7.99 0.36
C ALA A 33 9.94 -7.64 1.75
N VAL A 34 8.64 -7.35 1.85
CA VAL A 34 8.06 -6.91 3.12
C VAL A 34 7.72 -8.11 4.01
N LEU A 35 7.59 -9.33 3.47
CA LEU A 35 7.48 -10.53 4.27
C LEU A 35 8.78 -10.72 5.06
N PHE A 36 9.94 -10.61 4.39
CA PHE A 36 11.23 -10.56 5.07
C PHE A 36 11.35 -9.31 5.95
N GLY A 37 10.66 -8.22 5.58
CA GLY A 37 10.50 -7.03 6.40
C GLY A 37 9.63 -7.22 7.66
N GLY A 38 8.94 -8.36 7.79
CA GLY A 38 8.25 -8.75 9.01
C GLY A 38 6.72 -8.84 8.86
N GLY A 39 6.13 -8.15 7.89
CA GLY A 39 4.68 -8.03 7.74
C GLY A 39 4.13 -9.01 6.72
N LYS A 40 2.91 -9.53 6.95
CA LYS A 40 2.27 -10.47 6.04
C LYS A 40 1.74 -9.73 4.82
N THR A 41 1.66 -10.44 3.70
CA THR A 41 1.39 -9.84 2.40
C THR A 41 0.38 -10.72 1.65
N ASP A 42 -0.60 -10.09 1.00
CA ASP A 42 -1.63 -10.72 0.19
C ASP A 42 -1.97 -9.79 -0.98
N LEU A 43 -2.78 -10.24 -1.93
CA LEU A 43 -3.10 -9.55 -3.17
C LEU A 43 -4.61 -9.72 -3.40
N LEU A 44 -5.31 -8.60 -3.57
CA LEU A 44 -6.75 -8.55 -3.78
C LEU A 44 -7.03 -7.53 -4.88
N MET A 45 -7.80 -7.94 -5.88
CA MET A 45 -8.18 -7.12 -7.03
C MET A 45 -9.50 -7.71 -7.55
N GLY A 46 -10.54 -7.60 -6.73
CA GLY A 46 -11.84 -8.22 -6.96
C GLY A 46 -12.93 -7.40 -6.30
N GLU A 47 -13.93 -8.08 -5.73
CA GLU A 47 -15.14 -7.49 -5.21
C GLU A 47 -14.90 -6.48 -4.07
N LEU A 48 -13.77 -6.59 -3.35
CA LEU A 48 -13.51 -5.87 -2.08
C LEU A 48 -14.72 -6.00 -1.14
N LYS A 49 -15.31 -7.20 -1.12
CA LYS A 49 -16.55 -7.47 -0.40
C LYS A 49 -16.33 -7.53 1.11
N ASP A 50 -15.17 -8.00 1.55
CA ASP A 50 -14.79 -7.98 2.97
C ASP A 50 -14.52 -6.54 3.41
N ALA A 51 -14.73 -6.23 4.69
CA ALA A 51 -14.42 -4.92 5.26
C ALA A 51 -13.71 -5.03 6.62
N SER A 52 -13.55 -6.22 7.18
CA SER A 52 -12.76 -6.45 8.37
C SER A 52 -11.29 -6.10 8.08
N VAL A 53 -10.81 -6.31 6.86
CA VAL A 53 -9.47 -5.92 6.43
C VAL A 53 -9.21 -4.40 6.52
N LEU A 54 -10.26 -3.56 6.56
CA LEU A 54 -10.13 -2.10 6.66
C LEU A 54 -10.51 -1.59 8.06
N ASP A 55 -10.83 -2.49 8.98
CA ASP A 55 -11.36 -2.13 10.31
C ASP A 55 -10.51 -2.69 11.45
N ASN A 56 -9.91 -3.87 11.27
CA ASN A 56 -8.93 -4.43 12.22
C ASN A 56 -7.73 -3.48 12.36
N PRO A 57 -6.97 -3.52 13.46
CA PRO A 57 -5.95 -2.52 13.77
C PRO A 57 -4.60 -2.66 13.04
N ALA A 58 -4.37 -3.67 12.21
CA ALA A 58 -3.02 -3.96 11.68
C ALA A 58 -2.98 -4.43 10.22
N THR A 59 -4.00 -4.10 9.42
CA THR A 59 -4.01 -4.41 7.99
C THR A 59 -3.96 -3.10 7.18
N CYS A 60 -3.54 -3.18 5.92
CA CYS A 60 -3.34 -2.05 5.00
C CYS A 60 -3.81 -2.43 3.60
N VAL A 61 -3.90 -1.43 2.72
CA VAL A 61 -4.22 -1.58 1.30
C VAL A 61 -3.20 -0.74 0.53
N ILE A 62 -2.49 -1.36 -0.40
CA ILE A 62 -1.32 -0.76 -1.06
C ILE A 62 -1.74 -0.28 -2.45
N ASP A 63 -1.54 1.01 -2.70
CA ASP A 63 -1.81 1.75 -3.93
C ASP A 63 -0.60 1.65 -4.88
N VAL A 64 -0.78 2.13 -6.12
CA VAL A 64 0.19 2.05 -7.20
C VAL A 64 0.53 3.47 -7.63
N ALA A 65 1.80 3.85 -7.53
CA ALA A 65 2.34 5.13 -7.97
C ALA A 65 3.71 4.95 -8.65
N MET A 66 4.46 3.91 -8.23
CA MET A 66 5.80 3.53 -8.68
C MET A 66 6.86 4.61 -8.39
N THR A 67 8.13 4.27 -8.57
CA THR A 67 9.27 5.13 -8.28
C THR A 67 9.45 6.24 -9.35
N GLU A 68 8.72 6.17 -10.46
CA GLU A 68 8.68 7.20 -11.50
C GLU A 68 7.26 7.17 -12.08
N SER A 69 6.73 8.34 -12.44
CA SER A 69 5.33 8.53 -12.82
C SER A 69 5.21 9.44 -14.05
N GLN A 70 6.29 9.59 -14.83
CA GLN A 70 6.36 10.45 -15.99
C GLN A 70 5.31 10.02 -17.02
N LEU A 71 4.45 10.96 -17.42
CA LEU A 71 3.39 10.81 -18.42
C LEU A 71 3.22 12.16 -19.12
N SER A 72 2.63 12.15 -20.31
CA SER A 72 2.23 13.36 -21.02
C SER A 72 1.17 14.12 -20.19
N GLU A 73 1.15 15.45 -20.30
CA GLU A 73 0.07 16.27 -19.75
C GLU A 73 -1.22 16.00 -20.53
N SER A 74 -2.37 16.21 -19.88
CA SER A 74 -3.70 15.92 -20.45
C SER A 74 -4.65 17.13 -20.35
N GLN A 75 -4.14 18.30 -19.96
CA GLN A 75 -4.89 19.55 -19.80
C GLN A 75 -6.17 19.35 -18.98
N SER A 76 -6.05 18.65 -17.85
CA SER A 76 -7.16 18.31 -16.96
C SER A 76 -6.68 18.39 -15.49
N THR A 77 -7.66 18.39 -14.57
CA THR A 77 -7.44 18.50 -13.13
C THR A 77 -8.45 17.54 -12.44
N GLN A 78 -8.19 17.14 -11.19
CA GLN A 78 -8.94 16.14 -10.44
C GLN A 78 -9.20 14.88 -11.30
N PRO A 79 -8.14 14.15 -11.71
CA PRO A 79 -8.27 13.04 -12.64
C PRO A 79 -9.01 11.82 -12.05
N TRP A 80 -9.09 11.70 -10.71
CA TRP A 80 -9.68 10.57 -9.99
C TRP A 80 -9.26 9.23 -10.61
N ILE A 81 -7.93 9.00 -10.61
CA ILE A 81 -7.24 7.92 -11.32
C ILE A 81 -7.93 6.55 -11.21
N THR A 82 -8.42 6.19 -10.01
CA THR A 82 -9.19 4.97 -9.79
C THR A 82 -10.14 5.25 -8.62
N SER A 83 -11.38 4.76 -8.70
CA SER A 83 -12.37 4.91 -7.63
C SER A 83 -11.94 4.19 -6.35
N THR A 84 -11.10 3.15 -6.46
CA THR A 84 -10.69 2.27 -5.38
C THR A 84 -10.02 3.03 -4.23
N LEU A 85 -9.26 4.09 -4.52
CA LEU A 85 -8.58 4.92 -3.51
C LEU A 85 -9.64 5.55 -2.59
N ASP A 86 -10.62 6.22 -3.19
CA ASP A 86 -11.68 6.94 -2.49
C ASP A 86 -12.65 5.98 -1.79
N LEU A 87 -12.93 4.83 -2.42
CA LEU A 87 -13.75 3.77 -1.88
C LEU A 87 -13.11 3.23 -0.59
N LEU A 88 -11.81 2.92 -0.62
CA LEU A 88 -11.10 2.39 0.55
C LEU A 88 -10.97 3.44 1.64
N GLN A 89 -10.75 4.71 1.30
CA GLN A 89 -10.79 5.81 2.25
C GLN A 89 -12.15 5.87 2.95
N SER A 90 -13.25 5.69 2.22
CA SER A 90 -14.60 5.69 2.78
C SER A 90 -14.84 4.45 3.67
N LYS A 91 -14.35 3.27 3.26
CA LYS A 91 -14.52 2.04 4.04
C LYS A 91 -13.72 2.10 5.35
N GLY A 92 -12.51 2.66 5.36
CA GLY A 92 -11.81 2.92 6.61
C GLY A 92 -10.32 3.24 6.52
N LEU A 93 -9.62 3.03 5.39
CA LEU A 93 -8.16 3.12 5.34
C LEU A 93 -7.66 3.89 4.13
N ARG A 94 -6.57 4.62 4.31
CA ARG A 94 -5.82 5.25 3.23
C ARG A 94 -5.18 4.13 2.42
N THR A 95 -5.03 4.37 1.12
CA THR A 95 -4.39 3.45 0.21
C THR A 95 -2.97 3.96 0.06
N ILE A 96 -2.00 3.26 0.65
CA ILE A 96 -0.63 3.77 0.76
C ILE A 96 0.17 3.29 -0.46
N PRO A 97 0.83 4.17 -1.24
CA PRO A 97 1.50 3.73 -2.46
C PRO A 97 2.71 2.87 -2.14
N GLU A 98 2.98 1.88 -2.99
CA GLU A 98 4.17 1.05 -2.91
C GLU A 98 5.47 1.88 -2.87
N ALA A 99 5.49 3.03 -3.56
CA ALA A 99 6.62 3.94 -3.58
C ALA A 99 6.97 4.45 -2.17
N GLU A 100 5.98 4.76 -1.33
CA GLU A 100 6.23 5.23 0.03
C GLU A 100 6.66 4.07 0.93
N ILE A 101 6.25 2.82 0.62
CA ILE A 101 6.81 1.65 1.30
C ILE A 101 8.29 1.57 0.96
N GLY A 102 8.67 1.68 -0.32
CA GLY A 102 10.08 1.60 -0.71
C GLY A 102 10.91 2.67 -0.02
N LEU A 103 10.45 3.93 0.01
CA LEU A 103 11.17 4.99 0.71
C LEU A 103 11.27 4.71 2.21
N ALA A 104 10.22 4.21 2.85
CA ALA A 104 10.26 3.90 4.26
C ALA A 104 11.17 2.71 4.56
N VAL A 105 11.25 1.73 3.67
CA VAL A 105 12.17 0.60 3.74
C VAL A 105 13.61 1.13 3.67
N ILE A 106 13.90 1.99 2.70
CA ILE A 106 15.24 2.55 2.48
C ILE A 106 15.63 3.41 3.69
N ASN A 107 14.77 4.35 4.09
CA ASN A 107 15.09 5.33 5.14
C ASN A 107 14.91 4.78 6.56
N VAL A 108 14.38 3.56 6.71
CA VAL A 108 13.93 2.95 7.97
C VAL A 108 13.01 3.90 8.74
N SER A 109 11.89 4.27 8.11
CA SER A 109 10.93 5.27 8.58
C SER A 109 9.48 4.81 8.34
N THR A 110 9.18 3.54 8.60
CA THR A 110 7.84 2.97 8.57
C THR A 110 7.00 3.55 9.72
N GLU A 111 6.53 4.79 9.57
CA GLU A 111 5.90 5.57 10.64
C GLU A 111 4.61 6.20 10.15
N ILE A 112 4.69 7.03 9.10
CA ILE A 112 3.55 7.72 8.49
C ILE A 112 3.60 7.66 6.96
N TYR A 113 4.78 7.46 6.38
CA TYR A 113 4.98 7.34 4.93
C TYR A 113 3.99 6.33 4.35
N CYS A 114 3.88 5.18 4.99
CA CYS A 114 3.08 4.04 4.56
C CYS A 114 2.31 3.52 5.78
N ASN A 115 1.52 4.42 6.36
CA ASN A 115 0.62 4.14 7.47
C ASN A 115 -0.80 4.45 6.98
N PRO A 116 -1.69 3.45 6.89
CA PRO A 116 -3.00 3.60 6.27
C PRO A 116 -4.08 4.12 7.25
N ARG A 117 -3.73 4.33 8.52
CA ARG A 117 -4.68 4.58 9.61
C ARG A 117 -4.33 5.83 10.42
N ARG A 118 -3.04 6.02 10.72
CA ARG A 118 -2.48 7.18 11.44
C ARG A 118 -3.39 7.56 12.63
N MET A 8 14.90 -11.69 18.93
CA MET A 8 15.75 -10.47 18.94
C MET A 8 15.50 -9.68 17.67
N LYS A 9 15.51 -8.35 17.75
CA LYS A 9 15.45 -7.47 16.57
C LYS A 9 16.67 -7.77 15.70
N ARG A 10 16.48 -7.80 14.37
CA ARG A 10 17.59 -7.91 13.41
C ARG A 10 17.24 -7.20 12.11
N LYS A 11 16.02 -7.37 11.61
CA LYS A 11 15.49 -6.68 10.43
C LYS A 11 14.10 -6.20 10.79
N SER A 12 13.12 -7.12 10.74
CA SER A 12 11.75 -6.95 11.25
C SER A 12 11.07 -5.64 10.78
N ILE A 13 11.39 -5.16 9.57
CA ILE A 13 10.93 -3.88 9.02
C ILE A 13 9.40 -3.80 9.03
N PHE A 14 8.70 -4.88 8.68
CA PHE A 14 7.23 -4.95 8.72
C PHE A 14 6.75 -6.31 9.23
N LYS A 15 7.56 -7.00 10.03
CA LYS A 15 7.15 -8.25 10.65
C LYS A 15 5.88 -8.04 11.48
N ASP A 16 5.04 -9.07 11.52
CA ASP A 16 3.70 -9.04 12.11
C ASP A 16 2.84 -7.87 11.60
N LYS A 17 2.77 -7.71 10.27
CA LYS A 17 1.86 -6.79 9.57
C LYS A 17 1.46 -7.47 8.26
N VAL A 18 0.33 -7.06 7.70
CA VAL A 18 -0.15 -7.53 6.40
C VAL A 18 -0.67 -6.33 5.61
N PHE A 19 -0.72 -6.41 4.28
CA PHE A 19 -1.44 -5.40 3.49
C PHE A 19 -2.11 -5.98 2.25
N LEU A 20 -3.00 -5.18 1.67
CA LEU A 20 -3.77 -5.48 0.47
C LEU A 20 -3.33 -4.48 -0.60
N PHE A 21 -2.74 -4.92 -1.71
CA PHE A 21 -2.28 -4.00 -2.74
C PHE A 21 -3.44 -3.66 -3.67
N LEU A 22 -3.50 -2.40 -4.14
CA LEU A 22 -4.41 -1.96 -5.20
C LEU A 22 -3.71 -1.99 -6.57
N ASN A 23 -2.71 -2.86 -6.76
CA ASN A 23 -1.96 -3.00 -8.02
C ASN A 23 -1.48 -4.45 -8.13
N ALA A 24 -1.48 -5.02 -9.33
CA ALA A 24 -1.18 -6.43 -9.56
C ALA A 24 0.16 -6.67 -10.31
N LYS A 25 0.94 -5.62 -10.62
CA LYS A 25 2.20 -5.75 -11.37
C LYS A 25 3.37 -5.50 -10.45
N GLN A 26 3.46 -4.32 -9.83
CA GLN A 26 4.45 -4.04 -8.80
C GLN A 26 4.32 -5.02 -7.63
N TYR A 27 3.13 -5.61 -7.44
CA TYR A 27 2.87 -6.72 -6.53
C TYR A 27 3.97 -7.76 -6.59
N LYS A 28 4.39 -8.14 -7.80
CA LYS A 28 5.31 -9.25 -8.01
C LYS A 28 6.72 -8.98 -7.46
N LYS A 29 7.08 -7.73 -7.15
CA LYS A 29 8.36 -7.37 -6.53
C LYS A 29 8.19 -6.80 -5.12
N LEU A 30 7.10 -6.08 -4.87
CA LEU A 30 6.82 -5.55 -3.54
C LEU A 30 6.54 -6.70 -2.57
N SER A 31 5.86 -7.76 -3.02
CA SER A 31 5.61 -8.95 -2.20
C SER A 31 6.91 -9.59 -1.68
N PRO A 32 7.87 -10.02 -2.53
CA PRO A 32 9.11 -10.58 -2.02
C PRO A 32 9.94 -9.55 -1.23
N ALA A 33 9.93 -8.28 -1.62
CA ALA A 33 10.64 -7.25 -0.85
C ALA A 33 10.09 -7.14 0.58
N VAL A 34 8.77 -7.02 0.74
CA VAL A 34 8.14 -6.86 2.05
C VAL A 34 8.23 -8.18 2.83
N LEU A 35 8.21 -9.34 2.16
CA LEU A 35 8.43 -10.63 2.82
C LEU A 35 9.84 -10.72 3.38
N PHE A 36 10.85 -10.27 2.63
CA PHE A 36 12.22 -10.14 3.13
C PHE A 36 12.27 -9.15 4.30
N GLY A 37 11.40 -8.13 4.30
CA GLY A 37 11.20 -7.19 5.39
C GLY A 37 10.39 -7.76 6.57
N GLY A 38 9.79 -8.94 6.44
CA GLY A 38 9.07 -9.65 7.51
C GLY A 38 7.55 -9.66 7.32
N GLY A 39 6.99 -8.76 6.52
CA GLY A 39 5.55 -8.54 6.42
C GLY A 39 4.88 -9.46 5.41
N LYS A 40 3.55 -9.37 5.33
CA LYS A 40 2.74 -10.22 4.45
C LYS A 40 1.92 -9.35 3.48
N THR A 41 1.60 -9.92 2.33
CA THR A 41 1.00 -9.19 1.23
C THR A 41 -0.15 -10.01 0.63
N ASP A 42 -1.18 -9.31 0.16
CA ASP A 42 -2.35 -9.86 -0.53
C ASP A 42 -2.81 -8.82 -1.56
N LEU A 43 -3.77 -9.16 -2.41
CA LEU A 43 -4.17 -8.35 -3.56
C LEU A 43 -5.70 -8.24 -3.54
N LEU A 44 -6.22 -7.01 -3.54
CA LEU A 44 -7.67 -6.77 -3.46
C LEU A 44 -7.99 -5.50 -4.26
N MET A 45 -8.25 -5.69 -5.55
CA MET A 45 -8.37 -4.60 -6.53
C MET A 45 -9.66 -3.79 -6.37
N GLY A 46 -10.74 -4.42 -5.90
CA GLY A 46 -12.04 -3.77 -5.79
C GLY A 46 -13.19 -4.72 -5.47
N GLU A 47 -12.95 -6.03 -5.45
CA GLU A 47 -13.97 -7.02 -5.09
C GLU A 47 -14.47 -6.81 -3.65
N LEU A 48 -13.63 -6.24 -2.78
CA LEU A 48 -13.95 -5.76 -1.42
C LEU A 48 -14.84 -6.74 -0.66
N LYS A 49 -14.42 -8.01 -0.65
CA LYS A 49 -15.17 -9.14 -0.10
C LYS A 49 -15.48 -8.97 1.40
N ASP A 50 -14.61 -8.25 2.11
CA ASP A 50 -14.69 -8.05 3.56
C ASP A 50 -14.27 -6.61 3.89
N ALA A 51 -14.73 -6.12 5.04
CA ALA A 51 -14.43 -4.82 5.62
C ALA A 51 -13.81 -4.92 7.02
N SER A 52 -13.75 -6.12 7.62
CA SER A 52 -13.06 -6.34 8.88
C SER A 52 -11.58 -5.99 8.72
N VAL A 53 -10.99 -6.26 7.55
CA VAL A 53 -9.62 -5.88 7.22
C VAL A 53 -9.33 -4.38 7.39
N LEU A 54 -10.33 -3.49 7.28
CA LEU A 54 -10.09 -2.04 7.41
C LEU A 54 -10.34 -1.56 8.86
N ASP A 55 -10.91 -2.40 9.71
CA ASP A 55 -11.06 -2.10 11.14
C ASP A 55 -9.93 -2.72 11.97
N ASN A 56 -9.59 -3.99 11.67
CA ASN A 56 -8.64 -4.78 12.44
C ASN A 56 -7.23 -4.16 12.40
N PRO A 57 -6.39 -4.41 13.42
CA PRO A 57 -5.06 -3.81 13.51
C PRO A 57 -4.11 -4.40 12.46
N ALA A 58 -2.94 -3.77 12.34
CA ALA A 58 -1.79 -4.21 11.57
C ALA A 58 -2.10 -4.63 10.11
N THR A 59 -3.13 -4.03 9.52
CA THR A 59 -3.51 -4.22 8.13
C THR A 59 -3.49 -2.85 7.44
N CYS A 60 -3.20 -2.84 6.14
CA CYS A 60 -3.04 -1.65 5.32
C CYS A 60 -3.63 -1.92 3.93
N VAL A 61 -3.80 -0.87 3.14
CA VAL A 61 -4.13 -0.97 1.72
C VAL A 61 -3.12 -0.08 1.01
N ILE A 62 -2.58 -0.53 -0.11
CA ILE A 62 -1.44 0.13 -0.76
C ILE A 62 -1.93 0.81 -2.04
N ASP A 63 -1.80 2.13 -2.07
CA ASP A 63 -1.99 2.98 -3.24
C ASP A 63 -0.77 2.83 -4.17
N VAL A 64 -0.96 3.05 -5.46
CA VAL A 64 0.03 2.79 -6.50
C VAL A 64 1.02 3.96 -6.71
N ALA A 65 0.85 5.09 -6.03
CA ALA A 65 1.75 6.26 -6.08
C ALA A 65 1.91 6.92 -7.45
N MET A 66 1.11 6.54 -8.46
CA MET A 66 1.16 7.10 -9.82
C MET A 66 0.30 8.37 -9.90
N THR A 67 0.38 9.22 -8.87
CA THR A 67 -0.49 10.38 -8.66
C THR A 67 -0.25 11.52 -9.67
N GLU A 68 0.85 11.48 -10.44
CA GLU A 68 1.16 12.45 -11.48
C GLU A 68 0.10 12.42 -12.59
N SER A 69 0.01 13.50 -13.37
CA SER A 69 -1.04 13.73 -14.37
C SER A 69 -0.46 14.05 -15.75
N GLN A 70 0.85 13.86 -15.94
CA GLN A 70 1.59 14.20 -17.16
C GLN A 70 2.52 13.02 -17.55
N LEU A 71 2.12 11.78 -17.24
CA LEU A 71 2.80 10.58 -17.74
C LEU A 71 2.71 10.53 -19.26
N SER A 72 1.60 11.05 -19.80
CA SER A 72 1.22 11.03 -21.21
C SER A 72 0.48 12.35 -21.50
N GLU A 73 -0.20 12.46 -22.65
CA GLU A 73 -1.10 13.58 -22.91
C GLU A 73 -2.29 13.51 -21.94
N SER A 74 -2.96 14.64 -21.72
CA SER A 74 -4.17 14.71 -20.90
C SER A 74 -5.33 13.90 -21.52
N GLN A 75 -5.28 13.62 -22.82
CA GLN A 75 -6.25 12.78 -23.52
C GLN A 75 -6.02 11.29 -23.24
N SER A 76 -4.79 10.88 -22.90
CA SER A 76 -4.44 9.48 -22.70
C SER A 76 -5.11 8.93 -21.42
N THR A 77 -5.31 7.62 -21.37
CA THR A 77 -5.88 6.89 -20.24
C THR A 77 -4.83 6.72 -19.11
N GLN A 78 -4.30 7.84 -18.60
CA GLN A 78 -3.38 7.85 -17.46
C GLN A 78 -4.08 7.29 -16.21
N PRO A 79 -3.33 6.79 -15.21
CA PRO A 79 -3.92 6.24 -13.99
C PRO A 79 -4.57 7.32 -13.10
N TRP A 80 -4.01 8.54 -13.10
CA TRP A 80 -4.34 9.62 -12.17
C TRP A 80 -4.56 9.07 -10.75
N ILE A 81 -5.74 9.28 -10.15
CA ILE A 81 -6.19 8.67 -8.91
C ILE A 81 -7.64 8.21 -9.11
N THR A 82 -8.15 7.40 -8.18
CA THR A 82 -9.49 6.83 -8.26
C THR A 82 -10.19 7.01 -6.91
N SER A 83 -11.52 6.95 -6.91
CA SER A 83 -12.36 7.16 -5.73
C SER A 83 -12.07 6.12 -4.62
N THR A 84 -11.47 4.99 -4.96
CA THR A 84 -11.16 3.91 -4.03
C THR A 84 -10.26 4.39 -2.88
N LEU A 85 -9.34 5.34 -3.15
CA LEU A 85 -8.45 5.93 -2.15
C LEU A 85 -9.28 6.64 -1.08
N ASP A 86 -10.18 7.53 -1.52
CA ASP A 86 -11.04 8.32 -0.63
C ASP A 86 -12.06 7.43 0.09
N LEU A 87 -12.63 6.47 -0.63
CA LEU A 87 -13.56 5.49 -0.09
C LEU A 87 -12.90 4.76 1.08
N LEU A 88 -11.69 4.24 0.89
CA LEU A 88 -10.99 3.47 1.92
C LEU A 88 -10.58 4.38 3.09
N GLN A 89 -10.19 5.63 2.83
CA GLN A 89 -9.91 6.61 3.87
C GLN A 89 -11.12 6.76 4.79
N SER A 90 -12.34 6.87 4.23
CA SER A 90 -13.56 6.90 5.03
C SER A 90 -13.88 5.54 5.66
N LYS A 91 -13.64 4.44 4.94
CA LYS A 91 -14.03 3.09 5.35
C LYS A 91 -13.23 2.62 6.57
N GLY A 92 -11.95 2.98 6.68
CA GLY A 92 -11.19 2.76 7.90
C GLY A 92 -9.68 3.02 7.81
N LEU A 93 -9.06 3.00 6.62
CA LEU A 93 -7.60 3.03 6.49
C LEU A 93 -7.15 3.91 5.34
N ARG A 94 -6.04 4.61 5.55
CA ARG A 94 -5.33 5.34 4.51
C ARG A 94 -4.77 4.35 3.51
N THR A 95 -4.83 4.71 2.24
CA THR A 95 -4.24 3.95 1.16
C THR A 95 -2.81 4.46 1.02
N ILE A 96 -1.85 3.77 1.63
CA ILE A 96 -0.49 4.27 1.74
C ILE A 96 0.22 4.06 0.40
N PRO A 97 0.87 5.07 -0.21
CA PRO A 97 1.57 4.91 -1.47
C PRO A 97 2.67 3.84 -1.38
N GLU A 98 2.85 3.05 -2.44
CA GLU A 98 3.96 2.12 -2.59
C GLU A 98 5.31 2.83 -2.42
N ALA A 99 5.38 4.12 -2.80
CA ALA A 99 6.58 4.94 -2.71
C ALA A 99 6.96 5.21 -1.25
N GLU A 100 5.99 5.39 -0.34
CA GLU A 100 6.30 5.63 1.06
C GLU A 100 6.82 4.34 1.72
N ILE A 101 6.31 3.17 1.30
CA ILE A 101 6.89 1.89 1.71
C ILE A 101 8.34 1.85 1.24
N GLY A 102 8.63 2.11 -0.03
CA GLY A 102 9.99 2.02 -0.54
C GLY A 102 10.95 2.96 0.20
N LEU A 103 10.55 4.22 0.43
CA LEU A 103 11.36 5.19 1.17
C LEU A 103 11.65 4.67 2.58
N ALA A 104 10.62 4.17 3.28
CA ALA A 104 10.79 3.66 4.63
C ALA A 104 11.64 2.38 4.68
N VAL A 105 11.54 1.51 3.66
CA VAL A 105 12.37 0.32 3.53
C VAL A 105 13.85 0.75 3.37
N ILE A 106 14.12 1.77 2.54
CA ILE A 106 15.46 2.30 2.32
C ILE A 106 16.00 2.90 3.62
N ASN A 107 15.20 3.75 4.30
CA ASN A 107 15.67 4.55 5.43
C ASN A 107 15.55 3.82 6.78
N VAL A 108 14.87 2.67 6.81
CA VAL A 108 14.49 1.92 8.00
C VAL A 108 13.63 2.82 8.93
N SER A 109 12.50 3.29 8.39
CA SER A 109 11.60 4.26 9.03
C SER A 109 10.13 3.88 8.82
N THR A 110 9.80 2.59 8.91
CA THR A 110 8.46 2.03 8.81
C THR A 110 7.60 2.37 10.05
N GLU A 111 7.40 3.66 10.30
CA GLU A 111 6.81 4.19 11.54
C GLU A 111 5.52 4.94 11.23
N ILE A 112 5.63 5.96 10.37
CA ILE A 112 4.58 6.93 10.06
C ILE A 112 4.46 7.08 8.54
N TYR A 113 5.57 6.93 7.81
CA TYR A 113 5.64 7.01 6.35
C TYR A 113 4.56 6.15 5.70
N CYS A 114 4.53 4.88 6.10
CA CYS A 114 3.74 3.82 5.48
C CYS A 114 2.91 3.15 6.56
N ASN A 115 2.25 4.00 7.34
CA ASN A 115 1.35 3.66 8.41
C ASN A 115 -0.05 4.08 7.94
N PRO A 116 -1.00 3.15 7.84
CA PRO A 116 -2.31 3.40 7.25
C PRO A 116 -3.35 3.88 8.28
N ARG A 117 -3.02 3.94 9.57
CA ARG A 117 -3.99 4.14 10.64
C ARG A 117 -3.66 5.38 11.49
N ARG A 118 -2.37 5.60 11.74
CA ARG A 118 -1.79 6.79 12.38
C ARG A 118 -2.69 7.30 13.52
N MET A 8 17.46 -10.85 13.71
CA MET A 8 18.01 -9.70 12.96
C MET A 8 17.37 -8.41 13.48
N LYS A 9 18.18 -7.51 14.08
CA LYS A 9 17.70 -6.34 14.82
C LYS A 9 16.71 -5.52 14.00
N ARG A 10 15.49 -5.36 14.53
CA ARG A 10 14.39 -4.56 13.99
C ARG A 10 13.96 -4.90 12.55
N LYS A 11 14.44 -6.01 11.96
CA LYS A 11 14.19 -6.37 10.56
C LYS A 11 12.72 -6.74 10.30
N SER A 12 11.92 -7.01 11.32
CA SER A 12 10.49 -7.22 11.24
C SER A 12 9.78 -5.94 10.77
N ILE A 13 9.76 -5.70 9.46
CA ILE A 13 9.13 -4.54 8.84
C ILE A 13 7.62 -4.61 9.10
N PHE A 14 6.94 -5.66 8.60
CA PHE A 14 5.48 -5.79 8.63
C PHE A 14 5.09 -7.24 8.95
N LYS A 15 5.88 -7.94 9.77
CA LYS A 15 5.80 -9.38 10.02
C LYS A 15 4.36 -9.90 10.24
N ASP A 16 3.59 -9.12 11.00
CA ASP A 16 2.21 -9.44 11.39
C ASP A 16 1.25 -8.38 10.83
N LYS A 17 1.39 -8.06 9.54
CA LYS A 17 0.57 -7.09 8.80
C LYS A 17 0.47 -7.57 7.35
N VAL A 18 -0.60 -7.17 6.69
CA VAL A 18 -0.84 -7.40 5.28
C VAL A 18 -1.22 -6.07 4.62
N PHE A 19 -1.01 -5.92 3.31
CA PHE A 19 -1.56 -4.78 2.58
C PHE A 19 -2.06 -5.14 1.18
N LEU A 20 -2.89 -4.26 0.62
CA LEU A 20 -3.39 -4.31 -0.75
C LEU A 20 -2.72 -3.15 -1.49
N PHE A 21 -1.91 -3.41 -2.51
CA PHE A 21 -1.28 -2.34 -3.27
C PHE A 21 -2.32 -1.75 -4.25
N LEU A 22 -2.35 -0.43 -4.41
CA LEU A 22 -3.12 0.26 -5.45
C LEU A 22 -2.28 0.43 -6.74
N ASN A 23 -1.34 -0.47 -7.03
CA ASN A 23 -0.39 -0.35 -8.14
C ASN A 23 -0.10 -1.73 -8.72
N ALA A 24 0.09 -1.83 -10.04
CA ALA A 24 0.21 -3.09 -10.76
C ALA A 24 1.63 -3.36 -11.30
N LYS A 25 2.63 -2.51 -11.01
CA LYS A 25 3.97 -2.60 -11.58
C LYS A 25 5.00 -2.65 -10.45
N GLN A 26 5.08 -1.61 -9.62
CA GLN A 26 5.91 -1.64 -8.41
C GLN A 26 5.51 -2.77 -7.49
N TYR A 27 4.31 -3.34 -7.62
CA TYR A 27 3.92 -4.57 -6.93
C TYR A 27 5.01 -5.64 -7.03
N LYS A 28 5.58 -5.84 -8.23
CA LYS A 28 6.58 -6.88 -8.44
C LYS A 28 7.94 -6.58 -7.76
N LYS A 29 8.09 -5.42 -7.10
CA LYS A 29 9.28 -5.03 -6.35
C LYS A 29 8.95 -4.83 -4.87
N LEU A 30 7.87 -4.14 -4.55
CA LEU A 30 7.47 -3.88 -3.17
C LEU A 30 7.07 -5.19 -2.50
N SER A 31 6.35 -6.08 -3.18
CA SER A 31 5.96 -7.37 -2.63
C SER A 31 7.17 -8.22 -2.23
N PRO A 32 8.19 -8.49 -3.09
CA PRO A 32 9.36 -9.24 -2.65
C PRO A 32 10.15 -8.50 -1.57
N ALA A 33 10.27 -7.16 -1.66
CA ALA A 33 10.97 -6.40 -0.62
C ALA A 33 10.30 -6.59 0.76
N VAL A 34 8.98 -6.40 0.83
CA VAL A 34 8.21 -6.51 2.07
C VAL A 34 8.16 -7.97 2.52
N LEU A 35 8.16 -8.95 1.62
CA LEU A 35 8.23 -10.35 1.98
C LEU A 35 9.56 -10.68 2.64
N PHE A 36 10.68 -10.13 2.14
CA PHE A 36 11.97 -10.25 2.81
C PHE A 36 11.94 -9.50 4.15
N GLY A 37 11.13 -8.44 4.25
CA GLY A 37 10.81 -7.74 5.50
C GLY A 37 9.87 -8.53 6.42
N GLY A 38 9.32 -9.66 5.98
CA GLY A 38 8.51 -10.58 6.76
C GLY A 38 6.99 -10.41 6.56
N GLY A 39 6.56 -9.34 5.89
CA GLY A 39 5.15 -8.96 5.84
C GLY A 39 4.42 -9.50 4.61
N LYS A 40 3.10 -9.26 4.56
CA LYS A 40 2.23 -9.90 3.57
C LYS A 40 1.66 -8.85 2.61
N THR A 41 1.50 -9.24 1.36
CA THR A 41 1.20 -8.32 0.27
C THR A 41 0.19 -8.97 -0.69
N ASP A 42 -0.72 -8.16 -1.21
CA ASP A 42 -1.74 -8.56 -2.19
C ASP A 42 -2.03 -7.35 -3.09
N LEU A 43 -2.79 -7.53 -4.16
CA LEU A 43 -3.06 -6.53 -5.18
C LEU A 43 -4.54 -6.61 -5.54
N LEU A 44 -5.29 -5.63 -5.06
CA LEU A 44 -6.72 -5.41 -5.31
C LEU A 44 -6.89 -3.91 -5.30
N MET A 45 -7.31 -3.33 -6.43
CA MET A 45 -7.31 -1.88 -6.62
C MET A 45 -8.59 -1.38 -7.30
N GLY A 46 -9.58 -2.25 -7.51
CA GLY A 46 -10.87 -1.89 -8.09
C GLY A 46 -11.94 -2.83 -7.56
N GLU A 47 -13.20 -2.42 -7.70
CA GLU A 47 -14.43 -3.07 -7.21
C GLU A 47 -14.55 -3.16 -5.66
N LEU A 48 -13.43 -3.26 -4.94
CA LEU A 48 -13.29 -3.28 -3.48
C LEU A 48 -14.40 -4.12 -2.81
N LYS A 49 -14.39 -5.41 -3.13
CA LYS A 49 -15.43 -6.39 -2.81
C LYS A 49 -15.78 -6.44 -1.33
N ASP A 50 -14.81 -6.18 -0.46
CA ASP A 50 -14.92 -6.29 0.99
C ASP A 50 -14.40 -5.00 1.65
N ALA A 51 -14.88 -4.74 2.86
CA ALA A 51 -14.47 -3.61 3.70
C ALA A 51 -13.97 -4.08 5.08
N SER A 52 -14.00 -5.39 5.38
CA SER A 52 -13.33 -5.94 6.56
C SER A 52 -11.83 -5.66 6.48
N VAL A 53 -11.27 -5.68 5.26
CA VAL A 53 -9.90 -5.21 4.96
C VAL A 53 -9.64 -3.77 5.42
N LEU A 54 -10.68 -2.95 5.65
CA LEU A 54 -10.61 -1.53 6.00
C LEU A 54 -11.11 -1.29 7.44
N ASP A 55 -11.36 -2.36 8.20
CA ASP A 55 -11.80 -2.30 9.60
C ASP A 55 -10.88 -3.06 10.55
N ASN A 56 -10.35 -4.22 10.11
CA ASN A 56 -9.48 -5.09 10.91
C ASN A 56 -8.17 -4.38 11.33
N PRO A 57 -7.48 -4.86 12.39
CA PRO A 57 -6.37 -4.12 12.99
C PRO A 57 -5.04 -4.12 12.23
N ALA A 58 -4.86 -4.88 11.13
CA ALA A 58 -3.53 -5.07 10.53
C ALA A 58 -3.52 -5.15 9.00
N THR A 59 -4.45 -4.48 8.34
CA THR A 59 -4.48 -4.38 6.88
C THR A 59 -4.34 -2.92 6.48
N CYS A 60 -3.77 -2.68 5.30
CA CYS A 60 -3.47 -1.36 4.74
C CYS A 60 -3.83 -1.36 3.25
N VAL A 61 -3.86 -0.18 2.65
CA VAL A 61 -3.95 -0.02 1.21
C VAL A 61 -2.83 0.96 0.86
N ILE A 62 -2.04 0.64 -0.17
CA ILE A 62 -0.81 1.36 -0.48
C ILE A 62 -1.09 2.29 -1.65
N ASP A 63 -1.15 3.59 -1.34
CA ASP A 63 -1.27 4.67 -2.32
C ASP A 63 0.02 4.79 -3.15
N VAL A 64 -0.09 5.35 -4.35
CA VAL A 64 1.02 5.48 -5.29
C VAL A 64 1.79 6.77 -4.96
N ALA A 65 3.11 6.76 -5.16
CA ALA A 65 4.00 7.90 -4.91
C ALA A 65 3.80 9.05 -5.93
N MET A 66 2.92 8.89 -6.93
CA MET A 66 2.72 9.82 -8.02
C MET A 66 1.25 9.79 -8.43
N THR A 67 0.70 10.98 -8.69
CA THR A 67 -0.69 11.18 -9.12
C THR A 67 -0.78 12.25 -10.23
N GLU A 68 0.33 12.94 -10.57
CA GLU A 68 0.32 13.97 -11.60
C GLU A 68 0.21 13.34 -13.00
N SER A 69 0.85 12.18 -13.21
CA SER A 69 0.82 11.44 -14.46
C SER A 69 -0.62 10.99 -14.78
N GLN A 70 -1.06 11.23 -16.01
CA GLN A 70 -2.38 10.84 -16.52
C GLN A 70 -2.32 10.37 -17.98
N LEU A 71 -1.12 10.19 -18.53
CA LEU A 71 -0.88 9.71 -19.89
C LEU A 71 0.48 9.01 -19.89
N SER A 72 0.53 7.77 -20.38
CA SER A 72 1.75 6.97 -20.50
C SER A 72 1.68 6.14 -21.78
N GLU A 73 2.85 5.77 -22.33
CA GLU A 73 2.95 5.08 -23.61
C GLU A 73 2.37 3.66 -23.59
N SER A 74 2.29 3.05 -22.40
CA SER A 74 1.96 1.63 -22.21
C SER A 74 0.90 1.45 -21.11
N GLN A 75 0.06 2.48 -20.91
CA GLN A 75 -1.04 2.46 -19.95
C GLN A 75 -2.09 1.39 -20.31
N SER A 76 -2.98 1.12 -19.35
CA SER A 76 -4.15 0.24 -19.52
C SER A 76 -5.46 1.05 -19.54
N THR A 77 -5.39 2.38 -19.49
CA THR A 77 -6.52 3.32 -19.51
C THR A 77 -7.59 2.96 -18.46
N GLN A 78 -7.13 2.53 -17.27
CA GLN A 78 -7.93 2.23 -16.09
C GLN A 78 -7.04 2.54 -14.88
N PRO A 79 -6.87 3.84 -14.53
CA PRO A 79 -5.88 4.26 -13.55
C PRO A 79 -6.25 3.90 -12.10
N TRP A 80 -7.55 3.71 -11.80
CA TRP A 80 -8.09 3.35 -10.48
C TRP A 80 -7.52 4.20 -9.32
N ILE A 81 -7.24 5.49 -9.55
CA ILE A 81 -6.71 6.41 -8.54
C ILE A 81 -7.38 7.79 -8.64
N THR A 82 -8.47 7.90 -9.42
CA THR A 82 -9.24 9.12 -9.64
C THR A 82 -9.65 9.74 -8.30
N SER A 83 -10.17 8.91 -7.38
CA SER A 83 -10.62 9.31 -6.07
C SER A 83 -10.38 8.21 -5.02
N THR A 84 -9.89 7.03 -5.42
CA THR A 84 -9.83 5.84 -4.58
C THR A 84 -9.06 6.06 -3.26
N LEU A 85 -7.99 6.87 -3.26
CA LEU A 85 -7.24 7.20 -2.05
C LEU A 85 -8.13 7.92 -1.03
N ASP A 86 -8.89 8.94 -1.47
CA ASP A 86 -9.82 9.70 -0.62
C ASP A 86 -11.05 8.86 -0.25
N LEU A 87 -11.48 7.96 -1.14
CA LEU A 87 -12.51 6.98 -0.86
C LEU A 87 -12.06 6.08 0.29
N LEU A 88 -10.81 5.66 0.28
CA LEU A 88 -10.16 4.89 1.34
C LEU A 88 -10.21 5.67 2.66
N GLN A 89 -9.76 6.92 2.64
CA GLN A 89 -9.82 7.80 3.81
C GLN A 89 -11.25 7.89 4.35
N SER A 90 -12.24 8.00 3.47
CA SER A 90 -13.65 8.14 3.85
C SER A 90 -14.24 6.86 4.46
N LYS A 91 -13.88 5.68 3.93
CA LYS A 91 -14.43 4.41 4.41
C LYS A 91 -14.08 4.16 5.87
N GLY A 92 -12.80 4.26 6.23
CA GLY A 92 -12.39 4.25 7.64
C GLY A 92 -10.94 3.87 7.87
N LEU A 93 -10.06 4.01 6.88
CA LEU A 93 -8.66 3.59 6.98
C LEU A 93 -7.80 4.58 6.21
N ARG A 94 -6.61 4.87 6.74
CA ARG A 94 -5.64 5.66 6.01
C ARG A 94 -5.04 4.77 4.92
N THR A 95 -4.81 5.34 3.74
CA THR A 95 -4.03 4.69 2.69
C THR A 95 -2.67 5.36 2.77
N ILE A 96 -1.61 4.56 2.59
CA ILE A 96 -0.26 4.99 2.90
C ILE A 96 0.61 4.94 1.62
N PRO A 97 1.31 6.02 1.23
CA PRO A 97 2.16 6.03 0.04
C PRO A 97 3.23 4.94 0.07
N GLU A 98 3.50 4.34 -1.10
CA GLU A 98 4.63 3.42 -1.30
C GLU A 98 5.97 4.09 -0.94
N ALA A 99 6.06 5.43 -1.05
CA ALA A 99 7.24 6.19 -0.67
C ALA A 99 7.52 6.07 0.83
N GLU A 100 6.47 6.12 1.67
CA GLU A 100 6.63 6.01 3.11
C GLU A 100 6.91 4.56 3.51
N ILE A 101 6.41 3.57 2.74
CA ILE A 101 6.81 2.18 2.90
C ILE A 101 8.33 2.10 2.72
N GLY A 102 8.85 2.64 1.60
CA GLY A 102 10.27 2.58 1.30
C GLY A 102 11.10 3.26 2.37
N LEU A 103 10.73 4.46 2.83
CA LEU A 103 11.45 5.17 3.88
C LEU A 103 11.51 4.32 5.15
N ALA A 104 10.37 3.79 5.58
CA ALA A 104 10.30 2.96 6.77
C ALA A 104 11.10 1.67 6.64
N VAL A 105 11.16 1.07 5.44
CA VAL A 105 12.01 -0.08 5.15
C VAL A 105 13.49 0.32 5.27
N ILE A 106 13.88 1.45 4.65
CA ILE A 106 15.25 1.93 4.62
C ILE A 106 15.76 2.24 6.04
N ASN A 107 14.90 2.79 6.91
CA ASN A 107 15.31 3.28 8.23
C ASN A 107 14.97 2.29 9.35
N VAL A 108 14.30 1.18 8.98
CA VAL A 108 13.69 0.20 9.87
C VAL A 108 12.83 0.88 10.96
N SER A 109 11.86 1.67 10.51
CA SER A 109 11.02 2.55 11.35
C SER A 109 9.54 2.46 10.93
N THR A 110 9.05 1.23 10.79
CA THR A 110 7.65 0.94 10.52
C THR A 110 6.80 1.26 11.76
N GLU A 111 6.49 2.55 12.00
CA GLU A 111 5.87 3.02 13.23
C GLU A 111 4.61 3.82 12.91
N ILE A 112 4.78 4.96 12.24
CA ILE A 112 3.70 5.87 11.86
C ILE A 112 3.80 6.34 10.41
N TYR A 113 4.94 6.10 9.73
CA TYR A 113 5.13 6.40 8.32
C TYR A 113 4.10 5.64 7.48
N CYS A 114 4.03 4.34 7.71
CA CYS A 114 3.31 3.35 6.93
C CYS A 114 2.26 2.66 7.80
N ASN A 115 1.60 3.44 8.64
CA ASN A 115 0.60 2.99 9.58
C ASN A 115 -0.75 3.44 9.03
N PRO A 116 -1.68 2.52 8.75
CA PRO A 116 -2.95 2.79 8.09
C PRO A 116 -4.06 3.22 9.07
N ARG A 117 -3.77 3.38 10.36
CA ARG A 117 -4.81 3.57 11.37
C ARG A 117 -4.45 4.62 12.43
N ARG A 118 -3.19 4.63 12.86
CA ARG A 118 -2.61 5.55 13.85
C ARG A 118 -3.61 5.82 14.98
N MET A 8 21.46 -10.85 3.29
CA MET A 8 21.16 -9.42 3.51
C MET A 8 20.56 -9.19 4.91
N LYS A 9 20.95 -8.11 5.59
CA LYS A 9 20.31 -7.67 6.83
C LYS A 9 18.87 -7.24 6.56
N ARG A 10 18.03 -7.25 7.58
CA ARG A 10 16.64 -6.77 7.55
C ARG A 10 16.23 -6.39 8.97
N LYS A 11 15.06 -5.78 9.13
CA LYS A 11 14.49 -5.40 10.43
C LYS A 11 12.98 -5.65 10.39
N SER A 12 12.33 -5.59 11.55
CA SER A 12 10.90 -5.82 11.76
C SER A 12 10.03 -4.64 11.26
N ILE A 13 10.38 -4.03 10.13
CA ILE A 13 9.80 -2.83 9.52
C ILE A 13 8.25 -2.85 9.54
N PHE A 14 7.64 -3.98 9.23
CA PHE A 14 6.19 -4.17 9.21
C PHE A 14 5.84 -5.58 9.74
N LYS A 15 6.62 -6.09 10.69
CA LYS A 15 6.36 -7.40 11.28
C LYS A 15 4.99 -7.43 11.96
N ASP A 16 4.35 -8.60 11.93
CA ASP A 16 2.99 -8.83 12.41
C ASP A 16 1.99 -7.80 11.85
N LYS A 17 2.00 -7.65 10.53
CA LYS A 17 1.06 -6.82 9.76
C LYS A 17 0.73 -7.57 8.47
N VAL A 18 -0.34 -7.18 7.81
CA VAL A 18 -0.69 -7.64 6.47
C VAL A 18 -1.12 -6.41 5.65
N PHE A 19 -1.02 -6.45 4.33
CA PHE A 19 -1.63 -5.41 3.50
C PHE A 19 -2.25 -5.95 2.22
N LEU A 20 -3.20 -5.18 1.67
CA LEU A 20 -3.78 -5.40 0.35
C LEU A 20 -3.06 -4.45 -0.60
N PHE A 21 -2.65 -4.92 -1.77
CA PHE A 21 -1.92 -4.12 -2.75
C PHE A 21 -2.86 -3.82 -3.93
N LEU A 22 -2.86 -2.59 -4.46
CA LEU A 22 -3.75 -2.19 -5.56
C LEU A 22 -3.02 -2.25 -6.91
N ASN A 23 -2.19 -3.27 -7.14
CA ASN A 23 -1.47 -3.47 -8.41
C ASN A 23 -1.09 -4.95 -8.55
N ALA A 24 -0.92 -5.46 -9.78
CA ALA A 24 -0.70 -6.88 -10.05
C ALA A 24 0.75 -7.23 -10.43
N LYS A 25 1.65 -6.25 -10.57
CA LYS A 25 3.00 -6.46 -11.12
C LYS A 25 4.06 -5.89 -10.20
N GLN A 26 3.91 -4.64 -9.75
CA GLN A 26 4.75 -4.06 -8.69
C GLN A 26 4.66 -4.90 -7.42
N TYR A 27 3.54 -5.61 -7.23
CA TYR A 27 3.34 -6.62 -6.19
C TYR A 27 4.57 -7.50 -6.04
N LYS A 28 5.13 -7.99 -7.15
CA LYS A 28 6.16 -9.02 -7.14
C LYS A 28 7.52 -8.51 -6.65
N LYS A 29 7.68 -7.21 -6.36
CA LYS A 29 8.88 -6.66 -5.74
C LYS A 29 8.54 -6.05 -4.37
N LEU A 30 7.43 -5.32 -4.28
CA LEU A 30 7.02 -4.68 -3.04
C LEU A 30 6.71 -5.74 -1.98
N SER A 31 6.04 -6.84 -2.37
CA SER A 31 5.72 -7.94 -1.48
C SER A 31 6.96 -8.61 -0.90
N PRO A 32 7.95 -9.10 -1.68
CA PRO A 32 9.14 -9.70 -1.10
C PRO A 32 9.94 -8.69 -0.27
N ALA A 33 10.03 -7.42 -0.70
CA ALA A 33 10.73 -6.40 0.09
C ALA A 33 10.13 -6.29 1.50
N VAL A 34 8.80 -6.14 1.59
CA VAL A 34 8.15 -5.99 2.89
C VAL A 34 8.03 -7.34 3.61
N LEU A 35 8.09 -8.48 2.92
CA LEU A 35 8.20 -9.79 3.56
C LEU A 35 9.54 -9.91 4.29
N PHE A 36 10.63 -9.45 3.68
CA PHE A 36 11.91 -9.31 4.38
C PHE A 36 11.77 -8.31 5.53
N GLY A 37 10.94 -7.27 5.34
CA GLY A 37 10.52 -6.33 6.37
C GLY A 37 9.61 -6.93 7.46
N GLY A 38 9.15 -8.18 7.33
CA GLY A 38 8.37 -8.90 8.34
C GLY A 38 6.88 -9.03 8.01
N GLY A 39 6.35 -8.26 7.05
CA GLY A 39 4.91 -8.16 6.80
C GLY A 39 4.38 -9.21 5.84
N LYS A 40 3.04 -9.28 5.72
CA LYS A 40 2.31 -10.20 4.85
C LYS A 40 1.54 -9.43 3.79
N THR A 41 1.10 -10.10 2.73
CA THR A 41 0.56 -9.46 1.55
C THR A 41 -0.67 -10.21 1.01
N ASP A 42 -1.55 -9.47 0.34
CA ASP A 42 -2.66 -9.98 -0.44
C ASP A 42 -2.95 -9.00 -1.60
N LEU A 43 -3.71 -9.43 -2.59
CA LEU A 43 -4.01 -8.68 -3.80
C LEU A 43 -5.53 -8.68 -3.95
N LEU A 44 -6.16 -7.57 -3.58
CA LEU A 44 -7.60 -7.41 -3.47
C LEU A 44 -7.92 -5.94 -3.73
N MET A 45 -8.62 -5.66 -4.83
CA MET A 45 -8.81 -4.30 -5.33
C MET A 45 -10.09 -4.18 -6.18
N GLY A 46 -11.10 -5.00 -5.89
CA GLY A 46 -12.36 -5.00 -6.65
C GLY A 46 -13.43 -5.85 -5.98
N GLU A 47 -13.06 -7.04 -5.49
CA GLU A 47 -13.95 -7.95 -4.74
C GLU A 47 -14.08 -7.51 -3.27
N LEU A 48 -13.87 -6.22 -2.98
CA LEU A 48 -13.86 -5.60 -1.65
C LEU A 48 -15.30 -5.43 -1.11
N LYS A 49 -16.14 -6.45 -1.28
CA LYS A 49 -17.46 -6.50 -0.66
C LYS A 49 -17.29 -6.59 0.85
N ASP A 50 -16.31 -7.37 1.31
CA ASP A 50 -15.91 -7.43 2.72
C ASP A 50 -15.40 -6.06 3.19
N ALA A 51 -15.48 -5.79 4.49
CA ALA A 51 -14.87 -4.61 5.11
C ALA A 51 -14.06 -4.98 6.37
N SER A 52 -13.97 -6.27 6.73
CA SER A 52 -13.21 -6.75 7.88
C SER A 52 -11.72 -6.41 7.69
N VAL A 53 -11.25 -6.40 6.44
CA VAL A 53 -9.91 -5.94 6.09
C VAL A 53 -9.60 -4.50 6.50
N LEU A 54 -10.61 -3.66 6.78
CA LEU A 54 -10.41 -2.27 7.22
C LEU A 54 -10.67 -2.14 8.72
N ASP A 55 -11.47 -3.03 9.31
CA ASP A 55 -11.87 -2.96 10.71
C ASP A 55 -10.83 -3.59 11.63
N ASN A 56 -10.24 -4.72 11.21
CA ASN A 56 -9.28 -5.48 12.01
C ASN A 56 -8.03 -4.62 12.31
N PRO A 57 -7.29 -4.90 13.40
CA PRO A 57 -6.24 -4.02 13.90
C PRO A 57 -4.89 -4.04 13.15
N ALA A 58 -4.65 -4.90 12.17
CA ALA A 58 -3.31 -5.09 11.59
C ALA A 58 -3.28 -5.20 10.07
N THR A 59 -4.31 -4.72 9.38
CA THR A 59 -4.35 -4.68 7.92
C THR A 59 -4.18 -3.23 7.47
N CYS A 60 -3.61 -3.07 6.27
CA CYS A 60 -3.30 -1.82 5.59
C CYS A 60 -3.64 -1.98 4.10
N VAL A 61 -3.62 -0.89 3.33
CA VAL A 61 -3.89 -0.93 1.90
C VAL A 61 -2.91 0.03 1.21
N ILE A 62 -2.37 -0.39 0.06
CA ILE A 62 -1.26 0.29 -0.62
C ILE A 62 -1.69 0.64 -2.05
N ASP A 63 -1.33 1.85 -2.48
CA ASP A 63 -1.67 2.45 -3.77
C ASP A 63 -0.39 2.73 -4.58
N VAL A 64 -0.52 2.83 -5.90
CA VAL A 64 0.58 2.95 -6.84
C VAL A 64 1.16 4.37 -6.81
N ALA A 65 2.49 4.46 -6.85
CA ALA A 65 3.26 5.69 -7.05
C ALA A 65 4.66 5.28 -7.49
N MET A 66 5.32 6.10 -8.32
CA MET A 66 6.68 5.89 -8.78
C MET A 66 7.23 7.19 -9.35
N THR A 67 8.55 7.39 -9.26
CA THR A 67 9.32 8.44 -9.93
C THR A 67 8.74 9.87 -9.76
N GLU A 68 7.97 10.13 -8.68
CA GLU A 68 7.22 11.37 -8.46
C GLU A 68 6.40 11.78 -9.71
N SER A 69 5.85 10.80 -10.41
CA SER A 69 5.10 10.98 -11.65
C SER A 69 3.86 11.85 -11.45
N GLN A 70 3.33 12.39 -12.56
CA GLN A 70 2.11 13.19 -12.63
C GLN A 70 1.34 12.74 -13.88
N LEU A 71 0.09 13.19 -14.03
CA LEU A 71 -0.75 12.89 -15.18
C LEU A 71 -0.04 13.35 -16.47
N SER A 72 -0.02 12.48 -17.47
CA SER A 72 0.53 12.72 -18.81
C SER A 72 -0.40 12.06 -19.83
N GLU A 73 -0.41 12.56 -21.07
CA GLU A 73 -1.34 12.13 -22.12
C GLU A 73 -1.28 10.62 -22.38
N SER A 74 -0.10 10.01 -22.24
CA SER A 74 0.14 8.60 -22.50
C SER A 74 -0.59 7.67 -21.52
N GLN A 75 -1.04 8.16 -20.37
CA GLN A 75 -1.66 7.37 -19.32
C GLN A 75 -3.13 7.16 -19.66
N SER A 76 -3.51 5.92 -19.99
CA SER A 76 -4.89 5.54 -20.27
C SER A 76 -5.79 5.75 -19.05
N THR A 77 -5.24 5.62 -17.84
CA THR A 77 -5.92 6.00 -16.59
C THR A 77 -5.80 7.53 -16.46
N GLN A 78 -6.64 8.24 -17.22
CA GLN A 78 -6.69 9.71 -17.20
C GLN A 78 -7.08 10.29 -15.82
N PRO A 79 -7.95 9.68 -14.99
CA PRO A 79 -8.19 10.14 -13.63
C PRO A 79 -6.87 10.20 -12.83
N TRP A 80 -6.55 11.37 -12.28
CA TRP A 80 -5.46 11.54 -11.32
C TRP A 80 -5.86 11.05 -9.92
N ILE A 81 -7.13 10.69 -9.73
CA ILE A 81 -7.71 10.23 -8.46
C ILE A 81 -8.57 9.01 -8.80
N THR A 82 -7.92 7.85 -8.91
CA THR A 82 -8.58 6.57 -9.16
C THR A 82 -9.59 6.31 -8.04
N SER A 83 -10.76 5.75 -8.39
CA SER A 83 -11.89 5.61 -7.49
C SER A 83 -11.56 4.81 -6.21
N THR A 84 -10.63 3.86 -6.29
CA THR A 84 -10.31 2.96 -5.20
C THR A 84 -9.77 3.72 -3.96
N LEU A 85 -9.05 4.82 -4.14
CA LEU A 85 -8.50 5.64 -3.04
C LEU A 85 -9.67 6.15 -2.20
N ASP A 86 -10.64 6.79 -2.87
CA ASP A 86 -11.83 7.38 -2.26
C ASP A 86 -12.77 6.33 -1.69
N LEU A 87 -12.90 5.19 -2.39
CA LEU A 87 -13.65 4.05 -1.90
C LEU A 87 -13.06 3.60 -0.57
N LEU A 88 -11.75 3.38 -0.49
CA LEU A 88 -11.11 2.88 0.71
C LEU A 88 -11.22 3.89 1.86
N GLN A 89 -11.13 5.18 1.56
CA GLN A 89 -11.40 6.24 2.52
C GLN A 89 -12.83 6.13 3.07
N SER A 90 -13.81 5.80 2.23
CA SER A 90 -15.17 5.57 2.68
C SER A 90 -15.32 4.24 3.45
N LYS A 91 -14.55 3.20 3.09
CA LYS A 91 -14.57 1.90 3.78
C LYS A 91 -14.05 2.08 5.21
N GLY A 92 -12.86 2.67 5.39
CA GLY A 92 -12.40 3.07 6.71
C GLY A 92 -10.92 3.44 6.84
N LEU A 93 -10.11 3.43 5.77
CA LEU A 93 -8.64 3.54 5.85
C LEU A 93 -8.11 4.44 4.74
N ARG A 94 -6.87 4.91 4.86
CA ARG A 94 -6.13 5.59 3.79
C ARG A 94 -5.53 4.51 2.88
N THR A 95 -5.00 4.88 1.71
CA THR A 95 -4.23 3.99 0.87
C THR A 95 -2.85 4.63 0.73
N ILE A 96 -1.81 3.97 1.24
CA ILE A 96 -0.48 4.60 1.34
C ILE A 96 0.31 4.34 0.04
N PRO A 97 1.12 5.30 -0.45
CA PRO A 97 1.89 5.09 -1.69
C PRO A 97 2.95 3.99 -1.51
N GLU A 98 3.13 3.14 -2.52
CA GLU A 98 4.19 2.13 -2.53
C GLU A 98 5.60 2.78 -2.49
N ALA A 99 5.75 3.95 -3.13
CA ALA A 99 7.02 4.66 -3.20
C ALA A 99 7.44 5.14 -1.81
N GLU A 100 6.47 5.65 -1.05
CA GLU A 100 6.68 6.08 0.32
C GLU A 100 7.00 4.87 1.20
N ILE A 101 6.39 3.70 0.95
CA ILE A 101 6.79 2.47 1.65
C ILE A 101 8.26 2.19 1.38
N GLY A 102 8.73 2.25 0.13
CA GLY A 102 10.14 2.04 -0.15
C GLY A 102 11.02 3.01 0.62
N LEU A 103 10.65 4.30 0.64
CA LEU A 103 11.38 5.32 1.40
C LEU A 103 11.40 4.97 2.89
N ALA A 104 10.26 4.59 3.47
CA ALA A 104 10.15 4.27 4.89
C ALA A 104 10.86 2.95 5.25
N VAL A 105 10.93 1.99 4.33
CA VAL A 105 11.71 0.77 4.45
C VAL A 105 13.19 1.14 4.54
N ILE A 106 13.66 2.04 3.66
CA ILE A 106 15.05 2.51 3.65
C ILE A 106 15.35 3.27 4.95
N ASN A 107 14.46 4.17 5.37
CA ASN A 107 14.72 5.11 6.46
C ASN A 107 14.36 4.58 7.84
N VAL A 108 13.67 3.44 7.93
CA VAL A 108 13.12 2.86 9.15
C VAL A 108 12.11 3.84 9.78
N SER A 109 11.07 4.20 9.01
CA SER A 109 10.09 5.24 9.38
C SER A 109 8.63 4.84 9.12
N THR A 110 8.34 3.54 9.02
CA THR A 110 7.03 2.98 8.71
C THR A 110 5.94 3.27 9.77
N GLU A 111 6.31 3.88 10.90
CA GLU A 111 5.45 4.15 12.06
C GLU A 111 4.18 4.91 11.66
N ILE A 112 4.36 6.02 10.95
CA ILE A 112 3.33 7.00 10.63
C ILE A 112 3.40 7.34 9.14
N TYR A 113 4.61 7.31 8.54
CA TYR A 113 4.84 7.72 7.15
C TYR A 113 3.95 6.89 6.21
N CYS A 114 3.83 5.60 6.53
CA CYS A 114 3.15 4.58 5.74
C CYS A 114 2.18 3.84 6.66
N ASN A 115 1.28 4.60 7.26
CA ASN A 115 0.28 4.12 8.19
C ASN A 115 -1.08 4.61 7.70
N PRO A 116 -1.98 3.71 7.25
CA PRO A 116 -3.26 4.09 6.71
C PRO A 116 -4.38 4.19 7.76
N ARG A 117 -4.12 3.75 8.98
CA ARG A 117 -5.14 3.54 10.01
C ARG A 117 -4.99 4.50 11.18
N ARG A 118 -3.75 4.72 11.62
CA ARG A 118 -3.34 5.69 12.64
C ARG A 118 -4.33 5.69 13.81
N MET A 8 19.81 -2.63 15.57
CA MET A 8 19.21 -2.75 14.21
C MET A 8 18.68 -4.17 14.00
N LYS A 9 17.48 -4.30 13.46
CA LYS A 9 16.89 -5.57 13.02
C LYS A 9 16.13 -5.30 11.72
N ARG A 10 15.89 -6.36 10.93
CA ARG A 10 15.12 -6.28 9.67
C ARG A 10 14.03 -7.35 9.59
N LYS A 11 13.98 -8.31 10.53
CA LYS A 11 13.04 -9.43 10.52
C LYS A 11 11.67 -9.06 11.08
N SER A 12 11.50 -7.86 11.63
CA SER A 12 10.31 -7.48 12.40
C SER A 12 9.67 -6.19 11.87
N ILE A 13 10.09 -5.71 10.71
CA ILE A 13 9.68 -4.45 10.10
C ILE A 13 8.15 -4.33 9.99
N PHE A 14 7.45 -5.42 9.63
CA PHE A 14 6.00 -5.47 9.50
C PHE A 14 5.44 -6.76 10.12
N LYS A 15 6.14 -7.32 11.12
CA LYS A 15 5.67 -8.54 11.78
C LYS A 15 4.25 -8.33 12.31
N ASP A 16 3.44 -9.38 12.20
CA ASP A 16 2.01 -9.39 12.54
C ASP A 16 1.24 -8.19 11.95
N LYS A 17 1.43 -7.95 10.64
CA LYS A 17 0.66 -7.01 9.84
C LYS A 17 0.39 -7.68 8.49
N VAL A 18 -0.66 -7.26 7.80
CA VAL A 18 -1.02 -7.77 6.49
C VAL A 18 -1.41 -6.61 5.57
N PHE A 19 -1.35 -6.80 4.24
CA PHE A 19 -1.92 -5.82 3.32
C PHE A 19 -2.46 -6.45 2.04
N LEU A 20 -3.29 -5.68 1.33
CA LEU A 20 -3.77 -5.94 -0.02
C LEU A 20 -3.02 -4.98 -0.94
N PHE A 21 -2.60 -5.40 -2.14
CA PHE A 21 -1.82 -4.54 -3.04
C PHE A 21 -2.63 -4.28 -4.31
N LEU A 22 -2.68 -3.02 -4.76
CA LEU A 22 -3.36 -2.59 -5.98
C LEU A 22 -2.44 -2.72 -7.21
N ASN A 23 -1.43 -3.59 -7.19
CA ASN A 23 -0.42 -3.72 -8.25
C ASN A 23 -0.27 -5.19 -8.64
N ALA A 24 -0.60 -5.53 -9.89
CA ALA A 24 -0.60 -6.92 -10.36
C ALA A 24 0.80 -7.48 -10.65
N LYS A 25 1.87 -6.67 -10.59
CA LYS A 25 3.21 -7.09 -11.01
C LYS A 25 4.19 -6.94 -9.86
N GLN A 26 4.30 -5.74 -9.27
CA GLN A 26 5.21 -5.52 -8.15
C GLN A 26 4.84 -6.41 -6.95
N TYR A 27 3.62 -6.94 -6.87
CA TYR A 27 3.23 -7.93 -5.89
C TYR A 27 4.23 -9.09 -5.80
N LYS A 28 4.75 -9.57 -6.93
CA LYS A 28 5.69 -10.70 -6.93
C LYS A 28 7.05 -10.37 -6.28
N LYS A 29 7.33 -9.10 -5.99
CA LYS A 29 8.59 -8.63 -5.41
C LYS A 29 8.34 -8.05 -4.01
N LEU A 30 7.26 -7.27 -3.85
CA LEU A 30 6.90 -6.69 -2.57
C LEU A 30 6.49 -7.79 -1.59
N SER A 31 5.86 -8.87 -2.07
CA SER A 31 5.55 -10.03 -1.23
C SER A 31 6.78 -10.67 -0.60
N PRO A 32 7.79 -11.14 -1.36
CA PRO A 32 8.99 -11.72 -0.75
C PRO A 32 9.73 -10.69 0.11
N ALA A 33 9.79 -9.41 -0.31
CA ALA A 33 10.43 -8.38 0.51
C ALA A 33 9.75 -8.26 1.89
N VAL A 34 8.43 -8.06 1.91
CA VAL A 34 7.68 -7.84 3.15
C VAL A 34 7.57 -9.12 3.96
N LEU A 35 7.56 -10.30 3.32
CA LEU A 35 7.62 -11.58 4.01
C LEU A 35 8.94 -11.71 4.78
N PHE A 36 10.06 -11.38 4.15
CA PHE A 36 11.35 -11.33 4.83
C PHE A 36 11.34 -10.26 5.94
N GLY A 37 10.56 -9.20 5.74
CA GLY A 37 10.30 -8.15 6.72
C GLY A 37 9.34 -8.55 7.86
N GLY A 38 8.69 -9.72 7.79
CA GLY A 38 7.87 -10.28 8.85
C GLY A 38 6.36 -10.25 8.56
N GLY A 39 5.91 -9.44 7.59
CA GLY A 39 4.51 -9.18 7.32
C GLY A 39 3.91 -10.10 6.25
N LYS A 40 2.64 -9.88 5.92
CA LYS A 40 1.88 -10.71 4.98
C LYS A 40 1.23 -9.85 3.90
N THR A 41 0.97 -10.44 2.75
CA THR A 41 0.57 -9.72 1.55
C THR A 41 -0.52 -10.52 0.82
N ASP A 42 -1.40 -9.82 0.12
CA ASP A 42 -2.42 -10.39 -0.76
C ASP A 42 -2.62 -9.47 -1.97
N LEU A 43 -3.19 -10.00 -3.05
CA LEU A 43 -3.35 -9.30 -4.32
C LEU A 43 -4.84 -9.27 -4.61
N LEU A 44 -5.47 -8.13 -4.28
CA LEU A 44 -6.90 -7.90 -4.41
C LEU A 44 -7.08 -6.39 -4.59
N MET A 45 -7.93 -5.99 -5.54
CA MET A 45 -8.11 -4.60 -5.95
C MET A 45 -9.55 -4.34 -6.41
N GLY A 46 -10.50 -5.07 -5.84
CA GLY A 46 -11.92 -5.03 -6.16
C GLY A 46 -12.71 -5.84 -5.15
N GLU A 47 -14.02 -5.94 -5.39
CA GLU A 47 -15.06 -6.60 -4.57
C GLU A 47 -15.29 -5.95 -3.20
N LEU A 48 -14.24 -5.62 -2.45
CA LEU A 48 -14.29 -5.21 -1.04
C LEU A 48 -15.25 -6.11 -0.27
N LYS A 49 -15.01 -7.41 -0.41
CA LYS A 49 -15.86 -8.50 0.07
C LYS A 49 -16.10 -8.42 1.59
N ASP A 50 -15.15 -7.85 2.31
CA ASP A 50 -15.20 -7.56 3.75
C ASP A 50 -14.70 -6.13 3.98
N ALA A 51 -15.06 -5.54 5.13
CA ALA A 51 -14.64 -4.22 5.57
C ALA A 51 -14.00 -4.26 6.97
N SER A 52 -13.92 -5.43 7.62
CA SER A 52 -13.13 -5.59 8.84
C SER A 52 -11.66 -5.33 8.50
N VAL A 53 -11.22 -5.73 7.30
CA VAL A 53 -9.92 -5.38 6.71
C VAL A 53 -9.67 -3.86 6.68
N LEU A 54 -10.71 -3.03 6.74
CA LEU A 54 -10.69 -1.57 6.59
C LEU A 54 -11.13 -0.91 7.91
N ASP A 55 -11.10 -1.64 9.02
CA ASP A 55 -11.35 -1.13 10.37
C ASP A 55 -10.28 -1.55 11.38
N ASN A 56 -9.77 -2.78 11.26
CA ASN A 56 -8.81 -3.38 12.19
C ASN A 56 -7.44 -2.64 12.21
N PRO A 57 -6.61 -2.83 13.25
CA PRO A 57 -5.41 -2.03 13.46
C PRO A 57 -4.16 -2.43 12.66
N ALA A 58 -4.17 -3.54 11.89
CA ALA A 58 -2.96 -4.09 11.29
C ALA A 58 -3.18 -4.63 9.87
N THR A 59 -4.07 -4.00 9.11
CA THR A 59 -4.29 -4.28 7.70
C THR A 59 -4.14 -2.99 6.90
N CYS A 60 -3.75 -3.10 5.63
CA CYS A 60 -3.46 -1.97 4.75
C CYS A 60 -3.93 -2.25 3.33
N VAL A 61 -3.92 -1.21 2.51
CA VAL A 61 -4.11 -1.30 1.07
C VAL A 61 -2.99 -0.45 0.48
N ILE A 62 -2.25 -1.01 -0.48
CA ILE A 62 -1.03 -0.43 -0.99
C ILE A 62 -1.34 0.17 -2.36
N ASP A 63 -1.14 1.47 -2.51
CA ASP A 63 -1.27 2.19 -3.79
C ASP A 63 -0.01 1.99 -4.62
N VAL A 64 -0.13 2.15 -5.92
CA VAL A 64 0.96 2.12 -6.88
C VAL A 64 1.77 3.43 -6.76
N ALA A 65 3.03 3.42 -7.21
CA ALA A 65 3.86 4.60 -7.35
C ALA A 65 4.85 4.37 -8.50
N MET A 66 5.15 5.43 -9.25
CA MET A 66 6.18 5.48 -10.28
C MET A 66 6.53 6.96 -10.51
N THR A 67 7.81 7.26 -10.72
CA THR A 67 8.27 8.61 -11.03
C THR A 67 7.95 8.96 -12.49
N GLU A 68 7.67 10.23 -12.77
CA GLU A 68 7.49 10.77 -14.12
C GLU A 68 7.78 12.28 -14.11
N SER A 69 7.94 12.87 -15.29
CA SER A 69 8.34 14.26 -15.48
C SER A 69 7.53 14.94 -16.61
N GLN A 70 6.39 14.34 -17.00
CA GLN A 70 5.50 14.87 -18.04
C GLN A 70 4.90 16.21 -17.59
N LEU A 71 4.50 17.03 -18.56
CA LEU A 71 3.82 18.31 -18.35
C LEU A 71 2.55 18.08 -17.51
N SER A 72 2.35 18.95 -16.51
CA SER A 72 1.28 18.84 -15.51
C SER A 72 -0.13 19.14 -16.06
N GLU A 73 -0.28 19.40 -17.36
CA GLU A 73 -1.58 19.63 -18.00
C GLU A 73 -2.46 18.39 -17.81
N SER A 74 -3.75 18.58 -17.54
CA SER A 74 -4.69 17.49 -17.26
C SER A 74 -4.84 16.53 -18.45
N GLN A 75 -4.62 17.03 -19.68
CA GLN A 75 -4.71 16.24 -20.91
C GLN A 75 -3.60 15.19 -21.01
N SER A 76 -2.52 15.29 -20.22
CA SER A 76 -1.45 14.30 -20.19
C SER A 76 -1.88 12.97 -19.54
N THR A 77 -3.02 12.94 -18.85
CA THR A 77 -3.47 11.83 -18.01
C THR A 77 -5.00 11.67 -18.13
N GLN A 78 -5.58 10.75 -17.34
CA GLN A 78 -7.02 10.61 -17.16
C GLN A 78 -7.25 10.14 -15.71
N PRO A 79 -8.26 10.66 -14.99
CA PRO A 79 -8.67 10.11 -13.70
C PRO A 79 -8.96 8.61 -13.79
N TRP A 80 -8.56 7.84 -12.77
CA TRP A 80 -8.90 6.43 -12.65
C TRP A 80 -8.73 6.01 -11.19
N ILE A 81 -7.50 5.97 -10.67
CA ILE A 81 -7.22 5.50 -9.32
C ILE A 81 -7.79 6.45 -8.27
N THR A 82 -8.00 7.73 -8.61
CA THR A 82 -8.46 8.78 -7.73
C THR A 82 -9.77 8.40 -7.02
N SER A 83 -10.67 7.72 -7.73
CA SER A 83 -11.91 7.21 -7.14
C SER A 83 -11.60 6.14 -6.10
N THR A 84 -10.73 5.16 -6.41
CA THR A 84 -10.39 4.06 -5.52
C THR A 84 -9.69 4.57 -4.26
N LEU A 85 -8.71 5.47 -4.40
CA LEU A 85 -7.98 6.11 -3.30
C LEU A 85 -8.99 6.75 -2.35
N ASP A 86 -9.87 7.59 -2.90
CA ASP A 86 -10.80 8.38 -2.09
C ASP A 86 -11.86 7.49 -1.43
N LEU A 87 -12.35 6.46 -2.13
CA LEU A 87 -13.32 5.49 -1.62
C LEU A 87 -12.72 4.70 -0.46
N LEU A 88 -11.45 4.30 -0.57
CA LEU A 88 -10.77 3.59 0.50
C LEU A 88 -10.65 4.50 1.72
N GLN A 89 -10.28 5.77 1.50
CA GLN A 89 -10.16 6.74 2.56
C GLN A 89 -11.49 7.00 3.26
N SER A 90 -12.60 7.14 2.53
CA SER A 90 -13.90 7.37 3.15
C SER A 90 -14.37 6.13 3.91
N LYS A 91 -14.07 4.92 3.42
CA LYS A 91 -14.35 3.68 4.15
C LYS A 91 -13.53 3.63 5.45
N GLY A 92 -12.23 3.95 5.41
CA GLY A 92 -11.47 4.14 6.64
C GLY A 92 -9.95 4.21 6.50
N LEU A 93 -9.34 3.81 5.39
CA LEU A 93 -7.88 3.66 5.28
C LEU A 93 -7.32 4.40 4.08
N ARG A 94 -6.13 4.95 4.26
CA ARG A 94 -5.31 5.52 3.21
C ARG A 94 -4.74 4.36 2.41
N THR A 95 -4.73 4.50 1.09
CA THR A 95 -4.02 3.60 0.20
C THR A 95 -2.57 4.07 0.20
N ILE A 96 -1.70 3.40 0.97
CA ILE A 96 -0.34 3.88 1.23
C ILE A 96 0.55 3.52 0.02
N PRO A 97 1.24 4.48 -0.63
CA PRO A 97 2.05 4.21 -1.81
C PRO A 97 3.15 3.15 -1.57
N GLU A 98 3.39 2.29 -2.56
CA GLU A 98 4.46 1.30 -2.53
C GLU A 98 5.85 1.95 -2.42
N ALA A 99 6.02 3.20 -2.88
CA ALA A 99 7.25 3.94 -2.72
C ALA A 99 7.53 4.23 -1.24
N GLU A 100 6.49 4.55 -0.47
CA GLU A 100 6.61 4.81 0.95
C GLU A 100 6.84 3.50 1.71
N ILE A 101 6.29 2.38 1.23
CA ILE A 101 6.63 1.05 1.76
C ILE A 101 8.15 0.86 1.61
N GLY A 102 8.69 1.08 0.41
CA GLY A 102 10.11 0.89 0.17
C GLY A 102 10.96 1.82 1.06
N LEU A 103 10.61 3.09 1.19
CA LEU A 103 11.35 4.03 2.03
C LEU A 103 11.36 3.53 3.48
N ALA A 104 10.21 3.13 4.01
CA ALA A 104 10.09 2.65 5.37
C ALA A 104 10.90 1.35 5.59
N VAL A 105 10.90 0.45 4.62
CA VAL A 105 11.68 -0.79 4.64
C VAL A 105 13.18 -0.45 4.65
N ILE A 106 13.63 0.47 3.79
CA ILE A 106 15.03 0.87 3.66
C ILE A 106 15.51 1.50 4.97
N ASN A 107 14.74 2.45 5.52
CA ASN A 107 15.20 3.26 6.65
C ASN A 107 14.87 2.64 8.01
N VAL A 108 14.08 1.57 8.02
CA VAL A 108 13.53 0.94 9.23
C VAL A 108 12.66 1.98 9.98
N SER A 109 11.67 2.52 9.26
CA SER A 109 10.78 3.59 9.72
C SER A 109 9.32 3.28 9.39
N THR A 110 8.92 2.02 9.55
CA THR A 110 7.54 1.54 9.43
C THR A 110 6.69 2.10 10.58
N GLU A 111 6.37 3.40 10.54
CA GLU A 111 5.77 4.14 11.64
C GLU A 111 4.56 4.93 11.16
N ILE A 112 4.77 5.87 10.24
CA ILE A 112 3.72 6.77 9.70
C ILE A 112 3.79 6.86 8.18
N TYR A 113 4.95 6.56 7.59
CA TYR A 113 5.16 6.50 6.15
C TYR A 113 4.12 5.59 5.49
N CYS A 114 3.81 4.49 6.17
CA CYS A 114 3.05 3.35 5.68
C CYS A 114 2.02 2.91 6.73
N ASN A 115 1.48 3.89 7.48
CA ASN A 115 0.35 3.69 8.36
C ASN A 115 -0.89 4.05 7.52
N PRO A 116 -1.76 3.10 7.16
CA PRO A 116 -2.91 3.38 6.32
C PRO A 116 -4.06 3.95 7.15
N ARG A 117 -4.29 3.42 8.35
CA ARG A 117 -5.46 3.75 9.15
C ARG A 117 -5.37 5.16 9.70
N ARG A 118 -4.16 5.59 10.10
CA ARG A 118 -3.82 6.90 10.64
C ARG A 118 -4.95 7.44 11.52
N MET A 8 21.51 -3.44 13.12
CA MET A 8 20.63 -3.45 11.94
C MET A 8 19.22 -2.99 12.33
N LYS A 9 18.54 -2.25 11.44
CA LYS A 9 17.20 -1.68 11.69
C LYS A 9 16.26 -1.87 10.49
N ARG A 10 16.58 -2.78 9.57
CA ARG A 10 15.73 -3.10 8.40
C ARG A 10 14.53 -4.00 8.75
N LYS A 11 14.21 -4.18 10.02
CA LYS A 11 13.15 -5.07 10.51
C LYS A 11 12.20 -4.29 11.42
N SER A 12 11.08 -4.93 11.76
CA SER A 12 9.95 -4.32 12.44
C SER A 12 9.37 -3.15 11.63
N ILE A 13 9.48 -3.21 10.30
CA ILE A 13 9.02 -2.17 9.38
C ILE A 13 7.47 -2.15 9.35
N PHE A 14 6.83 -3.33 9.37
CA PHE A 14 5.38 -3.50 9.32
C PHE A 14 4.95 -4.72 10.15
N LYS A 15 5.70 -5.08 11.20
CA LYS A 15 5.52 -6.34 11.96
C LYS A 15 4.07 -6.64 12.30
N ASP A 16 3.39 -5.64 12.84
CA ASP A 16 1.99 -5.70 13.28
C ASP A 16 1.09 -5.00 12.27
N LYS A 17 1.25 -5.31 10.97
CA LYS A 17 0.39 -4.83 9.90
C LYS A 17 0.27 -5.93 8.86
N VAL A 18 -0.86 -5.93 8.17
CA VAL A 18 -1.09 -6.76 6.99
C VAL A 18 -1.53 -5.82 5.88
N PHE A 19 -1.17 -6.10 4.63
CA PHE A 19 -1.70 -5.33 3.50
C PHE A 19 -2.20 -6.20 2.37
N LEU A 20 -3.06 -5.60 1.54
CA LEU A 20 -3.67 -6.20 0.36
C LEU A 20 -3.15 -5.41 -0.83
N PHE A 21 -2.28 -5.99 -1.66
CA PHE A 21 -1.70 -5.29 -2.79
C PHE A 21 -2.70 -5.28 -3.95
N LEU A 22 -2.78 -4.16 -4.68
CA LEU A 22 -3.58 -4.01 -5.89
C LEU A 22 -2.74 -4.30 -7.16
N ASN A 23 -1.61 -4.99 -7.05
CA ASN A 23 -0.65 -5.25 -8.13
C ASN A 23 -0.33 -6.73 -8.18
N ALA A 24 -0.65 -7.42 -9.27
CA ALA A 24 -0.49 -8.87 -9.38
C ALA A 24 0.96 -9.33 -9.63
N LYS A 25 1.90 -8.42 -9.92
CA LYS A 25 3.25 -8.80 -10.38
C LYS A 25 4.33 -8.25 -9.47
N GLN A 26 4.31 -6.96 -9.14
CA GLN A 26 5.26 -6.39 -8.18
C GLN A 26 5.14 -7.07 -6.82
N TYR A 27 3.97 -7.67 -6.53
CA TYR A 27 3.73 -8.53 -5.39
C TYR A 27 4.88 -9.53 -5.20
N LYS A 28 5.36 -10.17 -6.26
CA LYS A 28 6.34 -11.24 -6.15
C LYS A 28 7.71 -10.77 -5.63
N LYS A 29 7.95 -9.46 -5.52
CA LYS A 29 9.14 -8.90 -4.86
C LYS A 29 8.75 -8.11 -3.61
N LEU A 30 7.68 -7.30 -3.64
CA LEU A 30 7.29 -6.49 -2.49
C LEU A 30 6.89 -7.39 -1.32
N SER A 31 6.14 -8.46 -1.59
CA SER A 31 5.70 -9.41 -0.58
C SER A 31 6.86 -10.05 0.16
N PRO A 32 7.85 -10.71 -0.49
CA PRO A 32 9.00 -11.27 0.23
C PRO A 32 9.82 -10.16 0.92
N ALA A 33 10.02 -9.00 0.28
CA ALA A 33 10.77 -7.91 0.91
C ALA A 33 10.13 -7.45 2.22
N VAL A 34 8.81 -7.29 2.25
CA VAL A 34 8.07 -6.89 3.44
C VAL A 34 8.02 -8.03 4.44
N LEU A 35 7.99 -9.30 4.00
CA LEU A 35 8.07 -10.46 4.89
C LEU A 35 9.41 -10.40 5.65
N PHE A 36 10.52 -10.13 4.95
CA PHE A 36 11.83 -9.93 5.56
C PHE A 36 11.85 -8.69 6.46
N GLY A 37 11.10 -7.64 6.12
CA GLY A 37 10.88 -6.46 6.97
C GLY A 37 10.03 -6.74 8.22
N GLY A 38 9.27 -7.84 8.23
CA GLY A 38 8.54 -8.37 9.36
C GLY A 38 7.03 -8.42 9.15
N GLY A 39 6.48 -7.70 8.17
CA GLY A 39 5.05 -7.50 8.00
C GLY A 39 4.37 -8.52 7.10
N LYS A 40 3.05 -8.45 7.00
CA LYS A 40 2.24 -9.48 6.32
C LYS A 40 1.63 -8.91 5.04
N THR A 41 1.47 -9.77 4.05
CA THR A 41 1.10 -9.37 2.70
C THR A 41 0.10 -10.36 2.10
N ASP A 42 -0.84 -9.86 1.31
CA ASP A 42 -1.85 -10.61 0.58
C ASP A 42 -2.22 -9.81 -0.69
N LEU A 43 -3.05 -10.36 -1.58
CA LEU A 43 -3.40 -9.78 -2.87
C LEU A 43 -4.93 -9.73 -2.95
N LEU A 44 -5.49 -8.54 -3.24
CA LEU A 44 -6.93 -8.37 -3.48
C LEU A 44 -7.14 -7.18 -4.38
N MET A 45 -7.87 -7.40 -5.48
CA MET A 45 -8.37 -6.38 -6.39
C MET A 45 -9.81 -6.71 -6.83
N GLY A 46 -10.47 -7.61 -6.07
CA GLY A 46 -11.78 -8.16 -6.35
C GLY A 46 -12.87 -7.25 -5.80
N GLU A 47 -12.88 -5.99 -6.27
CA GLU A 47 -13.95 -5.01 -6.03
C GLU A 47 -14.07 -4.54 -4.57
N LEU A 48 -13.13 -4.93 -3.70
CA LEU A 48 -13.07 -4.60 -2.27
C LEU A 48 -14.44 -4.75 -1.58
N LYS A 49 -15.12 -5.87 -1.83
CA LYS A 49 -16.50 -6.09 -1.38
C LYS A 49 -16.62 -6.02 0.15
N ASP A 50 -15.67 -6.62 0.85
CA ASP A 50 -15.66 -6.64 2.32
C ASP A 50 -15.39 -5.24 2.88
N ALA A 51 -15.76 -4.98 4.14
CA ALA A 51 -15.54 -3.70 4.82
C ALA A 51 -14.78 -3.87 6.14
N SER A 52 -14.74 -5.06 6.73
CA SER A 52 -13.99 -5.32 7.95
C SER A 52 -12.50 -5.14 7.70
N VAL A 53 -12.02 -5.43 6.49
CA VAL A 53 -10.65 -5.14 6.03
C VAL A 53 -10.28 -3.65 6.16
N LEU A 54 -11.23 -2.72 6.23
CA LEU A 54 -10.96 -1.28 6.36
C LEU A 54 -11.32 -0.76 7.74
N ASP A 55 -12.23 -1.42 8.46
CA ASP A 55 -12.62 -1.00 9.81
C ASP A 55 -11.55 -1.40 10.82
N ASN A 56 -10.96 -2.59 10.67
CA ASN A 56 -10.03 -3.16 11.64
C ASN A 56 -8.74 -2.30 11.77
N PRO A 57 -8.04 -2.35 12.91
CA PRO A 57 -6.95 -1.43 13.23
C PRO A 57 -5.61 -1.65 12.51
N ALA A 58 -5.41 -2.71 11.71
CA ALA A 58 -4.07 -3.04 11.22
C ALA A 58 -3.99 -3.63 9.80
N THR A 59 -5.07 -3.56 9.03
CA THR A 59 -5.04 -3.88 7.61
C THR A 59 -4.79 -2.60 6.81
N CYS A 60 -4.41 -2.76 5.54
CA CYS A 60 -3.91 -1.73 4.66
C CYS A 60 -4.16 -2.20 3.22
N VAL A 61 -4.11 -1.28 2.25
CA VAL A 61 -4.22 -1.59 0.83
C VAL A 61 -3.12 -0.79 0.12
N ILE A 62 -2.49 -1.41 -0.90
CA ILE A 62 -1.31 -0.86 -1.55
C ILE A 62 -1.69 -0.51 -2.99
N ASP A 63 -1.66 0.78 -3.30
CA ASP A 63 -1.83 1.34 -4.63
C ASP A 63 -0.58 1.08 -5.48
N VAL A 64 -0.73 1.20 -6.79
CA VAL A 64 0.24 0.80 -7.80
C VAL A 64 1.14 2.01 -8.17
N ALA A 65 2.29 1.74 -8.81
CA ALA A 65 3.19 2.74 -9.35
C ALA A 65 3.67 2.29 -10.74
N MET A 66 4.42 3.15 -11.43
CA MET A 66 4.84 2.97 -12.83
C MET A 66 6.34 3.25 -12.99
N THR A 67 7.10 3.21 -11.89
CA THR A 67 8.50 3.60 -11.78
C THR A 67 9.46 2.69 -12.59
N GLU A 68 8.94 1.71 -13.34
CA GLU A 68 9.72 0.84 -14.22
C GLU A 68 10.46 1.62 -15.32
N SER A 69 9.99 2.84 -15.63
CA SER A 69 10.67 3.75 -16.55
C SER A 69 10.59 5.18 -16.00
N GLN A 70 9.37 5.66 -15.70
CA GLN A 70 9.11 6.90 -14.97
C GLN A 70 7.70 6.81 -14.39
N LEU A 71 7.55 7.19 -13.12
CA LEU A 71 6.24 7.22 -12.47
C LEU A 71 5.40 8.33 -13.14
N SER A 72 4.10 8.09 -13.30
CA SER A 72 3.14 9.05 -13.83
C SER A 72 3.11 10.33 -12.97
N GLU A 73 2.78 11.47 -13.60
CA GLU A 73 2.61 12.74 -12.92
C GLU A 73 1.62 13.64 -13.70
N SER A 74 1.67 13.59 -15.04
CA SER A 74 0.96 14.49 -15.94
C SER A 74 -0.57 14.49 -15.81
N GLN A 75 -1.17 13.51 -15.12
CA GLN A 75 -2.60 13.41 -14.89
C GLN A 75 -2.92 13.10 -13.41
N SER A 76 -1.93 13.14 -12.53
CA SER A 76 -2.03 12.70 -11.13
C SER A 76 -2.61 13.80 -10.22
N THR A 77 -2.94 14.98 -10.76
CA THR A 77 -3.35 16.17 -10.01
C THR A 77 -4.76 16.62 -10.44
N GLN A 78 -5.53 15.72 -11.07
CA GLN A 78 -6.96 15.92 -11.35
C GLN A 78 -7.74 16.07 -10.02
N PRO A 79 -8.94 16.70 -10.04
CA PRO A 79 -9.80 16.80 -8.87
C PRO A 79 -10.48 15.47 -8.51
N TRP A 80 -10.20 14.38 -9.24
CA TRP A 80 -10.73 13.04 -9.02
C TRP A 80 -9.57 12.04 -9.14
N ILE A 81 -9.79 10.81 -8.68
CA ILE A 81 -8.81 9.73 -8.68
C ILE A 81 -9.52 8.42 -9.10
N THR A 82 -8.72 7.39 -9.40
CA THR A 82 -9.20 6.07 -9.82
C THR A 82 -10.20 5.52 -8.80
N SER A 83 -11.22 4.80 -9.27
CA SER A 83 -12.38 4.38 -8.49
C SER A 83 -11.99 3.64 -7.21
N THR A 84 -10.98 2.76 -7.25
CA THR A 84 -10.59 1.97 -6.09
C THR A 84 -10.03 2.86 -4.96
N LEU A 85 -9.31 3.94 -5.30
CA LEU A 85 -8.69 4.84 -4.33
C LEU A 85 -9.80 5.61 -3.60
N ASP A 86 -10.77 6.12 -4.38
CA ASP A 86 -11.92 6.85 -3.85
C ASP A 86 -12.80 5.92 -3.01
N LEU A 87 -13.05 4.69 -3.48
CA LEU A 87 -13.79 3.67 -2.74
C LEU A 87 -13.11 3.42 -1.39
N LEU A 88 -11.79 3.20 -1.38
CA LEU A 88 -11.02 2.99 -0.17
C LEU A 88 -11.25 4.14 0.80
N GLN A 89 -11.05 5.38 0.32
CA GLN A 89 -11.13 6.58 1.14
C GLN A 89 -12.52 6.77 1.76
N SER A 90 -13.59 6.54 1.01
CA SER A 90 -14.94 6.64 1.55
C SER A 90 -15.28 5.47 2.48
N LYS A 91 -14.78 4.27 2.20
CA LYS A 91 -15.20 3.04 2.89
C LYS A 91 -14.44 2.83 4.20
N GLY A 92 -13.17 3.26 4.32
CA GLY A 92 -12.51 3.28 5.62
C GLY A 92 -11.04 3.73 5.66
N LEU A 93 -10.22 3.47 4.63
CA LEU A 93 -8.77 3.69 4.72
C LEU A 93 -8.16 4.39 3.50
N ARG A 94 -6.93 4.87 3.65
CA ARG A 94 -6.09 5.34 2.56
C ARG A 94 -5.50 4.08 1.91
N THR A 95 -5.16 4.17 0.63
CA THR A 95 -4.40 3.14 -0.05
C THR A 95 -3.07 3.82 -0.37
N ILE A 96 -1.96 3.18 0.01
CA ILE A 96 -0.65 3.80 0.00
C ILE A 96 0.15 3.23 -1.18
N PRO A 97 0.85 4.04 -1.99
CA PRO A 97 1.49 3.54 -3.20
C PRO A 97 2.73 2.69 -2.87
N GLU A 98 2.97 1.68 -3.70
CA GLU A 98 4.13 0.80 -3.58
C GLU A 98 5.47 1.57 -3.57
N ALA A 99 5.53 2.70 -4.30
CA ALA A 99 6.73 3.53 -4.38
C ALA A 99 7.06 4.18 -3.03
N GLU A 100 6.04 4.64 -2.30
CA GLU A 100 6.23 5.20 -0.98
C GLU A 100 6.74 4.11 -0.04
N ILE A 101 6.21 2.88 -0.12
CA ILE A 101 6.71 1.78 0.69
C ILE A 101 8.19 1.55 0.38
N GLY A 102 8.60 1.52 -0.89
CA GLY A 102 10.01 1.34 -1.21
C GLY A 102 10.89 2.44 -0.60
N LEU A 103 10.46 3.70 -0.69
CA LEU A 103 11.18 4.82 -0.08
C LEU A 103 11.26 4.63 1.43
N ALA A 104 10.15 4.31 2.08
CA ALA A 104 10.07 4.13 3.52
C ALA A 104 10.84 2.89 3.99
N VAL A 105 11.00 1.86 3.16
CA VAL A 105 11.86 0.71 3.43
C VAL A 105 13.32 1.17 3.40
N ILE A 106 13.72 1.97 2.39
CA ILE A 106 15.07 2.51 2.26
C ILE A 106 15.41 3.43 3.45
N ASN A 107 14.44 4.20 3.95
CA ASN A 107 14.68 5.25 4.93
C ASN A 107 14.30 4.81 6.35
N VAL A 108 13.69 3.62 6.47
CA VAL A 108 13.06 3.05 7.65
C VAL A 108 12.10 4.05 8.33
N SER A 109 11.07 4.45 7.58
CA SER A 109 10.14 5.55 7.94
C SER A 109 8.68 5.22 7.65
N THR A 110 8.28 3.95 7.77
CA THR A 110 6.92 3.47 7.48
C THR A 110 5.85 4.00 8.46
N GLU A 111 6.24 4.74 9.50
CA GLU A 111 5.42 5.18 10.63
C GLU A 111 4.12 5.85 10.18
N ILE A 112 4.26 6.91 9.36
CA ILE A 112 3.19 7.80 8.93
C ILE A 112 3.24 7.94 7.41
N TYR A 113 4.42 7.76 6.78
CA TYR A 113 4.59 7.87 5.34
C TYR A 113 3.68 6.84 4.66
N CYS A 114 3.73 5.60 5.16
CA CYS A 114 3.13 4.43 4.55
C CYS A 114 2.13 3.83 5.53
N ASN A 115 1.19 4.67 5.92
CA ASN A 115 0.21 4.41 6.97
C ASN A 115 -1.17 4.66 6.35
N PRO A 116 -2.07 3.66 6.38
CA PRO A 116 -3.38 3.76 5.75
C PRO A 116 -4.43 4.47 6.60
N ARG A 117 -4.13 4.85 7.85
CA ARG A 117 -5.14 5.34 8.79
C ARG A 117 -4.75 6.68 9.42
N ARG A 118 -3.51 6.78 9.91
CA ARG A 118 -2.83 7.97 10.44
C ARG A 118 -3.80 9.06 10.91
N MET A 8 17.99 -5.41 15.60
CA MET A 8 19.34 -5.77 15.12
C MET A 8 19.30 -6.18 13.64
N LYS A 9 19.05 -7.46 13.31
CA LYS A 9 19.19 -7.98 11.93
C LYS A 9 18.08 -8.98 11.53
N ARG A 10 16.97 -9.03 12.26
CA ARG A 10 15.84 -9.91 11.94
C ARG A 10 15.08 -9.46 10.69
N LYS A 11 15.23 -8.19 10.26
CA LYS A 11 14.55 -7.58 9.12
C LYS A 11 13.02 -7.65 9.23
N SER A 12 12.48 -7.67 10.45
CA SER A 12 11.04 -7.80 10.75
C SER A 12 10.23 -6.51 10.44
N ILE A 13 10.65 -5.72 9.45
CA ILE A 13 10.15 -4.37 9.14
C ILE A 13 8.61 -4.29 9.09
N PHE A 14 7.95 -5.30 8.53
CA PHE A 14 6.50 -5.42 8.49
C PHE A 14 6.07 -6.86 8.80
N LYS A 15 6.85 -7.56 9.65
CA LYS A 15 6.50 -8.92 10.04
C LYS A 15 5.13 -8.92 10.73
N ASP A 16 4.40 -10.02 10.54
CA ASP A 16 3.01 -10.19 10.96
C ASP A 16 2.12 -9.01 10.54
N LYS A 17 2.21 -8.64 9.25
CA LYS A 17 1.34 -7.66 8.59
C LYS A 17 1.15 -8.16 7.17
N VAL A 18 0.06 -7.72 6.54
CA VAL A 18 -0.24 -8.02 5.15
C VAL A 18 -0.78 -6.74 4.51
N PHE A 19 -0.71 -6.60 3.18
CA PHE A 19 -1.41 -5.51 2.50
C PHE A 19 -1.99 -5.95 1.16
N LEU A 20 -2.97 -5.18 0.70
CA LEU A 20 -3.53 -5.26 -0.64
C LEU A 20 -2.87 -4.15 -1.46
N PHE A 21 -2.60 -4.37 -2.74
CA PHE A 21 -1.81 -3.47 -3.56
C PHE A 21 -2.64 -3.01 -4.74
N LEU A 22 -2.77 -1.69 -4.96
CA LEU A 22 -3.72 -1.13 -5.93
C LEU A 22 -3.15 -1.05 -7.37
N ASN A 23 -2.21 -1.92 -7.75
CA ASN A 23 -1.45 -1.83 -9.01
C ASN A 23 -1.04 -3.22 -9.50
N ALA A 24 -0.76 -3.39 -10.80
CA ALA A 24 -0.54 -4.68 -11.45
C ALA A 24 0.92 -4.98 -11.84
N LYS A 25 1.87 -4.06 -11.63
CA LYS A 25 3.24 -4.18 -12.17
C LYS A 25 4.28 -3.99 -11.08
N GLN A 26 4.24 -2.87 -10.35
CA GLN A 26 5.13 -2.62 -9.21
C GLN A 26 5.00 -3.71 -8.15
N TYR A 27 3.84 -4.37 -8.11
CA TYR A 27 3.53 -5.52 -7.28
C TYR A 27 4.63 -6.57 -7.33
N LYS A 28 5.16 -6.83 -8.52
CA LYS A 28 6.08 -7.94 -8.76
C LYS A 28 7.44 -7.73 -8.08
N LYS A 29 7.77 -6.51 -7.66
CA LYS A 29 9.00 -6.18 -6.96
C LYS A 29 8.73 -5.81 -5.50
N LEU A 30 7.62 -5.11 -5.23
CA LEU A 30 7.30 -4.76 -3.85
C LEU A 30 6.97 -6.02 -3.05
N SER A 31 6.33 -7.02 -3.67
CA SER A 31 6.06 -8.30 -3.02
C SER A 31 7.33 -8.97 -2.48
N PRO A 32 8.36 -9.29 -3.29
CA PRO A 32 9.58 -9.89 -2.77
C PRO A 32 10.30 -8.95 -1.80
N ALA A 33 10.33 -7.63 -2.07
CA ALA A 33 10.96 -6.69 -1.13
C ALA A 33 10.33 -6.77 0.26
N VAL A 34 9.01 -6.73 0.34
CA VAL A 34 8.27 -6.77 1.61
C VAL A 34 8.32 -8.19 2.21
N LEU A 35 8.47 -9.25 1.40
CA LEU A 35 8.67 -10.60 1.90
C LEU A 35 9.98 -10.68 2.68
N PHE A 36 11.07 -10.11 2.13
CA PHE A 36 12.32 -9.96 2.87
C PHE A 36 12.14 -9.03 4.09
N GLY A 37 11.26 -8.04 3.98
CA GLY A 37 10.82 -7.18 5.08
C GLY A 37 9.91 -7.89 6.11
N GLY A 38 9.61 -9.18 5.93
CA GLY A 38 8.84 -9.98 6.87
C GLY A 38 7.33 -9.97 6.63
N GLY A 39 6.80 -9.00 5.88
CA GLY A 39 5.37 -8.83 5.65
C GLY A 39 4.86 -9.62 4.46
N LYS A 40 3.55 -9.53 4.21
CA LYS A 40 2.87 -10.27 3.14
C LYS A 40 2.10 -9.30 2.24
N THR A 41 1.83 -9.74 1.01
CA THR A 41 1.27 -8.89 -0.03
C THR A 41 0.18 -9.65 -0.79
N ASP A 42 -0.80 -8.91 -1.29
CA ASP A 42 -1.93 -9.40 -2.10
C ASP A 42 -2.34 -8.28 -3.06
N LEU A 43 -3.16 -8.59 -4.06
CA LEU A 43 -3.48 -7.71 -5.18
C LEU A 43 -4.99 -7.76 -5.36
N LEU A 44 -5.68 -6.69 -4.96
CA LEU A 44 -7.15 -6.62 -4.93
C LEU A 44 -7.57 -5.16 -5.03
N MET A 45 -8.56 -4.86 -5.89
CA MET A 45 -9.05 -3.51 -6.14
C MET A 45 -10.53 -3.48 -6.57
N GLY A 46 -11.30 -4.54 -6.28
CA GLY A 46 -12.70 -4.67 -6.73
C GLY A 46 -13.56 -5.33 -5.67
N GLU A 47 -13.27 -6.58 -5.30
CA GLU A 47 -14.00 -7.29 -4.23
C GLU A 47 -13.57 -6.83 -2.82
N LEU A 48 -12.83 -5.72 -2.74
CA LEU A 48 -12.46 -5.00 -1.51
C LEU A 48 -13.70 -4.58 -0.68
N LYS A 49 -14.90 -4.62 -1.28
CA LYS A 49 -16.19 -4.45 -0.60
C LYS A 49 -16.33 -5.33 0.64
N ASP A 50 -15.62 -6.46 0.68
CA ASP A 50 -15.56 -7.44 1.77
C ASP A 50 -15.48 -6.82 3.18
N ALA A 51 -14.72 -5.73 3.32
CA ALA A 51 -14.55 -4.91 4.53
C ALA A 51 -13.93 -5.59 5.77
N SER A 52 -13.90 -6.92 5.89
CA SER A 52 -13.11 -7.57 6.96
C SER A 52 -11.62 -7.27 6.72
N VAL A 53 -11.20 -7.20 5.46
CA VAL A 53 -9.89 -6.72 5.03
C VAL A 53 -9.60 -5.27 5.47
N LEU A 54 -10.59 -4.54 5.97
CA LEU A 54 -10.49 -3.15 6.40
C LEU A 54 -10.81 -2.97 7.89
N ASP A 55 -10.93 -4.07 8.64
CA ASP A 55 -11.32 -4.05 10.05
C ASP A 55 -10.42 -4.94 10.91
N ASN A 56 -9.93 -6.06 10.36
CA ASN A 56 -8.90 -6.88 11.00
C ASN A 56 -7.67 -5.99 11.31
N PRO A 57 -6.90 -6.29 12.37
CA PRO A 57 -5.87 -5.40 12.90
C PRO A 57 -4.55 -5.25 12.11
N ALA A 58 -4.34 -5.93 10.97
CA ALA A 58 -3.01 -5.96 10.34
C ALA A 58 -3.00 -5.95 8.81
N THR A 59 -4.05 -5.41 8.17
CA THR A 59 -4.06 -5.14 6.73
C THR A 59 -3.69 -3.68 6.46
N CYS A 60 -3.41 -3.39 5.17
CA CYS A 60 -3.24 -2.05 4.61
C CYS A 60 -3.73 -2.10 3.15
N VAL A 61 -3.86 -0.95 2.50
CA VAL A 61 -4.08 -0.86 1.06
C VAL A 61 -3.08 0.18 0.54
N ILE A 62 -2.33 -0.21 -0.48
CA ILE A 62 -1.19 0.55 -0.96
C ILE A 62 -1.62 1.30 -2.22
N ASP A 63 -1.63 2.63 -2.09
CA ASP A 63 -1.83 3.58 -3.18
C ASP A 63 -0.58 3.60 -4.08
N VAL A 64 -0.78 3.88 -5.36
CA VAL A 64 0.27 3.84 -6.38
C VAL A 64 1.07 5.14 -6.38
N ALA A 65 0.44 6.28 -6.06
CA ALA A 65 1.00 7.63 -6.17
C ALA A 65 1.82 7.82 -7.47
N MET A 66 1.27 7.35 -8.59
CA MET A 66 1.97 7.28 -9.88
C MET A 66 2.49 8.64 -10.35
N THR A 67 1.88 9.74 -9.92
CA THR A 67 2.27 11.11 -10.23
C THR A 67 3.70 11.45 -9.73
N GLU A 68 4.28 10.65 -8.82
CA GLU A 68 5.67 10.79 -8.41
C GLU A 68 6.63 10.50 -9.59
N SER A 69 6.17 9.74 -10.59
CA SER A 69 6.99 9.21 -11.69
C SER A 69 6.29 9.35 -13.05
N GLN A 70 5.24 10.18 -13.14
CA GLN A 70 4.44 10.39 -14.33
C GLN A 70 3.93 11.84 -14.32
N LEU A 71 4.09 12.55 -15.43
CA LEU A 71 3.58 13.90 -15.63
C LEU A 71 3.38 14.11 -17.13
N SER A 72 2.51 15.05 -17.49
CA SER A 72 2.14 15.43 -18.86
C SER A 72 1.78 14.22 -19.74
N GLU A 73 1.27 13.13 -19.16
CA GLU A 73 0.93 11.90 -19.85
C GLU A 73 -0.14 11.18 -19.03
N SER A 74 -1.13 10.57 -19.69
CA SER A 74 -2.15 9.71 -19.12
C SER A 74 -2.75 8.87 -20.26
N GLN A 75 -3.11 7.61 -19.97
CA GLN A 75 -3.89 6.79 -20.91
C GLN A 75 -5.34 7.27 -20.96
N SER A 76 -5.87 7.74 -19.83
CA SER A 76 -7.17 8.40 -19.73
C SER A 76 -7.19 9.71 -20.53
N THR A 77 -8.38 10.18 -20.89
CA THR A 77 -8.58 11.41 -21.67
C THR A 77 -8.10 12.67 -20.95
N GLN A 78 -7.95 12.62 -19.61
CA GLN A 78 -7.36 13.65 -18.78
C GLN A 78 -6.69 12.95 -17.58
N PRO A 79 -5.72 13.60 -16.90
CA PRO A 79 -5.21 13.10 -15.64
C PRO A 79 -6.32 13.12 -14.58
N TRP A 80 -6.31 12.14 -13.70
CA TRP A 80 -7.25 11.98 -12.58
C TRP A 80 -6.64 11.00 -11.57
N ILE A 81 -7.29 10.84 -10.42
CA ILE A 81 -6.98 9.82 -9.43
C ILE A 81 -8.34 9.37 -8.85
N THR A 82 -8.58 8.05 -8.86
CA THR A 82 -9.87 7.47 -8.54
C THR A 82 -10.25 7.75 -7.08
N SER A 83 -11.55 7.89 -6.81
CA SER A 83 -12.12 8.16 -5.49
C SER A 83 -11.86 7.02 -4.48
N THR A 84 -11.39 5.85 -4.93
CA THR A 84 -11.13 4.67 -4.13
C THR A 84 -10.27 4.97 -2.90
N LEU A 85 -9.31 5.89 -3.01
CA LEU A 85 -8.41 6.27 -1.92
C LEU A 85 -9.24 6.76 -0.72
N ASP A 86 -10.06 7.78 -0.94
CA ASP A 86 -10.89 8.39 0.10
C ASP A 86 -12.03 7.48 0.55
N LEU A 87 -12.59 6.70 -0.39
CA LEU A 87 -13.60 5.71 -0.08
C LEU A 87 -13.05 4.71 0.94
N LEU A 88 -11.86 4.17 0.70
CA LEU A 88 -11.23 3.21 1.61
C LEU A 88 -10.90 3.88 2.94
N GLN A 89 -10.37 5.12 2.91
CA GLN A 89 -10.09 5.90 4.10
C GLN A 89 -11.32 6.05 4.99
N SER A 90 -12.49 6.22 4.40
CA SER A 90 -13.76 6.30 5.13
C SER A 90 -14.25 4.92 5.55
N LYS A 91 -14.10 3.91 4.68
CA LYS A 91 -14.63 2.55 4.87
C LYS A 91 -13.91 1.82 6.00
N GLY A 92 -12.60 2.04 6.20
CA GLY A 92 -11.91 1.47 7.35
C GLY A 92 -10.42 1.75 7.44
N LEU A 93 -9.69 1.94 6.33
CA LEU A 93 -8.23 2.06 6.34
C LEU A 93 -7.76 3.08 5.33
N ARG A 94 -6.79 3.91 5.75
CA ARG A 94 -6.13 4.87 4.91
C ARG A 94 -5.34 4.13 3.84
N THR A 95 -5.30 4.71 2.64
CA THR A 95 -4.47 4.19 1.58
C THR A 95 -3.10 4.86 1.73
N ILE A 96 -2.02 4.10 1.58
CA ILE A 96 -0.67 4.58 1.88
C ILE A 96 0.20 4.40 0.63
N PRO A 97 0.92 5.42 0.13
CA PRO A 97 1.71 5.30 -1.09
C PRO A 97 2.77 4.21 -1.01
N GLU A 98 3.01 3.50 -2.11
CA GLU A 98 4.15 2.58 -2.24
C GLU A 98 5.49 3.32 -2.03
N ALA A 99 5.53 4.62 -2.34
CA ALA A 99 6.70 5.45 -2.12
C ALA A 99 7.03 5.55 -0.62
N GLU A 100 6.00 5.62 0.24
CA GLU A 100 6.19 5.71 1.68
C GLU A 100 6.56 4.34 2.26
N ILE A 101 6.12 3.24 1.64
CA ILE A 101 6.59 1.90 1.97
C ILE A 101 8.11 1.89 1.74
N GLY A 102 8.56 2.30 0.56
CA GLY A 102 9.98 2.30 0.22
C GLY A 102 10.79 3.21 1.15
N LEU A 103 10.31 4.42 1.43
CA LEU A 103 11.01 5.34 2.32
C LEU A 103 11.18 4.73 3.71
N ALA A 104 10.11 4.14 4.26
CA ALA A 104 10.18 3.56 5.58
C ALA A 104 11.04 2.29 5.62
N VAL A 105 11.10 1.53 4.53
CA VAL A 105 12.02 0.40 4.40
C VAL A 105 13.46 0.91 4.44
N ILE A 106 13.79 1.97 3.69
CA ILE A 106 15.12 2.57 3.65
C ILE A 106 15.48 3.12 5.05
N ASN A 107 14.54 3.81 5.69
CA ASN A 107 14.74 4.52 6.95
C ASN A 107 14.54 3.62 8.19
N VAL A 108 14.15 2.36 7.98
CA VAL A 108 13.85 1.35 9.00
C VAL A 108 12.91 1.93 10.08
N SER A 109 11.85 2.63 9.64
CA SER A 109 10.93 3.39 10.49
C SER A 109 9.49 3.23 10.00
N THR A 110 9.09 1.98 9.78
CA THR A 110 7.72 1.57 9.48
C THR A 110 6.80 1.81 10.69
N GLU A 111 6.41 3.08 10.88
CA GLU A 111 5.72 3.54 12.10
C GLU A 111 4.46 4.31 11.75
N ILE A 112 4.59 5.39 10.97
CA ILE A 112 3.49 6.25 10.54
C ILE A 112 3.57 6.62 9.06
N TYR A 113 4.76 6.52 8.45
CA TYR A 113 4.99 6.76 7.04
C TYR A 113 3.95 6.02 6.18
N CYS A 114 3.77 4.74 6.48
CA CYS A 114 3.02 3.78 5.70
C CYS A 114 2.26 2.87 6.67
N ASN A 115 1.47 3.51 7.53
CA ASN A 115 0.60 2.90 8.52
C ASN A 115 -0.82 3.35 8.16
N PRO A 116 -1.76 2.43 7.86
CA PRO A 116 -3.07 2.76 7.34
C PRO A 116 -4.12 2.99 8.44
N ARG A 117 -3.76 2.82 9.71
CA ARG A 117 -4.71 2.80 10.82
C ARG A 117 -4.35 3.83 11.90
N ARG A 118 -3.06 4.03 12.11
CA ARG A 118 -2.44 4.99 13.01
C ARG A 118 -3.23 5.10 14.31
N MET A 8 13.17 -0.08 16.13
CA MET A 8 13.01 -0.68 14.78
C MET A 8 14.37 -1.12 14.22
N LYS A 9 14.38 -2.16 13.39
CA LYS A 9 15.54 -2.68 12.67
C LYS A 9 15.01 -3.25 11.35
N ARG A 10 15.86 -3.34 10.32
CA ARG A 10 15.49 -3.73 8.95
C ARG A 10 14.64 -5.01 8.93
N LYS A 11 15.01 -6.01 9.74
CA LYS A 11 14.33 -7.31 9.79
C LYS A 11 12.86 -7.22 10.25
N SER A 12 12.45 -6.15 10.93
CA SER A 12 11.15 -6.08 11.58
C SER A 12 10.34 -4.82 11.26
N ILE A 13 10.77 -4.03 10.26
CA ILE A 13 10.15 -2.79 9.79
C ILE A 13 8.61 -2.86 9.74
N PHE A 14 8.04 -3.97 9.27
CA PHE A 14 6.60 -4.20 9.23
C PHE A 14 6.29 -5.66 9.61
N LYS A 15 7.02 -6.23 10.57
CA LYS A 15 6.71 -7.57 11.07
C LYS A 15 5.27 -7.62 11.57
N ASP A 16 4.63 -8.77 11.39
CA ASP A 16 3.24 -9.04 11.76
C ASP A 16 2.27 -8.00 11.20
N LYS A 17 2.40 -7.72 9.89
CA LYS A 17 1.45 -6.92 9.11
C LYS A 17 1.28 -7.61 7.76
N VAL A 18 0.19 -7.32 7.07
CA VAL A 18 -0.08 -7.79 5.72
C VAL A 18 -0.62 -6.58 4.93
N PHE A 19 -0.50 -6.57 3.59
CA PHE A 19 -1.19 -5.57 2.79
C PHE A 19 -1.71 -6.11 1.46
N LEU A 20 -2.66 -5.39 0.86
CA LEU A 20 -3.22 -5.63 -0.47
C LEU A 20 -2.74 -4.48 -1.35
N PHE A 21 -1.89 -4.74 -2.34
CA PHE A 21 -1.45 -3.69 -3.26
C PHE A 21 -2.56 -3.44 -4.30
N LEU A 22 -2.65 -2.20 -4.80
CA LEU A 22 -3.48 -1.84 -5.94
C LEU A 22 -2.66 -1.75 -7.24
N ASN A 23 -1.51 -2.43 -7.34
CA ASN A 23 -0.64 -2.41 -8.52
C ASN A 23 -0.10 -3.82 -8.80
N ALA A 24 0.11 -4.18 -10.07
CA ALA A 24 0.44 -5.54 -10.48
C ALA A 24 1.91 -5.75 -10.89
N LYS A 25 2.73 -4.70 -10.91
CA LYS A 25 4.09 -4.74 -11.49
C LYS A 25 5.10 -4.27 -10.45
N GLN A 26 4.84 -3.13 -9.81
CA GLN A 26 5.59 -2.67 -8.64
C GLN A 26 5.53 -3.72 -7.53
N TYR A 27 4.46 -4.53 -7.52
CA TYR A 27 4.27 -5.71 -6.68
C TYR A 27 5.52 -6.58 -6.62
N LYS A 28 6.21 -6.76 -7.75
CA LYS A 28 7.38 -7.65 -7.85
C LYS A 28 8.58 -7.14 -7.04
N LYS A 29 8.57 -5.88 -6.58
CA LYS A 29 9.62 -5.32 -5.73
C LYS A 29 9.09 -5.00 -4.33
N LEU A 30 7.85 -4.49 -4.24
CA LEU A 30 7.21 -4.22 -2.95
C LEU A 30 7.10 -5.51 -2.14
N SER A 31 6.74 -6.62 -2.77
CA SER A 31 6.63 -7.92 -2.12
C SER A 31 7.95 -8.33 -1.46
N PRO A 32 9.07 -8.53 -2.18
CA PRO A 32 10.30 -8.97 -1.53
C PRO A 32 10.82 -7.93 -0.53
N ALA A 33 10.71 -6.63 -0.84
CA ALA A 33 11.22 -5.58 0.04
C ALA A 33 10.53 -5.64 1.41
N VAL A 34 9.19 -5.56 1.43
CA VAL A 34 8.46 -5.50 2.69
C VAL A 34 8.40 -6.89 3.34
N LEU A 35 8.49 -7.99 2.58
CA LEU A 35 8.60 -9.33 3.14
C LEU A 35 9.89 -9.48 3.93
N PHE A 36 11.03 -9.01 3.40
CA PHE A 36 12.29 -8.94 4.14
C PHE A 36 12.15 -7.94 5.30
N GLY A 37 11.32 -6.91 5.13
CA GLY A 37 10.91 -6.00 6.20
C GLY A 37 10.02 -6.65 7.26
N GLY A 38 9.52 -7.87 7.04
CA GLY A 38 8.74 -8.65 8.00
C GLY A 38 7.26 -8.79 7.62
N GLY A 39 6.73 -7.93 6.75
CA GLY A 39 5.30 -7.81 6.47
C GLY A 39 4.91 -8.43 5.13
N LYS A 40 3.77 -9.09 5.08
CA LYS A 40 3.36 -9.91 3.96
C LYS A 40 2.53 -9.10 2.97
N THR A 41 2.39 -9.63 1.76
CA THR A 41 1.84 -8.89 0.63
C THR A 41 0.86 -9.79 -0.14
N ASP A 42 -0.18 -9.16 -0.69
CA ASP A 42 -1.17 -9.74 -1.60
C ASP A 42 -1.62 -8.62 -2.54
N LEU A 43 -2.48 -8.91 -3.52
CA LEU A 43 -2.83 -8.01 -4.60
C LEU A 43 -4.27 -8.30 -4.98
N LEU A 44 -5.16 -7.33 -4.75
CA LEU A 44 -6.59 -7.46 -4.99
C LEU A 44 -7.13 -6.09 -5.37
N MET A 45 -7.50 -5.93 -6.64
CA MET A 45 -8.19 -4.76 -7.16
C MET A 45 -9.04 -5.25 -8.34
N GLY A 46 -10.30 -5.57 -8.05
CA GLY A 46 -11.25 -6.07 -9.04
C GLY A 46 -12.41 -6.82 -8.38
N GLU A 47 -12.15 -7.46 -7.23
CA GLU A 47 -13.13 -8.21 -6.45
C GLU A 47 -13.01 -7.82 -4.97
N LEU A 48 -12.88 -6.52 -4.68
CA LEU A 48 -12.98 -5.94 -3.34
C LEU A 48 -14.45 -5.94 -2.89
N LYS A 49 -15.09 -7.11 -2.97
CA LYS A 49 -16.48 -7.34 -2.58
C LYS A 49 -16.58 -7.34 -1.05
N ASP A 50 -15.58 -7.92 -0.38
CA ASP A 50 -15.50 -7.98 1.07
C ASP A 50 -14.91 -6.67 1.62
N ALA A 51 -15.14 -6.42 2.91
CA ALA A 51 -14.58 -5.34 3.70
C ALA A 51 -14.16 -5.80 5.10
N SER A 52 -14.40 -7.06 5.48
CA SER A 52 -13.93 -7.59 6.76
C SER A 52 -12.40 -7.64 6.77
N VAL A 53 -11.75 -7.81 5.62
CA VAL A 53 -10.30 -7.66 5.50
C VAL A 53 -9.79 -6.28 5.93
N LEU A 54 -10.63 -5.25 5.96
CA LEU A 54 -10.26 -3.89 6.39
C LEU A 54 -10.62 -3.67 7.86
N ASP A 55 -11.44 -4.54 8.46
CA ASP A 55 -11.64 -4.53 9.91
C ASP A 55 -10.42 -5.13 10.64
N ASN A 56 -9.64 -5.97 9.93
CA ASN A 56 -8.47 -6.69 10.46
C ASN A 56 -7.54 -5.72 11.19
N PRO A 57 -6.93 -6.13 12.33
CA PRO A 57 -6.09 -5.27 13.15
C PRO A 57 -4.71 -4.98 12.52
N ALA A 58 -4.33 -5.65 11.42
CA ALA A 58 -2.97 -5.62 10.89
C ALA A 58 -2.89 -5.69 9.36
N THR A 59 -4.01 -5.50 8.65
CA THR A 59 -4.00 -5.45 7.18
C THR A 59 -4.01 -3.98 6.75
N CYS A 60 -3.65 -3.73 5.49
CA CYS A 60 -3.51 -2.42 4.88
C CYS A 60 -3.88 -2.56 3.40
N VAL A 61 -4.04 -1.44 2.70
CA VAL A 61 -4.19 -1.40 1.24
C VAL A 61 -3.19 -0.34 0.75
N ILE A 62 -2.52 -0.59 -0.37
CA ILE A 62 -1.41 0.21 -0.83
C ILE A 62 -1.84 0.91 -2.12
N ASP A 63 -1.93 2.23 -2.03
CA ASP A 63 -2.15 3.16 -3.13
C ASP A 63 -0.89 3.25 -4.00
N VAL A 64 -1.08 3.64 -5.25
CA VAL A 64 -0.07 3.63 -6.29
C VAL A 64 0.50 5.06 -6.40
N ALA A 65 1.81 5.19 -6.61
CA ALA A 65 2.48 6.48 -6.75
C ALA A 65 2.13 7.19 -8.09
N MET A 66 1.38 6.53 -8.98
CA MET A 66 1.03 6.98 -10.33
C MET A 66 2.27 7.24 -11.20
N THR A 67 3.42 6.71 -10.83
CA THR A 67 4.62 6.69 -11.65
C THR A 67 4.45 5.61 -12.74
N GLU A 68 5.17 5.74 -13.85
CA GLU A 68 5.22 4.76 -14.92
C GLU A 68 6.64 4.76 -15.51
N SER A 69 7.01 3.65 -16.16
CA SER A 69 8.27 3.51 -16.89
C SER A 69 8.25 4.22 -18.26
N GLN A 70 7.16 4.91 -18.60
CA GLN A 70 6.89 5.52 -19.89
C GLN A 70 6.19 6.86 -19.68
N LEU A 71 6.21 7.72 -20.71
CA LEU A 71 5.55 9.03 -20.72
C LEU A 71 4.04 8.91 -21.05
N SER A 72 3.52 7.68 -21.12
CA SER A 72 2.13 7.35 -21.45
C SER A 72 1.12 8.04 -20.52
N GLU A 73 -0.13 8.14 -20.97
CA GLU A 73 -1.23 8.82 -20.27
C GLU A 73 -1.61 8.13 -18.95
N SER A 74 -1.11 6.91 -18.70
CA SER A 74 -1.19 6.20 -17.43
C SER A 74 -0.30 6.83 -16.33
N GLN A 75 0.46 7.88 -16.65
CA GLN A 75 1.20 8.71 -15.72
C GLN A 75 0.45 10.05 -15.63
N SER A 76 0.29 10.59 -14.42
CA SER A 76 -0.56 11.77 -14.15
C SER A 76 -1.96 11.62 -14.76
N THR A 77 -2.55 10.43 -14.63
CA THR A 77 -3.82 10.02 -15.22
C THR A 77 -4.97 10.97 -14.87
N GLN A 78 -4.97 11.56 -13.67
CA GLN A 78 -5.95 12.54 -13.22
C GLN A 78 -5.24 13.62 -12.39
N PRO A 79 -5.75 14.86 -12.34
CA PRO A 79 -5.21 15.93 -11.51
C PRO A 79 -5.62 15.79 -10.03
N TRP A 80 -6.37 14.75 -9.66
CA TRP A 80 -6.91 14.48 -8.34
C TRP A 80 -6.86 12.97 -8.10
N ILE A 81 -7.06 12.54 -6.85
CA ILE A 81 -7.12 11.12 -6.50
C ILE A 81 -8.35 10.47 -7.15
N THR A 82 -8.23 9.20 -7.51
CA THR A 82 -9.35 8.38 -7.95
C THR A 82 -10.19 8.00 -6.72
N SER A 83 -11.50 7.81 -6.90
CA SER A 83 -12.48 7.57 -5.84
C SER A 83 -12.21 6.30 -5.02
N THR A 84 -11.38 5.38 -5.52
CA THR A 84 -11.03 4.13 -4.86
C THR A 84 -10.47 4.38 -3.45
N LEU A 85 -9.72 5.48 -3.24
CA LEU A 85 -9.09 5.74 -1.94
C LEU A 85 -10.17 6.09 -0.90
N ASP A 86 -11.18 6.86 -1.32
CA ASP A 86 -12.32 7.20 -0.48
C ASP A 86 -13.23 5.99 -0.24
N LEU A 87 -13.38 5.12 -1.24
CA LEU A 87 -14.11 3.86 -1.07
C LEU A 87 -13.42 2.97 -0.03
N LEU A 88 -12.08 2.93 -0.02
CA LEU A 88 -11.31 2.18 0.97
C LEU A 88 -11.46 2.80 2.36
N GLN A 89 -11.48 4.13 2.47
CA GLN A 89 -11.80 4.80 3.72
C GLN A 89 -13.19 4.39 4.23
N SER A 90 -14.19 4.31 3.35
CA SER A 90 -15.53 3.86 3.72
C SER A 90 -15.56 2.37 4.11
N LYS A 91 -14.77 1.51 3.46
CA LYS A 91 -14.68 0.10 3.84
C LYS A 91 -14.12 -0.03 5.26
N GLY A 92 -13.00 0.63 5.56
CA GLY A 92 -12.54 0.73 6.94
C GLY A 92 -11.14 1.29 7.16
N LEU A 93 -10.32 1.50 6.12
CA LEU A 93 -8.90 1.83 6.31
C LEU A 93 -8.43 2.90 5.33
N ARG A 94 -7.40 3.64 5.73
CA ARG A 94 -6.68 4.52 4.84
C ARG A 94 -5.91 3.59 3.90
N THR A 95 -5.73 4.02 2.67
CA THR A 95 -4.85 3.36 1.73
C THR A 95 -3.60 4.23 1.68
N ILE A 96 -2.43 3.61 1.70
CA ILE A 96 -1.16 4.30 1.92
C ILE A 96 -0.30 4.18 0.65
N PRO A 97 0.25 5.27 0.10
CA PRO A 97 1.08 5.23 -1.10
C PRO A 97 2.28 4.29 -0.94
N GLU A 98 2.65 3.60 -2.02
CA GLU A 98 3.90 2.85 -2.11
C GLU A 98 5.12 3.75 -1.82
N ALA A 99 5.04 5.03 -2.17
CA ALA A 99 6.09 6.01 -1.93
C ALA A 99 6.29 6.27 -0.44
N GLU A 100 5.21 6.25 0.34
CA GLU A 100 5.27 6.43 1.79
C GLU A 100 5.87 5.18 2.45
N ILE A 101 5.62 3.99 1.91
CA ILE A 101 6.33 2.78 2.34
C ILE A 101 7.83 2.97 2.08
N GLY A 102 8.21 3.40 0.88
CA GLY A 102 9.61 3.60 0.55
C GLY A 102 10.27 4.60 1.48
N LEU A 103 9.64 5.76 1.74
CA LEU A 103 10.16 6.74 2.68
C LEU A 103 10.35 6.16 4.06
N ALA A 104 9.36 5.41 4.57
CA ALA A 104 9.44 4.87 5.90
C ALA A 104 10.52 3.78 5.99
N VAL A 105 10.71 2.99 4.93
CA VAL A 105 11.78 2.00 4.81
C VAL A 105 13.14 2.72 4.84
N ILE A 106 13.29 3.81 4.08
CA ILE A 106 14.53 4.60 4.01
C ILE A 106 14.84 5.18 5.39
N ASN A 107 13.87 5.80 6.05
CA ASN A 107 14.10 6.59 7.27
C ASN A 107 14.02 5.77 8.55
N VAL A 108 13.56 4.51 8.47
CA VAL A 108 13.26 3.64 9.61
C VAL A 108 12.16 4.31 10.47
N SER A 109 11.02 4.59 9.83
CA SER A 109 9.92 5.39 10.40
C SER A 109 8.54 4.84 10.01
N THR A 110 8.40 3.51 10.00
CA THR A 110 7.14 2.82 9.80
C THR A 110 6.22 3.02 11.02
N GLU A 111 5.65 4.22 11.15
CA GLU A 111 4.92 4.67 12.34
C GLU A 111 3.57 5.23 11.92
N ILE A 112 3.58 6.28 11.09
CA ILE A 112 2.37 6.92 10.56
C ILE A 112 2.48 7.24 9.06
N TYR A 113 3.69 7.27 8.49
CA TYR A 113 3.95 7.47 7.07
C TYR A 113 3.01 6.59 6.24
N CYS A 114 2.99 5.30 6.58
CA CYS A 114 2.30 4.24 5.87
C CYS A 114 1.62 3.35 6.93
N ASN A 115 0.70 3.95 7.67
CA ASN A 115 -0.12 3.32 8.68
C ASN A 115 -1.58 3.52 8.25
N PRO A 116 -2.34 2.44 7.98
CA PRO A 116 -3.68 2.52 7.42
C PRO A 116 -4.77 2.80 8.47
N ARG A 117 -4.44 2.82 9.76
CA ARG A 117 -5.43 2.86 10.85
C ARG A 117 -5.17 3.98 11.86
N ARG A 118 -3.90 4.22 12.17
CA ARG A 118 -3.42 5.21 13.14
C ARG A 118 -4.32 5.21 14.39
N MET A 8 13.42 -6.33 16.58
CA MET A 8 14.07 -5.00 16.60
C MET A 8 13.68 -4.23 15.35
N LYS A 9 13.24 -2.97 15.45
CA LYS A 9 12.64 -2.22 14.33
C LYS A 9 13.54 -2.08 13.10
N ARG A 10 14.87 -2.20 13.25
CA ARG A 10 15.81 -2.28 12.13
C ARG A 10 15.49 -3.42 11.16
N LYS A 11 14.89 -4.51 11.65
CA LYS A 11 14.55 -5.72 10.90
C LYS A 11 13.03 -5.91 10.86
N SER A 12 12.35 -5.67 11.98
CA SER A 12 10.89 -5.68 12.15
C SER A 12 10.24 -4.45 11.49
N ILE A 13 10.67 -4.08 10.28
CA ILE A 13 10.26 -2.90 9.53
C ILE A 13 8.73 -2.85 9.38
N PHE A 14 8.08 -3.99 9.15
CA PHE A 14 6.67 -4.09 8.81
C PHE A 14 5.98 -5.26 9.51
N LYS A 15 6.61 -5.80 10.56
CA LYS A 15 6.18 -7.02 11.25
C LYS A 15 4.79 -6.86 11.87
N ASP A 16 4.11 -8.00 12.03
CA ASP A 16 2.78 -8.14 12.67
C ASP A 16 1.74 -7.17 12.06
N LYS A 17 1.76 -7.03 10.74
CA LYS A 17 0.88 -6.17 9.95
C LYS A 17 0.78 -6.79 8.57
N VAL A 18 -0.38 -6.66 7.94
CA VAL A 18 -0.69 -7.26 6.64
C VAL A 18 -1.11 -6.15 5.66
N PHE A 19 -1.00 -6.36 4.34
CA PHE A 19 -1.60 -5.44 3.38
C PHE A 19 -2.22 -6.14 2.16
N LEU A 20 -3.04 -5.39 1.42
CA LEU A 20 -3.67 -5.81 0.18
C LEU A 20 -3.13 -4.92 -0.94
N PHE A 21 -2.36 -5.46 -1.89
CA PHE A 21 -1.82 -4.66 -2.98
C PHE A 21 -2.85 -4.57 -4.11
N LEU A 22 -3.06 -3.38 -4.67
CA LEU A 22 -3.94 -3.17 -5.83
C LEU A 22 -3.23 -3.46 -7.17
N ASN A 23 -2.19 -4.30 -7.21
CA ASN A 23 -1.34 -4.53 -8.38
C ASN A 23 -0.97 -6.00 -8.52
N ALA A 24 -1.00 -6.55 -9.73
CA ALA A 24 -0.88 -7.99 -9.96
C ALA A 24 0.51 -8.46 -10.43
N LYS A 25 1.53 -7.59 -10.52
CA LYS A 25 2.85 -7.95 -11.07
C LYS A 25 3.97 -7.60 -10.11
N GLN A 26 4.10 -6.33 -9.72
CA GLN A 26 5.07 -5.89 -8.73
C GLN A 26 4.87 -6.61 -7.39
N TYR A 27 3.66 -7.13 -7.13
CA TYR A 27 3.34 -7.95 -5.97
C TYR A 27 4.31 -9.11 -5.81
N LYS A 28 4.77 -9.69 -6.91
CA LYS A 28 5.67 -10.84 -6.89
C LYS A 28 7.05 -10.51 -6.30
N LYS A 29 7.43 -9.23 -6.21
CA LYS A 29 8.69 -8.78 -5.61
C LYS A 29 8.42 -8.00 -4.32
N LEU A 30 7.32 -7.24 -4.25
CA LEU A 30 6.95 -6.51 -3.04
C LEU A 30 6.66 -7.50 -1.91
N SER A 31 6.05 -8.66 -2.21
CA SER A 31 5.81 -9.72 -1.24
C SER A 31 7.11 -10.22 -0.56
N PRO A 32 8.12 -10.75 -1.27
CA PRO A 32 9.34 -11.22 -0.62
C PRO A 32 10.12 -10.05 0.03
N ALA A 33 10.08 -8.85 -0.55
CA ALA A 33 10.72 -7.69 0.09
C ALA A 33 10.10 -7.39 1.46
N VAL A 34 8.77 -7.25 1.52
CA VAL A 34 8.07 -6.92 2.76
C VAL A 34 8.10 -8.10 3.72
N LEU A 35 8.17 -9.35 3.24
CA LEU A 35 8.37 -10.52 4.08
C LEU A 35 9.75 -10.48 4.73
N PHE A 36 10.81 -10.07 4.01
CA PHE A 36 12.12 -9.83 4.61
C PHE A 36 12.04 -8.68 5.62
N GLY A 37 11.15 -7.71 5.38
CA GLY A 37 10.79 -6.64 6.34
C GLY A 37 9.92 -7.12 7.50
N GLY A 38 9.48 -8.39 7.52
CA GLY A 38 8.73 -9.00 8.61
C GLY A 38 7.21 -9.04 8.37
N GLY A 39 6.68 -8.29 7.41
CA GLY A 39 5.25 -8.10 7.21
C GLY A 39 4.61 -9.15 6.31
N LYS A 40 3.29 -9.04 6.13
CA LYS A 40 2.50 -9.99 5.34
C LYS A 40 1.77 -9.27 4.21
N THR A 41 1.51 -9.97 3.12
CA THR A 41 1.01 -9.38 1.89
C THR A 41 -0.09 -10.28 1.33
N ASP A 42 -1.05 -9.66 0.65
CA ASP A 42 -2.11 -10.31 -0.12
C ASP A 42 -2.39 -9.43 -1.35
N LEU A 43 -3.13 -9.94 -2.32
CA LEU A 43 -3.38 -9.31 -3.61
C LEU A 43 -4.88 -9.42 -3.86
N LEU A 44 -5.52 -8.26 -4.00
CA LEU A 44 -6.93 -8.13 -4.34
C LEU A 44 -7.05 -6.94 -5.28
N MET A 45 -7.46 -7.21 -6.51
CA MET A 45 -7.46 -6.26 -7.62
C MET A 45 -8.72 -6.52 -8.45
N GLY A 46 -9.87 -6.34 -7.81
CA GLY A 46 -11.18 -6.67 -8.33
C GLY A 46 -12.25 -6.20 -7.35
N GLU A 47 -13.45 -6.78 -7.45
CA GLU A 47 -14.57 -6.57 -6.56
C GLU A 47 -14.10 -6.82 -5.12
N LEU A 48 -14.06 -5.73 -4.37
CA LEU A 48 -13.63 -5.67 -2.98
C LEU A 48 -14.50 -6.60 -2.13
N LYS A 49 -13.92 -7.75 -1.74
CA LYS A 49 -14.64 -8.86 -1.10
C LYS A 49 -15.22 -8.51 0.26
N ASP A 50 -14.55 -7.65 1.03
CA ASP A 50 -14.88 -7.39 2.43
C ASP A 50 -14.53 -5.94 2.81
N ALA A 51 -15.16 -5.42 3.88
CA ALA A 51 -14.95 -4.07 4.39
C ALA A 51 -14.60 -4.03 5.87
N SER A 52 -14.68 -5.14 6.61
CA SER A 52 -14.16 -5.22 7.97
C SER A 52 -12.64 -5.05 7.94
N VAL A 53 -11.95 -5.54 6.90
CA VAL A 53 -10.52 -5.30 6.72
C VAL A 53 -10.17 -3.81 6.63
N LEU A 54 -11.10 -2.94 6.19
CA LEU A 54 -10.87 -1.49 6.09
C LEU A 54 -11.36 -0.75 7.34
N ASP A 55 -11.61 -1.49 8.42
CA ASP A 55 -11.87 -0.97 9.76
C ASP A 55 -10.85 -1.52 10.77
N ASN A 56 -10.48 -2.80 10.62
CA ASN A 56 -9.60 -3.52 11.55
C ASN A 56 -8.18 -2.94 11.60
N PRO A 57 -7.43 -3.14 12.71
CA PRO A 57 -6.09 -2.60 12.87
C PRO A 57 -5.07 -3.34 12.01
N ALA A 58 -3.84 -2.80 11.96
CA ALA A 58 -2.65 -3.38 11.36
C ALA A 58 -2.84 -3.93 9.94
N THR A 59 -3.71 -3.29 9.16
CA THR A 59 -3.95 -3.61 7.76
C THR A 59 -3.72 -2.34 6.93
N CYS A 60 -3.33 -2.51 5.66
CA CYS A 60 -3.09 -1.44 4.70
C CYS A 60 -3.62 -1.87 3.33
N VAL A 61 -3.71 -0.92 2.41
CA VAL A 61 -3.97 -1.17 1.00
C VAL A 61 -2.90 -0.39 0.24
N ILE A 62 -2.30 -1.01 -0.76
CA ILE A 62 -1.11 -0.49 -1.43
C ILE A 62 -1.54 0.06 -2.79
N ASP A 63 -1.34 1.38 -2.94
CA ASP A 63 -1.55 2.13 -4.17
C ASP A 63 -0.42 1.82 -5.16
N VAL A 64 -0.70 2.00 -6.45
CA VAL A 64 0.12 1.59 -7.57
C VAL A 64 0.85 2.81 -8.12
N ALA A 65 2.18 2.76 -8.14
CA ALA A 65 3.01 3.76 -8.82
C ALA A 65 2.95 3.54 -10.33
N MET A 66 3.18 4.59 -11.11
CA MET A 66 3.30 4.47 -12.56
C MET A 66 4.61 3.76 -12.91
N THR A 67 4.65 3.07 -14.06
CA THR A 67 5.74 2.18 -14.43
C THR A 67 6.31 2.47 -15.83
N GLU A 68 5.78 3.45 -16.56
CA GLU A 68 6.25 3.80 -17.91
C GLU A 68 6.23 5.31 -18.12
N SER A 69 5.11 5.98 -17.79
CA SER A 69 4.90 7.40 -18.06
C SER A 69 3.99 8.01 -16.99
N GLN A 70 4.13 9.32 -16.77
CA GLN A 70 3.29 10.15 -15.91
C GLN A 70 3.39 11.59 -16.41
N LEU A 71 2.58 12.51 -15.87
CA LEU A 71 2.62 13.93 -16.19
C LEU A 71 2.19 14.77 -14.98
N SER A 72 2.55 16.05 -15.03
CA SER A 72 2.28 17.04 -13.97
C SER A 72 1.96 18.39 -14.63
N GLU A 73 1.38 18.38 -15.82
CA GLU A 73 1.19 19.55 -16.68
C GLU A 73 -0.29 19.77 -17.05
N SER A 74 -1.21 19.11 -16.31
CA SER A 74 -2.65 19.23 -16.48
C SER A 74 -3.28 19.43 -15.09
N GLN A 75 -4.31 20.28 -15.01
CA GLN A 75 -4.98 20.62 -13.76
C GLN A 75 -5.72 19.40 -13.18
N SER A 76 -6.20 18.50 -14.05
CA SER A 76 -6.90 17.27 -13.71
C SER A 76 -6.53 16.20 -14.74
N THR A 77 -6.60 14.92 -14.33
CA THR A 77 -6.41 13.75 -15.18
C THR A 77 -7.38 12.67 -14.67
N GLN A 78 -7.89 11.83 -15.56
CA GLN A 78 -8.73 10.69 -15.19
C GLN A 78 -7.93 9.72 -14.29
N PRO A 79 -8.55 9.10 -13.27
CA PRO A 79 -7.87 8.12 -12.43
C PRO A 79 -7.62 6.81 -13.20
N TRP A 80 -6.67 6.02 -12.71
CA TRP A 80 -6.30 4.72 -13.26
C TRP A 80 -6.98 3.56 -12.50
N ILE A 81 -7.87 3.88 -11.57
CA ILE A 81 -8.60 2.97 -10.68
C ILE A 81 -10.00 3.56 -10.45
N THR A 82 -10.90 2.78 -9.83
CA THR A 82 -12.29 3.14 -9.57
C THR A 82 -12.40 4.03 -8.31
N SER A 83 -11.61 5.10 -8.25
CA SER A 83 -11.47 5.99 -7.09
C SER A 83 -11.17 5.24 -5.78
N THR A 84 -10.49 4.09 -5.88
CA THR A 84 -10.27 3.16 -4.79
C THR A 84 -9.56 3.81 -3.60
N LEU A 85 -8.65 4.76 -3.83
CA LEU A 85 -7.89 5.45 -2.79
C LEU A 85 -8.84 6.26 -1.90
N ASP A 86 -9.75 7.01 -2.54
CA ASP A 86 -10.72 7.86 -1.86
C ASP A 86 -11.80 7.02 -1.16
N LEU A 87 -12.19 5.89 -1.77
CA LEU A 87 -13.11 4.93 -1.15
C LEU A 87 -12.48 4.35 0.12
N LEU A 88 -11.19 4.00 0.06
CA LEU A 88 -10.43 3.51 1.21
C LEU A 88 -10.42 4.56 2.32
N GLN A 89 -10.11 5.81 1.98
CA GLN A 89 -10.10 6.90 2.95
C GLN A 89 -11.49 7.15 3.54
N SER A 90 -12.56 6.96 2.76
CA SER A 90 -13.92 7.08 3.27
C SER A 90 -14.24 5.97 4.27
N LYS A 91 -13.76 4.73 4.03
CA LYS A 91 -13.94 3.63 4.98
C LYS A 91 -13.07 3.83 6.23
N GLY A 92 -11.82 4.28 6.07
CA GLY A 92 -10.99 4.72 7.18
C GLY A 92 -9.50 4.70 6.86
N LEU A 93 -9.02 3.61 6.24
CA LEU A 93 -7.58 3.39 6.05
C LEU A 93 -7.03 4.34 4.97
N ARG A 94 -5.73 4.67 5.08
CA ARG A 94 -4.98 5.37 4.04
C ARG A 94 -4.43 4.32 3.08
N THR A 95 -4.35 4.66 1.79
CA THR A 95 -3.65 3.84 0.82
C THR A 95 -2.22 4.35 0.74
N ILE A 96 -1.24 3.45 0.61
CA ILE A 96 0.17 3.85 0.63
C ILE A 96 0.83 3.36 -0.65
N PRO A 97 1.44 4.23 -1.48
CA PRO A 97 2.10 3.81 -2.70
C PRO A 97 3.16 2.74 -2.47
N GLU A 98 3.34 1.85 -3.45
CA GLU A 98 4.46 0.91 -3.46
C GLU A 98 5.82 1.62 -3.35
N ALA A 99 5.92 2.84 -3.90
CA ALA A 99 7.12 3.66 -3.83
C ALA A 99 7.35 4.23 -2.42
N GLU A 100 6.25 4.61 -1.73
CA GLU A 100 6.30 5.08 -0.35
C GLU A 100 6.80 3.95 0.54
N ILE A 101 6.32 2.72 0.28
CA ILE A 101 6.83 1.50 0.92
C ILE A 101 8.34 1.39 0.69
N GLY A 102 8.82 1.37 -0.56
CA GLY A 102 10.22 1.09 -0.80
C GLY A 102 11.13 2.12 -0.15
N LEU A 103 10.79 3.42 -0.25
CA LEU A 103 11.60 4.47 0.35
C LEU A 103 11.59 4.34 1.88
N ALA A 104 10.43 4.09 2.49
CA ALA A 104 10.33 3.96 3.94
C ALA A 104 11.08 2.71 4.45
N VAL A 105 11.04 1.61 3.69
CA VAL A 105 11.78 0.39 3.98
C VAL A 105 13.28 0.71 3.98
N ILE A 106 13.78 1.45 2.97
CA ILE A 106 15.18 1.85 2.89
C ILE A 106 15.54 2.76 4.07
N ASN A 107 14.69 3.74 4.38
CA ASN A 107 15.00 4.80 5.33
C ASN A 107 14.74 4.43 6.80
N VAL A 108 14.09 3.28 7.05
CA VAL A 108 13.63 2.85 8.37
C VAL A 108 12.61 3.88 8.92
N SER A 109 11.54 4.12 8.15
CA SER A 109 10.55 5.19 8.42
C SER A 109 9.10 4.72 8.20
N THR A 110 8.84 3.42 8.18
CA THR A 110 7.52 2.83 7.93
C THR A 110 6.45 3.24 8.96
N GLU A 111 6.85 3.91 10.05
CA GLU A 111 6.01 4.34 11.17
C GLU A 111 4.81 5.18 10.70
N ILE A 112 5.10 6.26 10.00
CA ILE A 112 4.16 7.32 9.63
C ILE A 112 4.34 7.60 8.12
N TYR A 113 5.50 7.26 7.52
CA TYR A 113 5.64 7.39 6.08
C TYR A 113 4.69 6.41 5.41
N CYS A 114 4.66 5.17 5.89
CA CYS A 114 3.73 4.12 5.46
C CYS A 114 2.51 4.04 6.37
N ASN A 115 2.13 5.17 6.98
CA ASN A 115 0.87 5.36 7.71
C ASN A 115 -0.25 4.84 6.82
N PRO A 116 -1.00 3.80 7.24
CA PRO A 116 -2.07 3.24 6.46
C PRO A 116 -3.45 3.49 7.10
N ARG A 117 -3.58 4.37 8.10
CA ARG A 117 -4.82 4.56 8.87
C ARG A 117 -4.84 5.77 9.79
N ARG A 118 -3.68 6.12 10.33
CA ARG A 118 -3.48 7.10 11.39
C ARG A 118 -3.96 8.47 10.94
N MET A 8 21.65 0.24 11.48
CA MET A 8 20.50 -0.24 12.28
C MET A 8 20.24 -1.74 11.99
N LYS A 9 19.74 -2.48 12.98
CA LYS A 9 19.62 -3.95 12.91
C LYS A 9 18.20 -4.44 13.21
N ARG A 10 17.20 -3.55 13.22
CA ARG A 10 15.79 -3.97 13.29
C ARG A 10 15.50 -4.84 12.06
N LYS A 11 14.75 -5.93 12.25
CA LYS A 11 14.36 -6.88 11.20
C LYS A 11 12.87 -7.24 11.33
N SER A 12 12.09 -6.31 11.87
CA SER A 12 10.69 -6.48 12.26
C SER A 12 9.86 -5.28 11.78
N ILE A 13 10.34 -4.60 10.73
CA ILE A 13 9.81 -3.36 10.14
C ILE A 13 8.27 -3.38 10.05
N PHE A 14 7.67 -4.50 9.65
CA PHE A 14 6.22 -4.69 9.62
C PHE A 14 5.83 -6.08 10.13
N LYS A 15 6.57 -6.61 11.11
CA LYS A 15 6.22 -7.88 11.73
C LYS A 15 4.79 -7.82 12.26
N ASP A 16 4.07 -8.95 12.15
CA ASP A 16 2.66 -9.09 12.52
C ASP A 16 1.76 -8.02 11.88
N LYS A 17 1.92 -7.81 10.57
CA LYS A 17 1.04 -6.99 9.74
C LYS A 17 0.92 -7.70 8.38
N VAL A 18 -0.12 -7.38 7.62
CA VAL A 18 -0.33 -7.89 6.27
C VAL A 18 -0.79 -6.76 5.35
N PHE A 19 -0.59 -6.87 4.04
CA PHE A 19 -1.21 -5.94 3.10
C PHE A 19 -1.64 -6.58 1.77
N LEU A 20 -2.48 -5.85 1.04
CA LEU A 20 -3.00 -6.19 -0.27
C LEU A 20 -2.48 -5.13 -1.25
N PHE A 21 -1.68 -5.50 -2.22
CA PHE A 21 -1.11 -4.57 -3.17
C PHE A 21 -2.15 -4.17 -4.21
N LEU A 22 -2.00 -2.98 -4.83
CA LEU A 22 -2.86 -2.52 -5.92
C LEU A 22 -2.04 -2.28 -7.19
N ASN A 23 -1.10 -3.18 -7.51
CA ASN A 23 -0.27 -3.15 -8.72
C ASN A 23 0.12 -4.59 -9.07
N ALA A 24 0.37 -4.90 -10.34
CA ALA A 24 0.67 -6.25 -10.79
C ALA A 24 2.17 -6.52 -11.02
N LYS A 25 3.05 -5.51 -10.87
CA LYS A 25 4.47 -5.63 -11.21
C LYS A 25 5.35 -5.17 -10.05
N GLN A 26 5.14 -3.96 -9.52
CA GLN A 26 5.86 -3.46 -8.36
C GLN A 26 5.66 -4.38 -7.14
N TYR A 27 4.49 -5.03 -7.09
CA TYR A 27 4.16 -6.06 -6.12
C TYR A 27 5.28 -7.09 -5.99
N LYS A 28 5.90 -7.51 -7.11
CA LYS A 28 6.88 -8.58 -7.15
C LYS A 28 8.19 -8.23 -6.44
N LYS A 29 8.39 -6.96 -6.05
CA LYS A 29 9.57 -6.51 -5.30
C LYS A 29 9.14 -6.04 -3.91
N LEU A 30 7.97 -5.40 -3.78
CA LEU A 30 7.45 -5.00 -2.48
C LEU A 30 7.14 -6.23 -1.62
N SER A 31 6.71 -7.36 -2.21
CA SER A 31 6.48 -8.60 -1.49
C SER A 31 7.77 -9.10 -0.80
N PRO A 32 8.88 -9.40 -1.51
CA PRO A 32 10.08 -9.88 -0.84
C PRO A 32 10.70 -8.83 0.07
N ALA A 33 10.61 -7.54 -0.28
CA ALA A 33 11.12 -6.47 0.59
C ALA A 33 10.43 -6.50 1.96
N VAL A 34 9.09 -6.48 1.99
CA VAL A 34 8.37 -6.41 3.26
C VAL A 34 8.32 -7.79 3.94
N LEU A 35 8.47 -8.88 3.20
CA LEU A 35 8.65 -10.21 3.80
C LEU A 35 9.94 -10.25 4.61
N PHE A 36 11.05 -9.74 4.05
CA PHE A 36 12.29 -9.56 4.82
C PHE A 36 12.07 -8.56 5.96
N GLY A 37 11.20 -7.57 5.75
CA GLY A 37 10.71 -6.63 6.76
C GLY A 37 9.85 -7.28 7.85
N GLY A 38 9.45 -8.56 7.72
CA GLY A 38 8.74 -9.31 8.74
C GLY A 38 7.24 -9.42 8.48
N GLY A 39 6.68 -8.60 7.59
CA GLY A 39 5.24 -8.57 7.30
C GLY A 39 4.83 -9.59 6.25
N LYS A 40 3.53 -9.61 5.94
CA LYS A 40 2.93 -10.50 4.94
C LYS A 40 2.32 -9.68 3.82
N THR A 41 2.30 -10.24 2.63
CA THR A 41 1.96 -9.50 1.42
C THR A 41 1.06 -10.36 0.54
N ASP A 42 0.09 -9.72 -0.10
CA ASP A 42 -0.84 -10.32 -1.06
C ASP A 42 -1.18 -9.27 -2.12
N LEU A 43 -1.93 -9.60 -3.15
CA LEU A 43 -2.33 -8.72 -4.26
C LEU A 43 -3.82 -8.98 -4.52
N LEU A 44 -4.62 -7.91 -4.47
CA LEU A 44 -6.06 -7.95 -4.74
C LEU A 44 -6.39 -6.70 -5.54
N MET A 45 -6.62 -6.86 -6.85
CA MET A 45 -6.73 -5.76 -7.80
C MET A 45 -7.71 -6.19 -8.89
N GLY A 46 -9.00 -6.20 -8.57
CA GLY A 46 -10.06 -6.45 -9.55
C GLY A 46 -11.33 -5.71 -9.14
N GLU A 47 -11.93 -6.12 -8.03
CA GLU A 47 -13.18 -5.53 -7.52
C GLU A 47 -13.12 -5.27 -6.01
N LEU A 48 -12.18 -5.92 -5.29
CA LEU A 48 -12.06 -5.98 -3.83
C LEU A 48 -13.43 -5.93 -3.12
N LYS A 49 -14.30 -6.88 -3.47
CA LYS A 49 -15.71 -6.87 -3.07
C LYS A 49 -15.89 -6.77 -1.56
N ASP A 50 -15.10 -7.52 -0.79
CA ASP A 50 -15.19 -7.54 0.68
C ASP A 50 -14.74 -6.20 1.29
N ALA A 51 -15.08 -5.98 2.56
CA ALA A 51 -14.65 -4.83 3.36
C ALA A 51 -14.27 -5.25 4.79
N SER A 52 -14.49 -6.50 5.22
CA SER A 52 -14.04 -6.96 6.53
C SER A 52 -12.51 -6.92 6.59
N VAL A 53 -11.82 -7.23 5.48
CA VAL A 53 -10.37 -7.05 5.36
C VAL A 53 -9.90 -5.63 5.69
N LEU A 54 -10.76 -4.62 5.54
CA LEU A 54 -10.44 -3.20 5.70
C LEU A 54 -10.98 -2.67 7.04
N ASP A 55 -11.55 -3.54 7.87
CA ASP A 55 -11.89 -3.27 9.26
C ASP A 55 -10.80 -3.79 10.22
N ASN A 56 -9.97 -4.72 9.71
CA ASN A 56 -8.92 -5.45 10.45
C ASN A 56 -7.96 -4.50 11.19
N PRO A 57 -7.39 -4.92 12.32
CA PRO A 57 -6.44 -4.11 13.08
C PRO A 57 -5.04 -4.03 12.46
N ALA A 58 -4.70 -4.88 11.48
CA ALA A 58 -3.34 -5.04 10.98
C ALA A 58 -3.26 -5.32 9.47
N THR A 59 -4.20 -4.78 8.69
CA THR A 59 -4.22 -4.95 7.24
C THR A 59 -4.17 -3.58 6.57
N CYS A 60 -3.64 -3.54 5.34
CA CYS A 60 -3.40 -2.33 4.56
C CYS A 60 -3.73 -2.62 3.10
N VAL A 61 -3.84 -1.56 2.29
CA VAL A 61 -3.91 -1.66 0.85
C VAL A 61 -2.84 -0.69 0.34
N ILE A 62 -2.09 -1.11 -0.69
CA ILE A 62 -0.90 -0.38 -1.11
C ILE A 62 -1.16 0.26 -2.47
N ASP A 63 -1.30 1.58 -2.42
CA ASP A 63 -1.38 2.48 -3.57
C ASP A 63 -0.04 2.55 -4.31
N VAL A 64 -0.07 3.05 -5.53
CA VAL A 64 1.01 3.01 -6.50
C VAL A 64 1.77 4.35 -6.50
N ALA A 65 3.07 4.30 -6.84
CA ALA A 65 3.95 5.46 -6.96
C ALA A 65 4.90 5.27 -8.15
N MET A 66 4.32 4.95 -9.32
CA MET A 66 5.00 4.86 -10.61
C MET A 66 4.06 5.45 -11.67
N THR A 67 4.58 5.82 -12.83
CA THR A 67 3.85 6.56 -13.87
C THR A 67 4.13 6.02 -15.28
N GLU A 68 5.05 5.07 -15.42
CA GLU A 68 5.30 4.35 -16.66
C GLU A 68 3.98 3.69 -17.12
N SER A 69 3.72 3.72 -18.43
CA SER A 69 2.47 3.25 -19.05
C SER A 69 1.21 3.98 -18.55
N GLN A 70 1.36 5.14 -17.90
CA GLN A 70 0.25 6.00 -17.46
C GLN A 70 0.49 7.44 -17.95
N LEU A 71 1.75 7.90 -17.94
CA LEU A 71 2.16 9.16 -18.58
C LEU A 71 1.93 9.10 -20.10
N SER A 72 1.83 7.88 -20.65
CA SER A 72 1.48 7.59 -22.03
C SER A 72 0.04 8.00 -22.39
N GLU A 73 -0.79 8.40 -21.42
CA GLU A 73 -2.20 8.75 -21.59
C GLU A 73 -2.44 10.15 -21.02
N SER A 74 -3.51 10.81 -21.47
CA SER A 74 -3.91 12.14 -21.02
C SER A 74 -4.26 12.10 -19.52
N GLN A 75 -3.90 13.16 -18.80
CA GLN A 75 -4.16 13.33 -17.36
C GLN A 75 -4.67 14.73 -17.02
N SER A 76 -4.64 15.68 -17.97
CA SER A 76 -5.01 17.08 -17.78
C SER A 76 -4.35 17.65 -16.50
N THR A 77 -5.01 18.56 -15.79
CA THR A 77 -4.56 19.13 -14.52
C THR A 77 -4.77 18.16 -13.32
N GLN A 78 -5.11 16.89 -13.57
CA GLN A 78 -5.56 15.92 -12.57
C GLN A 78 -6.59 16.52 -11.60
N PRO A 79 -7.74 17.03 -12.09
CA PRO A 79 -8.78 17.60 -11.23
C PRO A 79 -9.47 16.52 -10.36
N TRP A 80 -9.29 15.24 -10.70
CA TRP A 80 -9.67 14.08 -9.93
C TRP A 80 -8.61 12.99 -10.16
N ILE A 81 -8.65 11.92 -9.36
CA ILE A 81 -7.70 10.81 -9.37
C ILE A 81 -8.46 9.48 -9.30
N THR A 82 -7.75 8.35 -9.30
CA THR A 82 -8.31 7.01 -9.28
C THR A 82 -9.27 6.84 -8.09
N SER A 83 -10.49 6.39 -8.39
CA SER A 83 -11.59 6.27 -7.44
C SER A 83 -11.33 5.20 -6.36
N THR A 84 -10.41 4.26 -6.58
CA THR A 84 -10.13 3.16 -5.66
C THR A 84 -9.67 3.68 -4.29
N LEU A 85 -8.94 4.80 -4.25
CA LEU A 85 -8.47 5.44 -3.02
C LEU A 85 -9.69 5.83 -2.16
N ASP A 86 -10.66 6.49 -2.78
CA ASP A 86 -11.90 6.94 -2.15
C ASP A 86 -12.81 5.75 -1.78
N LEU A 87 -12.83 4.69 -2.59
CA LEU A 87 -13.55 3.46 -2.29
C LEU A 87 -12.98 2.82 -1.03
N LEU A 88 -11.65 2.76 -0.90
CA LEU A 88 -10.97 2.19 0.25
C LEU A 88 -11.26 3.01 1.51
N GLN A 89 -11.24 4.35 1.38
CA GLN A 89 -11.66 5.25 2.45
C GLN A 89 -13.11 4.98 2.86
N SER A 90 -14.00 4.72 1.90
CA SER A 90 -15.40 4.46 2.19
C SER A 90 -15.61 3.09 2.85
N LYS A 91 -14.83 2.07 2.46
CA LYS A 91 -14.86 0.76 3.11
C LYS A 91 -14.44 0.92 4.56
N GLY A 92 -13.30 1.58 4.82
CA GLY A 92 -12.95 1.99 6.19
C GLY A 92 -11.45 2.15 6.43
N LEU A 93 -10.62 2.36 5.40
CA LEU A 93 -9.17 2.28 5.55
C LEU A 93 -8.47 3.28 4.64
N ARG A 94 -7.26 3.72 5.02
CA ARG A 94 -6.38 4.50 4.16
C ARG A 94 -5.64 3.51 3.27
N THR A 95 -5.32 3.93 2.05
CA THR A 95 -4.42 3.18 1.18
C THR A 95 -3.13 3.98 1.18
N ILE A 96 -2.01 3.29 1.30
CA ILE A 96 -0.71 3.91 1.56
C ILE A 96 0.19 3.68 0.33
N PRO A 97 0.86 4.71 -0.23
CA PRO A 97 1.76 4.54 -1.35
C PRO A 97 2.91 3.59 -1.05
N GLU A 98 3.33 2.81 -2.07
CA GLU A 98 4.54 2.00 -2.03
C GLU A 98 5.76 2.85 -1.65
N ALA A 99 5.78 4.14 -2.05
CA ALA A 99 6.88 5.05 -1.78
C ALA A 99 6.98 5.40 -0.30
N GLU A 100 5.87 5.55 0.41
CA GLU A 100 5.90 5.86 1.84
C GLU A 100 6.37 4.63 2.63
N ILE A 101 6.02 3.43 2.17
CA ILE A 101 6.59 2.19 2.72
C ILE A 101 8.10 2.23 2.50
N GLY A 102 8.58 2.52 1.29
CA GLY A 102 10.00 2.55 1.00
C GLY A 102 10.74 3.54 1.89
N LEU A 103 10.21 4.76 2.06
CA LEU A 103 10.81 5.77 2.93
C LEU A 103 10.90 5.24 4.37
N ALA A 104 9.82 4.66 4.89
CA ALA A 104 9.81 4.13 6.25
C ALA A 104 10.74 2.91 6.41
N VAL A 105 10.88 2.07 5.39
CA VAL A 105 11.81 0.95 5.37
C VAL A 105 13.25 1.49 5.45
N ILE A 106 13.58 2.53 4.67
CA ILE A 106 14.90 3.15 4.64
C ILE A 106 15.19 3.78 6.02
N ASN A 107 14.25 4.56 6.56
CA ASN A 107 14.49 5.38 7.75
C ASN A 107 14.26 4.63 9.06
N VAL A 108 13.69 3.42 9.00
CA VAL A 108 13.26 2.63 10.15
C VAL A 108 12.19 3.42 10.94
N SER A 109 11.10 3.77 10.25
CA SER A 109 10.06 4.69 10.74
C SER A 109 8.65 4.27 10.33
N THR A 110 8.37 2.97 10.37
CA THR A 110 7.05 2.40 10.11
C THR A 110 6.08 2.77 11.26
N GLU A 111 5.55 4.00 11.22
CA GLU A 111 4.76 4.58 12.31
C GLU A 111 3.47 5.19 11.78
N ILE A 112 3.60 6.19 10.90
CA ILE A 112 2.51 7.04 10.45
C ILE A 112 2.57 7.16 8.91
N TYR A 113 3.79 7.20 8.36
CA TYR A 113 4.09 7.26 6.93
C TYR A 113 3.22 6.29 6.13
N CYS A 114 3.20 5.04 6.58
CA CYS A 114 2.65 3.89 5.89
C CYS A 114 1.76 3.13 6.88
N ASN A 115 0.83 3.86 7.47
CA ASN A 115 -0.09 3.40 8.48
C ASN A 115 -1.49 3.54 7.91
N PRO A 116 -2.20 2.44 7.68
CA PRO A 116 -3.48 2.43 6.96
C PRO A 116 -4.67 2.84 7.82
N ARG A 117 -4.49 3.12 9.11
CA ARG A 117 -5.61 3.32 10.04
C ARG A 117 -5.45 4.54 10.93
N ARG A 118 -4.22 4.82 11.37
CA ARG A 118 -3.85 5.93 12.25
C ARG A 118 -4.88 6.10 13.36
N MET A 8 17.79 -14.52 2.88
CA MET A 8 17.91 -13.07 3.15
C MET A 8 17.74 -12.82 4.65
N LYS A 9 18.49 -11.87 5.23
CA LYS A 9 18.31 -11.45 6.62
C LYS A 9 16.91 -10.87 6.78
N ARG A 10 16.06 -11.52 7.59
CA ARG A 10 14.75 -10.96 7.93
C ARG A 10 14.94 -9.76 8.86
N LYS A 11 13.93 -8.90 8.92
CA LYS A 11 13.86 -7.71 9.77
C LYS A 11 12.46 -7.64 10.38
N SER A 12 12.19 -6.58 11.16
CA SER A 12 10.93 -6.39 11.88
C SER A 12 10.28 -5.04 11.54
N ILE A 13 10.65 -4.47 10.38
CA ILE A 13 10.18 -3.20 9.83
C ILE A 13 8.64 -3.11 9.87
N PHE A 14 7.94 -4.20 9.55
CA PHE A 14 6.48 -4.31 9.57
C PHE A 14 6.09 -5.70 10.09
N LYS A 15 6.74 -6.17 11.15
CA LYS A 15 6.55 -7.52 11.66
C LYS A 15 5.07 -7.83 11.90
N ASP A 16 4.66 -8.97 11.34
CA ASP A 16 3.29 -9.52 11.31
C ASP A 16 2.19 -8.51 10.92
N LYS A 17 2.54 -7.49 10.12
CA LYS A 17 1.55 -6.61 9.50
C LYS A 17 1.10 -7.33 8.22
N VAL A 18 0.01 -6.90 7.61
CA VAL A 18 -0.46 -7.45 6.35
C VAL A 18 -0.90 -6.27 5.46
N PHE A 19 -0.80 -6.37 4.14
CA PHE A 19 -1.44 -5.37 3.27
C PHE A 19 -1.99 -5.95 1.97
N LEU A 20 -2.86 -5.18 1.31
CA LEU A 20 -3.38 -5.46 -0.02
C LEU A 20 -2.85 -4.40 -0.97
N PHE A 21 -2.00 -4.76 -1.92
CA PHE A 21 -1.45 -3.80 -2.88
C PHE A 21 -2.48 -3.54 -3.98
N LEU A 22 -2.64 -2.28 -4.39
CA LEU A 22 -3.45 -1.89 -5.54
C LEU A 22 -2.62 -1.89 -6.85
N ASN A 23 -1.52 -2.65 -6.93
CA ASN A 23 -0.59 -2.65 -8.06
C ASN A 23 -0.21 -4.10 -8.40
N ALA A 24 -0.51 -4.56 -9.62
CA ALA A 24 -0.33 -5.96 -10.00
C ALA A 24 1.09 -6.31 -10.47
N LYS A 25 2.01 -5.33 -10.61
CA LYS A 25 3.36 -5.59 -11.14
C LYS A 25 4.42 -5.24 -10.10
N GLN A 26 4.30 -4.09 -9.43
CA GLN A 26 5.21 -3.76 -8.34
C GLN A 26 5.07 -4.75 -7.18
N TYR A 27 3.97 -5.53 -7.12
CA TYR A 27 3.82 -6.65 -6.21
C TYR A 27 5.03 -7.60 -6.26
N LYS A 28 5.63 -7.79 -7.44
CA LYS A 28 6.77 -8.69 -7.61
C LYS A 28 7.99 -8.28 -6.78
N LYS A 29 8.08 -7.01 -6.33
CA LYS A 29 9.16 -6.53 -5.47
C LYS A 29 8.68 -6.10 -4.08
N LEU A 30 7.47 -5.52 -3.96
CA LEU A 30 6.94 -5.15 -2.65
C LEU A 30 6.68 -6.39 -1.80
N SER A 31 6.20 -7.48 -2.42
CA SER A 31 5.95 -8.73 -1.71
C SER A 31 7.23 -9.23 -1.03
N PRO A 32 8.32 -9.55 -1.74
CA PRO A 32 9.53 -10.03 -1.07
C PRO A 32 10.12 -8.98 -0.13
N ALA A 33 10.15 -7.69 -0.52
CA ALA A 33 10.76 -6.67 0.32
C ALA A 33 10.11 -6.60 1.71
N VAL A 34 8.78 -6.50 1.76
CA VAL A 34 8.08 -6.34 3.04
C VAL A 34 7.89 -7.68 3.73
N LEU A 35 7.88 -8.81 2.99
CA LEU A 35 7.92 -10.13 3.61
C LEU A 35 9.21 -10.29 4.41
N PHE A 36 10.36 -9.96 3.80
CA PHE A 36 11.63 -9.92 4.51
C PHE A 36 11.62 -8.84 5.60
N GLY A 37 10.87 -7.75 5.39
CA GLY A 37 10.58 -6.73 6.40
C GLY A 37 9.75 -7.25 7.59
N GLY A 38 9.24 -8.48 7.54
CA GLY A 38 8.52 -9.14 8.63
C GLY A 38 7.01 -9.15 8.41
N GLY A 39 6.50 -8.38 7.45
CA GLY A 39 5.08 -8.27 7.14
C GLY A 39 4.62 -9.34 6.16
N LYS A 40 3.40 -9.16 5.66
CA LYS A 40 2.70 -10.06 4.76
C LYS A 40 1.97 -9.23 3.72
N THR A 41 1.75 -9.81 2.57
CA THR A 41 1.25 -9.11 1.40
C THR A 41 0.17 -9.94 0.72
N ASP A 42 -0.77 -9.26 0.07
CA ASP A 42 -1.80 -9.83 -0.80
C ASP A 42 -2.06 -8.82 -1.92
N LEU A 43 -2.77 -9.23 -2.97
CA LEU A 43 -2.95 -8.46 -4.19
C LEU A 43 -4.42 -8.58 -4.59
N LEU A 44 -5.18 -7.49 -4.46
CA LEU A 44 -6.62 -7.45 -4.68
C LEU A 44 -6.93 -6.04 -5.18
N MET A 45 -7.85 -5.91 -6.16
CA MET A 45 -8.05 -4.63 -6.86
C MET A 45 -9.51 -4.43 -7.27
N GLY A 46 -10.41 -4.43 -6.29
CA GLY A 46 -11.81 -4.03 -6.45
C GLY A 46 -12.74 -4.89 -5.60
N GLU A 47 -12.40 -6.18 -5.45
CA GLU A 47 -13.20 -7.15 -4.72
C GLU A 47 -12.98 -7.05 -3.20
N LEU A 48 -12.31 -6.00 -2.70
CA LEU A 48 -12.23 -5.67 -1.27
C LEU A 48 -13.56 -5.08 -0.75
N LYS A 49 -14.65 -5.77 -1.07
CA LYS A 49 -15.99 -5.48 -0.56
C LYS A 49 -16.01 -5.62 0.97
N ASP A 50 -15.15 -6.48 1.51
CA ASP A 50 -14.94 -6.66 2.95
C ASP A 50 -14.48 -5.35 3.60
N ALA A 51 -14.75 -5.20 4.91
CA ALA A 51 -14.37 -4.04 5.71
C ALA A 51 -13.61 -4.42 6.98
N SER A 52 -13.47 -5.71 7.31
CA SER A 52 -12.64 -6.17 8.42
C SER A 52 -11.17 -5.90 8.12
N VAL A 53 -10.75 -6.00 6.85
CA VAL A 53 -9.40 -5.60 6.43
C VAL A 53 -9.12 -4.10 6.66
N LEU A 54 -10.17 -3.29 6.85
CA LEU A 54 -10.06 -1.84 7.09
C LEU A 54 -10.40 -1.48 8.54
N ASP A 55 -10.56 -2.47 9.41
CA ASP A 55 -10.94 -2.27 10.82
C ASP A 55 -9.94 -2.90 11.79
N ASN A 56 -9.41 -4.09 11.45
CA ASN A 56 -8.45 -4.82 12.29
C ASN A 56 -7.15 -4.01 12.49
N PRO A 57 -6.39 -4.26 13.58
CA PRO A 57 -5.28 -3.42 14.00
C PRO A 57 -3.99 -3.49 13.14
N ALA A 58 -3.89 -4.37 12.13
CA ALA A 58 -2.61 -4.61 11.45
C ALA A 58 -2.72 -4.91 9.96
N THR A 59 -3.76 -4.39 9.28
CA THR A 59 -3.89 -4.51 7.84
C THR A 59 -3.86 -3.12 7.20
N CYS A 60 -3.45 -3.04 5.93
CA CYS A 60 -3.31 -1.81 5.15
C CYS A 60 -3.72 -2.07 3.71
N VAL A 61 -3.83 -1.00 2.92
CA VAL A 61 -3.99 -1.08 1.49
C VAL A 61 -2.95 -0.09 0.93
N ILE A 62 -2.29 -0.46 -0.16
CA ILE A 62 -1.13 0.25 -0.67
C ILE A 62 -1.53 0.92 -1.99
N ASP A 63 -1.54 2.25 -1.95
CA ASP A 63 -1.76 3.12 -3.11
C ASP A 63 -0.55 3.13 -4.03
N VAL A 64 -0.77 3.51 -5.28
CA VAL A 64 0.19 3.41 -6.36
C VAL A 64 0.97 4.72 -6.47
N ALA A 65 2.28 4.63 -6.67
CA ALA A 65 3.20 5.74 -6.87
C ALA A 65 4.43 5.31 -7.69
N MET A 66 4.30 4.23 -8.47
CA MET A 66 5.38 3.64 -9.26
C MET A 66 6.01 4.64 -10.23
N THR A 67 7.27 4.39 -10.58
CA THR A 67 8.08 5.23 -11.47
C THR A 67 7.45 5.36 -12.88
N GLU A 68 6.58 4.43 -13.27
CA GLU A 68 5.88 4.44 -14.56
C GLU A 68 4.79 5.53 -14.63
N SER A 69 4.46 6.20 -13.51
CA SER A 69 3.53 7.32 -13.49
C SER A 69 4.06 8.47 -14.38
N GLN A 70 3.15 9.21 -15.01
CA GLN A 70 3.47 10.31 -15.93
C GLN A 70 2.34 11.33 -15.96
N LEU A 71 2.58 12.47 -16.64
CA LEU A 71 1.55 13.45 -16.95
C LEU A 71 0.51 12.78 -17.86
N SER A 72 -0.77 12.99 -17.57
CA SER A 72 -1.93 12.32 -18.16
C SER A 72 -2.24 12.72 -19.61
N GLU A 73 -1.22 13.02 -20.44
CA GLU A 73 -1.39 13.33 -21.85
C GLU A 73 -2.12 12.18 -22.55
N SER A 74 -3.19 12.48 -23.29
CA SER A 74 -4.08 11.51 -23.95
C SER A 74 -4.64 10.43 -23.00
N GLN A 75 -4.65 10.70 -21.69
CA GLN A 75 -5.07 9.81 -20.61
C GLN A 75 -5.90 10.65 -19.62
N SER A 76 -6.62 11.65 -20.12
CA SER A 76 -7.32 12.70 -19.37
C SER A 76 -8.53 12.20 -18.55
N THR A 77 -8.79 10.90 -18.53
CA THR A 77 -9.86 10.22 -17.79
C THR A 77 -9.66 10.24 -16.26
N GLN A 78 -8.84 11.15 -15.75
CA GLN A 78 -8.48 11.30 -14.34
C GLN A 78 -8.45 12.80 -13.97
N PRO A 79 -9.58 13.52 -14.08
CA PRO A 79 -9.65 14.94 -13.72
C PRO A 79 -9.44 15.20 -12.22
N TRP A 80 -9.57 14.15 -11.40
CA TRP A 80 -9.29 14.13 -9.96
C TRP A 80 -8.56 12.82 -9.65
N ILE A 81 -8.03 12.68 -8.44
CA ILE A 81 -7.47 11.42 -7.95
C ILE A 81 -8.56 10.32 -7.98
N THR A 82 -8.15 9.07 -8.17
CA THR A 82 -9.05 7.93 -8.29
C THR A 82 -9.90 7.76 -7.02
N SER A 83 -11.13 7.26 -7.20
CA SER A 83 -12.12 7.11 -6.13
C SER A 83 -11.65 6.17 -5.02
N THR A 84 -10.74 5.24 -5.32
CA THR A 84 -10.32 4.18 -4.41
C THR A 84 -9.78 4.73 -3.08
N LEU A 85 -9.08 5.87 -3.10
CA LEU A 85 -8.51 6.49 -1.91
C LEU A 85 -9.63 6.90 -0.95
N ASP A 86 -10.62 7.60 -1.49
CA ASP A 86 -11.78 8.11 -0.75
C ASP A 86 -12.70 6.97 -0.30
N LEU A 87 -12.82 5.91 -1.11
CA LEU A 87 -13.56 4.70 -0.74
C LEU A 87 -12.88 4.01 0.44
N LEU A 88 -11.55 3.97 0.48
CA LEU A 88 -10.79 3.42 1.61
C LEU A 88 -11.01 4.25 2.87
N GLN A 89 -10.97 5.58 2.74
CA GLN A 89 -11.28 6.48 3.84
C GLN A 89 -12.71 6.26 4.34
N SER A 90 -13.65 6.00 3.46
CA SER A 90 -15.03 5.76 3.83
C SER A 90 -15.20 4.38 4.50
N LYS A 91 -14.45 3.37 4.06
CA LYS A 91 -14.43 2.06 4.70
C LYS A 91 -13.90 2.20 6.13
N GLY A 92 -12.85 2.99 6.36
CA GLY A 92 -12.41 3.38 7.69
C GLY A 92 -10.90 3.49 7.88
N LEU A 93 -10.10 3.56 6.81
CA LEU A 93 -8.65 3.44 6.92
C LEU A 93 -7.97 4.33 5.88
N ARG A 94 -6.73 4.75 6.15
CA ARG A 94 -5.88 5.40 5.15
C ARG A 94 -5.32 4.28 4.27
N THR A 95 -4.91 4.61 3.06
CA THR A 95 -4.15 3.73 2.19
C THR A 95 -2.86 4.50 1.92
N ILE A 96 -1.72 3.79 1.91
CA ILE A 96 -0.42 4.46 1.91
C ILE A 96 0.32 4.21 0.58
N PRO A 97 1.00 5.21 -0.01
CA PRO A 97 1.76 5.03 -1.24
C PRO A 97 2.87 3.97 -1.09
N GLU A 98 3.10 3.20 -2.16
CA GLU A 98 4.24 2.30 -2.27
C GLU A 98 5.57 3.04 -2.05
N ALA A 99 5.64 4.31 -2.48
CA ALA A 99 6.83 5.15 -2.33
C ALA A 99 7.12 5.47 -0.86
N GLU A 100 6.07 5.61 -0.04
CA GLU A 100 6.21 5.89 1.39
C GLU A 100 6.71 4.64 2.12
N ILE A 101 6.30 3.44 1.68
CA ILE A 101 6.90 2.20 2.16
C ILE A 101 8.39 2.23 1.81
N GLY A 102 8.75 2.52 0.54
CA GLY A 102 10.14 2.53 0.13
C GLY A 102 10.99 3.49 0.97
N LEU A 103 10.52 4.73 1.20
CA LEU A 103 11.23 5.70 2.02
C LEU A 103 11.41 5.16 3.45
N ALA A 104 10.34 4.65 4.05
CA ALA A 104 10.40 4.14 5.41
C ALA A 104 11.28 2.89 5.54
N VAL A 105 11.37 2.08 4.49
CA VAL A 105 12.27 0.94 4.40
C VAL A 105 13.71 1.44 4.34
N ILE A 106 14.01 2.46 3.51
CA ILE A 106 15.34 3.05 3.40
C ILE A 106 15.75 3.70 4.72
N ASN A 107 14.79 4.27 5.47
CA ASN A 107 15.01 5.03 6.69
C ASN A 107 14.85 4.16 7.94
N VAL A 108 14.46 2.90 7.75
CA VAL A 108 14.18 1.89 8.75
C VAL A 108 13.35 2.41 9.93
N SER A 109 12.25 3.11 9.65
CA SER A 109 11.48 3.84 10.67
C SER A 109 10.03 3.35 10.78
N THR A 110 9.31 3.28 9.65
CA THR A 110 7.92 2.80 9.54
C THR A 110 7.01 3.29 10.68
N GLU A 111 6.96 4.61 10.89
CA GLU A 111 6.29 5.21 12.06
C GLU A 111 4.90 5.72 11.64
N ILE A 112 4.89 6.64 10.68
CA ILE A 112 3.69 7.34 10.20
C ILE A 112 3.67 7.43 8.67
N TYR A 113 4.85 7.38 8.02
CA TYR A 113 5.03 7.40 6.58
C TYR A 113 4.00 6.53 5.86
N CYS A 114 3.93 5.27 6.28
CA CYS A 114 3.18 4.20 5.66
C CYS A 114 2.41 3.46 6.75
N ASN A 115 1.81 4.23 7.66
CA ASN A 115 0.94 3.79 8.74
C ASN A 115 -0.49 4.13 8.31
N PRO A 116 -1.37 3.13 8.11
CA PRO A 116 -2.70 3.34 7.55
C PRO A 116 -3.74 3.77 8.61
N ARG A 117 -3.36 3.88 9.89
CA ARG A 117 -4.34 4.06 10.98
C ARG A 117 -3.94 5.20 11.93
N ARG A 118 -2.65 5.36 12.18
CA ARG A 118 -2.04 6.35 13.07
C ARG A 118 -2.86 6.48 14.36
N MET A 8 23.31 -0.76 8.43
CA MET A 8 22.01 -1.05 9.06
C MET A 8 21.23 -2.05 8.22
N LYS A 9 20.64 -3.06 8.86
CA LYS A 9 19.80 -4.09 8.24
C LYS A 9 18.70 -4.44 9.24
N ARG A 10 17.55 -4.91 8.79
CA ARG A 10 16.42 -5.31 9.65
C ARG A 10 15.69 -6.47 8.99
N LYS A 11 14.90 -7.20 9.77
CA LYS A 11 13.96 -8.25 9.33
C LYS A 11 12.62 -8.09 10.06
N SER A 12 12.31 -6.84 10.44
CA SER A 12 11.20 -6.49 11.33
C SER A 12 10.54 -5.19 10.87
N ILE A 13 10.66 -4.85 9.58
CA ILE A 13 10.10 -3.63 9.00
C ILE A 13 8.58 -3.60 9.22
N PHE A 14 7.90 -4.71 8.89
CA PHE A 14 6.45 -4.82 8.93
C PHE A 14 6.00 -6.23 9.32
N LYS A 15 6.77 -6.95 10.16
CA LYS A 15 6.25 -8.21 10.67
C LYS A 15 4.99 -8.02 11.50
N ASP A 16 4.25 -9.12 11.63
CA ASP A 16 2.89 -9.17 12.18
C ASP A 16 2.01 -8.04 11.60
N LYS A 17 1.98 -7.91 10.27
CA LYS A 17 1.14 -6.97 9.52
C LYS A 17 0.75 -7.62 8.20
N VAL A 18 -0.33 -7.14 7.60
CA VAL A 18 -0.86 -7.65 6.34
C VAL A 18 -1.27 -6.44 5.48
N PHE A 19 -1.28 -6.55 4.15
CA PHE A 19 -1.89 -5.50 3.33
C PHE A 19 -2.52 -6.03 2.05
N LEU A 20 -3.38 -5.21 1.45
CA LEU A 20 -4.06 -5.43 0.18
C LEU A 20 -3.57 -4.36 -0.79
N PHE A 21 -2.95 -4.73 -1.92
CA PHE A 21 -2.39 -3.74 -2.84
C PHE A 21 -3.43 -3.38 -3.90
N LEU A 22 -3.56 -2.09 -4.24
CA LEU A 22 -4.38 -1.58 -5.34
C LEU A 22 -3.62 -1.61 -6.69
N ASN A 23 -2.60 -2.46 -6.86
CA ASN A 23 -1.87 -2.63 -8.12
C ASN A 23 -1.45 -4.09 -8.27
N ALA A 24 -1.52 -4.64 -9.48
CA ALA A 24 -1.34 -6.07 -9.75
C ALA A 24 0.02 -6.40 -10.40
N LYS A 25 0.85 -5.41 -10.73
CA LYS A 25 2.11 -5.60 -11.47
C LYS A 25 3.29 -5.20 -10.58
N GLN A 26 3.22 -4.02 -9.97
CA GLN A 26 4.19 -3.61 -8.93
C GLN A 26 4.19 -4.62 -7.79
N TYR A 27 3.03 -5.29 -7.58
CA TYR A 27 2.84 -6.43 -6.68
C TYR A 27 4.01 -7.40 -6.76
N LYS A 28 4.45 -7.76 -7.98
CA LYS A 28 5.41 -8.84 -8.16
C LYS A 28 6.79 -8.54 -7.55
N LYS A 29 7.09 -7.29 -7.17
CA LYS A 29 8.29 -6.97 -6.39
C LYS A 29 7.95 -6.43 -5.00
N LEU A 30 6.86 -5.65 -4.85
CA LEU A 30 6.49 -5.10 -3.54
C LEU A 30 6.13 -6.23 -2.57
N SER A 31 5.38 -7.22 -3.04
CA SER A 31 4.96 -8.37 -2.27
C SER A 31 6.15 -9.12 -1.66
N PRO A 32 7.13 -9.64 -2.45
CA PRO A 32 8.28 -10.30 -1.87
C PRO A 32 9.10 -9.34 -1.01
N ALA A 33 9.30 -8.08 -1.42
CA ALA A 33 10.11 -7.13 -0.64
C ALA A 33 9.57 -6.98 0.79
N VAL A 34 8.28 -6.71 0.96
CA VAL A 34 7.73 -6.48 2.29
C VAL A 34 7.47 -7.80 3.02
N LEU A 35 7.26 -8.91 2.30
CA LEU A 35 7.18 -10.23 2.93
C LEU A 35 8.52 -10.56 3.58
N PHE A 36 9.64 -10.30 2.89
CA PHE A 36 10.98 -10.42 3.47
C PHE A 36 11.16 -9.39 4.61
N GLY A 37 10.56 -8.20 4.48
CA GLY A 37 10.46 -7.21 5.56
C GLY A 37 9.62 -7.66 6.76
N GLY A 38 8.91 -8.79 6.66
CA GLY A 38 8.20 -9.44 7.74
C GLY A 38 6.69 -9.60 7.47
N GLY A 39 6.10 -8.75 6.64
CA GLY A 39 4.65 -8.66 6.48
C GLY A 39 4.04 -9.79 5.65
N LYS A 40 2.73 -9.67 5.41
CA LYS A 40 1.98 -10.51 4.48
C LYS A 40 1.28 -9.60 3.47
N THR A 41 1.11 -10.11 2.26
CA THR A 41 0.67 -9.30 1.13
C THR A 41 -0.40 -10.05 0.35
N ASP A 42 -1.44 -9.34 -0.11
CA ASP A 42 -2.55 -9.90 -0.88
C ASP A 42 -3.03 -8.86 -1.89
N LEU A 43 -3.83 -9.28 -2.87
CA LEU A 43 -4.24 -8.48 -4.01
C LEU A 43 -5.77 -8.43 -4.04
N LEU A 44 -6.33 -7.31 -3.59
CA LEU A 44 -7.76 -7.04 -3.59
C LEU A 44 -7.92 -5.53 -3.73
N MET A 45 -8.80 -5.09 -4.63
CA MET A 45 -8.95 -3.68 -5.00
C MET A 45 -10.40 -3.32 -5.36
N GLY A 46 -11.37 -4.16 -4.97
CA GLY A 46 -12.79 -3.97 -5.21
C GLY A 46 -13.58 -5.04 -4.48
N GLU A 47 -14.91 -4.96 -4.57
CA GLU A 47 -15.93 -5.81 -3.97
C GLU A 47 -15.99 -5.74 -2.43
N LEU A 48 -14.85 -5.59 -1.73
CA LEU A 48 -14.71 -5.60 -0.27
C LEU A 48 -15.58 -6.71 0.35
N LYS A 49 -15.35 -7.95 -0.09
CA LYS A 49 -16.11 -9.14 0.29
C LYS A 49 -16.09 -9.40 1.80
N ASP A 50 -15.06 -8.90 2.47
CA ASP A 50 -14.93 -8.85 3.92
C ASP A 50 -14.51 -7.43 4.31
N ALA A 51 -14.81 -7.03 5.54
CA ALA A 51 -14.43 -5.74 6.13
C ALA A 51 -13.68 -5.92 7.45
N SER A 52 -13.48 -7.16 7.92
CA SER A 52 -12.58 -7.44 9.05
C SER A 52 -11.16 -7.00 8.67
N VAL A 53 -10.77 -7.16 7.39
CA VAL A 53 -9.54 -6.60 6.82
C VAL A 53 -9.38 -5.08 7.04
N LEU A 54 -10.47 -4.35 7.26
CA LEU A 54 -10.51 -2.88 7.37
C LEU A 54 -10.84 -2.45 8.79
N ASP A 55 -10.87 -3.39 9.75
CA ASP A 55 -11.19 -3.14 11.15
C ASP A 55 -10.13 -3.72 12.11
N ASN A 56 -9.56 -4.89 11.78
CA ASN A 56 -8.49 -5.52 12.56
C ASN A 56 -7.28 -4.58 12.67
N PRO A 57 -6.51 -4.65 13.78
CA PRO A 57 -5.48 -3.67 14.12
C PRO A 57 -4.20 -3.71 13.28
N ALA A 58 -4.03 -4.62 12.32
CA ALA A 58 -2.74 -4.83 11.64
C ALA A 58 -2.87 -5.13 10.15
N THR A 59 -3.91 -4.61 9.50
CA THR A 59 -4.06 -4.69 8.05
C THR A 59 -4.14 -3.28 7.44
N CYS A 60 -3.75 -3.17 6.17
CA CYS A 60 -3.57 -1.94 5.42
C CYS A 60 -4.07 -2.12 3.99
N VAL A 61 -4.20 -1.02 3.24
CA VAL A 61 -4.45 -1.04 1.81
C VAL A 61 -3.42 -0.07 1.21
N ILE A 62 -2.84 -0.45 0.07
CA ILE A 62 -1.68 0.24 -0.50
C ILE A 62 -2.14 0.97 -1.78
N ASP A 63 -1.97 2.29 -1.79
CA ASP A 63 -2.24 3.17 -2.92
C ASP A 63 -1.04 3.21 -3.87
N VAL A 64 -1.28 3.55 -5.13
CA VAL A 64 -0.27 3.70 -6.16
C VAL A 64 0.39 5.09 -6.03
N ALA A 65 1.59 5.26 -6.58
CA ALA A 65 2.31 6.53 -6.63
C ALA A 65 2.82 6.73 -8.06
N MET A 66 1.90 7.12 -8.95
CA MET A 66 2.19 7.38 -10.36
C MET A 66 3.21 8.52 -10.50
N THR A 67 4.05 8.49 -11.53
CA THR A 67 5.19 9.41 -11.68
C THR A 67 5.34 9.96 -13.11
N GLU A 68 4.58 9.46 -14.10
CA GLU A 68 4.70 9.88 -15.50
C GLU A 68 3.33 10.15 -16.14
N SER A 69 2.23 9.66 -15.57
CA SER A 69 0.89 9.77 -16.16
C SER A 69 0.46 11.23 -16.35
N GLN A 70 0.99 12.17 -15.56
CA GLN A 70 0.65 13.59 -15.63
C GLN A 70 1.09 14.27 -16.93
N LEU A 71 1.91 13.62 -17.78
CA LEU A 71 2.41 14.21 -19.03
C LEU A 71 1.26 14.47 -20.03
N SER A 72 0.21 13.64 -20.03
CA SER A 72 -0.94 13.76 -20.93
C SER A 72 -0.57 13.90 -22.42
N GLU A 73 0.60 13.39 -22.84
CA GLU A 73 1.11 13.50 -24.20
C GLU A 73 2.07 12.34 -24.47
N SER A 74 3.00 12.08 -23.54
CA SER A 74 3.84 10.89 -23.54
C SER A 74 2.93 9.69 -23.22
N GLN A 75 2.52 8.97 -24.26
CA GLN A 75 1.48 7.92 -24.23
C GLN A 75 0.11 8.49 -23.81
N SER A 76 -0.94 7.65 -23.90
CA SER A 76 -2.32 8.03 -23.66
C SER A 76 -2.65 8.26 -22.17
N THR A 77 -1.74 7.89 -21.26
CA THR A 77 -1.91 8.06 -19.83
C THR A 77 -2.04 9.54 -19.48
N GLN A 78 -2.86 9.83 -18.46
CA GLN A 78 -3.30 11.14 -18.01
C GLN A 78 -3.42 11.06 -16.47
N PRO A 79 -3.54 12.18 -15.72
CA PRO A 79 -3.88 12.13 -14.31
C PRO A 79 -5.14 11.29 -14.07
N TRP A 80 -5.14 10.48 -13.01
CA TRP A 80 -6.25 9.60 -12.64
C TRP A 80 -6.51 9.72 -11.13
N ILE A 81 -7.68 9.25 -10.69
CA ILE A 81 -8.08 9.12 -9.29
C ILE A 81 -9.09 7.96 -9.23
N THR A 82 -9.29 7.37 -8.05
CA THR A 82 -10.21 6.25 -7.86
C THR A 82 -10.86 6.40 -6.47
N SER A 83 -12.14 6.05 -6.36
CA SER A 83 -12.94 6.23 -5.15
C SER A 83 -12.45 5.40 -3.96
N THR A 84 -11.64 4.36 -4.20
CA THR A 84 -11.19 3.42 -3.19
C THR A 84 -10.47 4.12 -2.02
N LEU A 85 -9.74 5.20 -2.29
CA LEU A 85 -9.02 5.99 -1.29
C LEU A 85 -10.02 6.52 -0.25
N ASP A 86 -11.06 7.20 -0.75
CA ASP A 86 -12.11 7.80 0.07
C ASP A 86 -12.97 6.74 0.75
N LEU A 87 -13.27 5.65 0.05
CA LEU A 87 -14.05 4.53 0.58
C LEU A 87 -13.34 3.91 1.79
N LEU A 88 -12.04 3.71 1.69
CA LEU A 88 -11.20 3.20 2.77
C LEU A 88 -11.17 4.20 3.92
N GLN A 89 -11.02 5.50 3.63
CA GLN A 89 -11.05 6.53 4.66
C GLN A 89 -12.36 6.53 5.45
N SER A 90 -13.50 6.34 4.77
CA SER A 90 -14.79 6.26 5.44
C SER A 90 -14.92 4.97 6.26
N LYS A 91 -14.43 3.83 5.76
CA LYS A 91 -14.52 2.56 6.49
C LYS A 91 -13.64 2.57 7.74
N GLY A 92 -12.36 2.95 7.63
CA GLY A 92 -11.54 3.19 8.82
C GLY A 92 -10.03 3.22 8.62
N LEU A 93 -9.50 3.31 7.39
CA LEU A 93 -8.06 3.22 7.15
C LEU A 93 -7.61 4.22 6.08
N ARG A 94 -6.33 4.57 6.11
CA ARG A 94 -5.64 5.33 5.08
C ARG A 94 -5.16 4.33 4.04
N THR A 95 -5.11 4.76 2.78
CA THR A 95 -4.51 4.00 1.69
C THR A 95 -3.08 4.51 1.57
N ILE A 96 -2.12 3.74 2.11
CA ILE A 96 -0.75 4.22 2.25
C ILE A 96 -0.01 4.05 0.91
N PRO A 97 0.74 5.05 0.40
CA PRO A 97 1.43 4.94 -0.89
C PRO A 97 2.47 3.82 -0.93
N GLU A 98 2.59 3.12 -2.06
CA GLU A 98 3.68 2.18 -2.33
C GLU A 98 5.05 2.86 -2.29
N ALA A 99 5.13 4.12 -2.75
CA ALA A 99 6.36 4.91 -2.66
C ALA A 99 6.73 5.20 -1.21
N GLU A 100 5.74 5.34 -0.32
CA GLU A 100 5.98 5.55 1.10
C GLU A 100 6.47 4.25 1.74
N ILE A 101 6.03 3.07 1.24
CA ILE A 101 6.62 1.79 1.69
C ILE A 101 8.09 1.79 1.29
N GLY A 102 8.43 2.18 0.06
CA GLY A 102 9.83 2.22 -0.35
C GLY A 102 10.65 3.13 0.56
N LEU A 103 10.14 4.33 0.88
CA LEU A 103 10.80 5.24 1.82
C LEU A 103 10.97 4.57 3.19
N ALA A 104 9.93 3.91 3.69
CA ALA A 104 9.93 3.24 4.98
C ALA A 104 10.98 2.13 5.03
N VAL A 105 11.08 1.34 3.96
CA VAL A 105 12.05 0.26 3.77
C VAL A 105 13.46 0.85 3.77
N ILE A 106 13.70 1.94 3.03
CA ILE A 106 15.01 2.59 2.92
C ILE A 106 15.42 3.14 4.30
N ASN A 107 14.51 3.82 4.99
CA ASN A 107 14.82 4.56 6.21
C ASN A 107 14.82 3.68 7.46
N VAL A 108 14.25 2.46 7.38
CA VAL A 108 14.05 1.56 8.51
C VAL A 108 13.22 2.28 9.58
N SER A 109 12.10 2.86 9.12
CA SER A 109 11.14 3.57 9.96
C SER A 109 9.75 3.34 9.36
N THR A 110 8.90 2.64 10.10
CA THR A 110 7.54 2.22 9.73
C THR A 110 6.54 2.68 10.81
N GLU A 111 6.88 3.77 11.50
CA GLU A 111 6.19 4.26 12.70
C GLU A 111 4.88 4.94 12.32
N ILE A 112 5.00 5.88 11.39
CA ILE A 112 3.94 6.73 10.82
C ILE A 112 4.03 6.51 9.31
N TYR A 113 5.25 6.31 8.78
CA TYR A 113 5.48 5.87 7.43
C TYR A 113 4.84 4.50 7.29
N CYS A 114 3.93 4.46 6.34
CA CYS A 114 3.11 3.35 5.93
C CYS A 114 2.40 2.71 7.11
N ASN A 115 1.84 3.60 7.93
CA ASN A 115 0.95 3.29 9.00
C ASN A 115 -0.45 3.71 8.51
N PRO A 116 -1.39 2.77 8.31
CA PRO A 116 -2.70 3.05 7.73
C PRO A 116 -3.73 3.53 8.76
N ARG A 117 -3.38 3.62 10.04
CA ARG A 117 -4.35 3.85 11.12
C ARG A 117 -3.95 4.98 12.08
N ARG A 118 -2.65 5.13 12.32
CA ARG A 118 -2.02 6.15 13.14
C ARG A 118 -2.85 6.42 14.41
#